data_4C01
#
_entry.id   4C01
#
_cell.length_a   244.886
_cell.length_b   141.385
_cell.length_c   82.695
_cell.angle_alpha   90.00
_cell.angle_beta   90.00
_cell.angle_gamma   90.00
#
_symmetry.space_group_name_H-M   'C 1 2 1'
#
loop_
_entity.id
_entity.type
_entity.pdbx_description
1 polymer CEST-2923
2 non-polymer 'ACETATE ION'
3 non-polymer 'SULFATE ION'
4 non-polymer 'phenyl acetate'
5 non-polymer ACETONITRILE
6 water water
#
_entity_poly.entity_id   1
_entity_poly.type   'polypeptide(L)'
_entity_poly.pdbx_seq_one_letter_code
;MQVEQRTLNTAAHPFQITAYWLDQISDFETAVDYPIMIICPGGGFTYHSGREEAPIATRMMAAGMHTVVLNYQLIVGDQS
VYPWALQQLGATIDWITTQASAHHVDCQRIILAGFSAGGHVVATYNGVATQPELRTRYHLDHYQGQHAAIILGYPVIDLT
AGFPTTSAARNQITTDARLWAAQRLVTPASKPAFVWQTATDESVPPINSLKYVQAMLQHQVATAYHLFGSGIHGLALANH
VTQKPGKDKYLNDQAAIWPQLALRWLQEQGLLAGNYHHHHHH
;
_entity_poly.pdbx_strand_id   A,B,C,D,E,F
#
loop_
_chem_comp.id
_chem_comp.type
_chem_comp.name
_chem_comp.formula
ACT non-polymer 'ACETATE ION' 'C2 H3 O2 -1'
CCN non-polymer ACETONITRILE 'C2 H3 N'
QY9 non-polymer 'phenyl acetate' 'C8 H8 O2'
SO4 non-polymer 'SULFATE ION' 'O4 S -2'
#
# COMPACT_ATOMS: atom_id res chain seq x y z
N MET A 1 3.54 -4.42 -13.52
CA MET A 1 2.62 -3.29 -13.52
C MET A 1 2.37 -2.74 -12.10
N GLN A 2 2.78 -1.50 -11.86
CA GLN A 2 2.44 -0.80 -10.61
C GLN A 2 1.62 0.44 -10.89
N VAL A 3 0.80 0.84 -9.93
CA VAL A 3 -0.05 2.04 -10.06
C VAL A 3 0.36 3.06 -9.00
N GLU A 4 0.84 4.22 -9.41
CA GLU A 4 1.23 5.26 -8.47
C GLU A 4 0.33 6.47 -8.60
N GLN A 5 -0.31 6.85 -7.50
CA GLN A 5 -1.21 8.00 -7.47
C GLN A 5 -0.68 8.99 -6.44
N ARG A 6 -0.52 10.26 -6.85
CA ARG A 6 0.42 11.16 -6.20
C ARG A 6 0.18 12.63 -6.49
N THR A 7 0.47 13.47 -5.52
CA THR A 7 0.49 14.91 -5.77
C THR A 7 1.90 15.34 -6.15
N LEU A 8 2.02 16.18 -7.17
CA LEU A 8 3.30 16.83 -7.48
C LEU A 8 3.20 18.27 -7.04
N ASN A 9 4.22 18.76 -6.33
CA ASN A 9 4.12 20.08 -5.74
C ASN A 9 5.01 21.14 -6.40
N THR A 10 5.66 20.77 -7.50
CA THR A 10 6.66 21.63 -8.14
C THR A 10 6.07 22.56 -9.21
N ALA A 11 4.86 23.03 -8.95
CA ALA A 11 4.18 24.01 -9.77
C ALA A 11 3.41 24.91 -8.81
N ALA A 12 3.10 26.13 -9.25
CA ALA A 12 2.30 27.09 -8.48
C ALA A 12 1.01 26.44 -7.96
N HIS A 13 0.35 25.68 -8.82
CA HIS A 13 -0.81 24.90 -8.40
C HIS A 13 -0.44 23.42 -8.37
N PRO A 14 -0.29 22.86 -7.16
CA PRO A 14 -0.04 21.42 -7.03
C PRO A 14 -1.15 20.62 -7.68
N PHE A 15 -0.87 19.38 -8.02
CA PHE A 15 -1.82 18.63 -8.83
C PHE A 15 -1.60 17.13 -8.68
N GLN A 16 -2.64 16.35 -8.92
CA GLN A 16 -2.49 14.89 -8.87
C GLN A 16 -2.09 14.26 -10.23
N ILE A 17 -1.23 13.26 -10.19
CA ILE A 17 -1.01 12.39 -11.32
C ILE A 17 -1.35 10.96 -10.92
N THR A 18 -1.63 10.11 -11.91
CA THR A 18 -1.71 8.68 -11.66
C THR A 18 -0.79 7.98 -12.67
N ALA A 19 0.27 7.38 -12.16
CA ALA A 19 1.26 6.73 -13.01
C ALA A 19 0.95 5.24 -13.11
N TYR A 20 1.06 4.69 -14.31
CA TYR A 20 0.99 3.25 -14.46
C TYR A 20 2.32 2.80 -15.05
N TRP A 21 3.17 2.24 -14.19
CA TRP A 21 4.50 1.82 -14.58
C TRP A 21 4.49 0.39 -15.09
N LEU A 22 5.05 0.21 -16.28
CA LEU A 22 5.42 -1.08 -16.81
C LEU A 22 6.45 -1.72 -15.88
N ASP A 23 6.35 -3.02 -15.64
CA ASP A 23 7.41 -3.70 -14.91
C ASP A 23 8.32 -4.40 -15.88
N GLN A 24 9.59 -4.58 -15.53
CA GLN A 24 10.50 -5.33 -16.38
C GLN A 24 10.07 -6.79 -16.46
N ILE A 25 10.24 -7.38 -17.62
CA ILE A 25 9.98 -8.81 -17.78
C ILE A 25 11.18 -9.59 -17.22
N SER A 26 10.90 -10.56 -16.35
CA SER A 26 11.95 -11.24 -15.60
C SER A 26 12.76 -12.26 -16.40
N ASP A 27 12.19 -12.78 -17.48
CA ASP A 27 12.91 -13.74 -18.34
C ASP A 27 13.85 -13.00 -19.29
N PHE A 28 13.77 -11.68 -19.33
CA PHE A 28 14.68 -10.92 -20.16
C PHE A 28 16.07 -11.00 -19.54
N GLU A 29 17.10 -11.02 -20.39
CA GLU A 29 18.46 -11.01 -19.92
C GLU A 29 18.88 -9.60 -19.57
N THR A 30 18.53 -8.66 -20.45
CA THR A 30 18.93 -7.27 -20.30
C THR A 30 17.72 -6.34 -20.07
N ALA A 31 17.94 -5.25 -19.33
CA ALA A 31 16.88 -4.30 -19.05
C ALA A 31 16.50 -3.52 -20.29
N VAL A 32 15.24 -3.07 -20.36
CA VAL A 32 14.77 -2.26 -21.47
C VAL A 32 14.11 -1.00 -20.95
N ASP A 33 14.43 0.13 -21.58
CA ASP A 33 13.78 1.37 -21.21
C ASP A 33 12.59 1.58 -22.15
N TYR A 34 11.44 1.89 -21.59
CA TYR A 34 10.20 2.00 -22.36
C TYR A 34 9.80 3.46 -22.54
N PRO A 35 9.08 3.78 -23.63
CA PRO A 35 8.55 5.15 -23.75
C PRO A 35 7.51 5.40 -22.65
N ILE A 36 7.18 6.67 -22.44
CA ILE A 36 6.11 7.02 -21.54
C ILE A 36 5.15 7.97 -22.23
N MET A 37 3.84 7.74 -22.04
CA MET A 37 2.82 8.65 -22.54
C MET A 37 2.14 9.36 -21.38
N ILE A 38 2.11 10.68 -21.43
CA ILE A 38 1.35 11.50 -20.49
C ILE A 38 0.00 11.83 -21.11
N ILE A 39 -1.08 11.52 -20.42
CA ILE A 39 -2.42 11.77 -20.92
C ILE A 39 -3.16 12.88 -20.18
N CYS A 40 -3.65 13.86 -20.94
CA CYS A 40 -4.56 14.89 -20.45
C CYS A 40 -5.92 14.60 -21.04
N PRO A 41 -6.84 14.14 -20.21
CA PRO A 41 -8.19 13.76 -20.68
C PRO A 41 -9.06 14.97 -20.98
N GLY A 42 -10.27 14.71 -21.44
CA GLY A 42 -11.21 15.78 -21.69
C GLY A 42 -12.10 15.99 -20.48
N GLY A 43 -13.17 16.74 -20.68
CA GLY A 43 -14.07 17.07 -19.58
C GLY A 43 -14.47 18.53 -19.59
N GLY A 44 -14.26 19.20 -20.72
CA GLY A 44 -14.75 20.55 -20.92
C GLY A 44 -14.21 21.59 -19.94
N PHE A 45 -13.04 21.30 -19.39
CA PHE A 45 -12.35 22.17 -18.44
C PHE A 45 -12.99 22.26 -17.07
N THR A 46 -14.09 21.53 -16.87
CA THR A 46 -14.76 21.51 -15.59
C THR A 46 -14.55 20.21 -14.84
N TYR A 47 -14.07 19.20 -15.56
CA TYR A 47 -13.75 17.93 -14.92
C TYR A 47 -12.75 17.14 -15.76
N HIS A 48 -12.31 16.01 -15.24
CA HIS A 48 -11.47 15.09 -15.99
C HIS A 48 -12.29 13.84 -16.33
N SER A 49 -12.50 13.60 -17.63
CA SER A 49 -13.33 12.49 -18.08
C SER A 49 -12.60 11.15 -17.94
N GLY A 50 -13.15 10.24 -17.13
CA GLY A 50 -12.56 8.92 -16.94
C GLY A 50 -12.57 8.05 -18.20
N ARG A 51 -13.46 8.38 -19.14
CA ARG A 51 -13.51 7.67 -20.42
C ARG A 51 -12.21 7.83 -21.16
N GLU A 52 -11.49 8.91 -20.87
CA GLU A 52 -10.25 9.18 -21.58
C GLU A 52 -9.02 9.08 -20.68
N GLU A 53 -9.16 8.35 -19.57
CA GLU A 53 -8.03 8.15 -18.68
C GLU A 53 -7.52 6.70 -18.72
N ALA A 54 -7.91 5.87 -17.74
CA ALA A 54 -7.43 4.49 -17.71
C ALA A 54 -7.67 3.65 -19.01
N PRO A 55 -8.90 3.68 -19.58
CA PRO A 55 -9.10 2.89 -20.80
C PRO A 55 -8.07 3.19 -21.89
N ILE A 56 -7.77 4.48 -22.07
CA ILE A 56 -6.76 4.89 -23.05
C ILE A 56 -5.33 4.53 -22.59
N ALA A 57 -5.06 4.73 -21.30
CA ALA A 57 -3.76 4.35 -20.75
C ALA A 57 -3.47 2.85 -20.97
N THR A 58 -4.44 2.01 -20.65
CA THR A 58 -4.27 0.57 -20.73
C THR A 58 -3.98 0.16 -22.16
N ARG A 59 -4.74 0.72 -23.10
CA ARG A 59 -4.49 0.40 -24.51
C ARG A 59 -3.08 0.80 -24.96
N MET A 60 -2.61 1.96 -24.50
CA MET A 60 -1.25 2.38 -24.85
C MET A 60 -0.22 1.52 -24.10
N MET A 61 -0.53 1.18 -22.86
CA MET A 61 0.33 0.32 -22.09
C MET A 61 0.49 -1.09 -22.67
N ALA A 62 -0.54 -1.56 -23.38
CA ALA A 62 -0.50 -2.89 -24.00
C ALA A 62 0.52 -2.90 -25.13
N ALA A 63 0.85 -1.73 -25.66
CA ALA A 63 1.86 -1.62 -26.72
C ALA A 63 3.28 -1.48 -26.17
N GLY A 64 3.42 -1.52 -24.86
CA GLY A 64 4.75 -1.48 -24.28
C GLY A 64 5.20 -0.08 -23.92
N MET A 65 4.32 0.70 -23.29
CA MET A 65 4.73 2.01 -22.78
C MET A 65 4.21 2.33 -21.39
N HIS A 66 5.03 3.05 -20.62
CA HIS A 66 4.59 3.64 -19.37
C HIS A 66 3.50 4.66 -19.70
N THR A 67 2.59 4.90 -18.78
CA THR A 67 1.62 5.99 -18.95
C THR A 67 1.39 6.76 -17.66
N VAL A 68 1.06 8.05 -17.81
CA VAL A 68 0.73 8.87 -16.65
C VAL A 68 -0.48 9.71 -17.01
N VAL A 69 -1.45 9.76 -16.11
CA VAL A 69 -2.64 10.62 -16.32
C VAL A 69 -2.48 11.88 -15.45
N LEU A 70 -2.63 13.03 -16.10
CA LEU A 70 -2.42 14.31 -15.43
C LEU A 70 -3.72 15.06 -15.21
N ASN A 71 -4.10 15.24 -13.93
CA ASN A 71 -5.23 16.09 -13.61
C ASN A 71 -4.86 17.57 -13.75
N TYR A 72 -4.83 18.09 -14.99
CA TYR A 72 -4.50 19.49 -15.23
C TYR A 72 -5.51 20.46 -14.60
N GLN A 73 -5.08 21.69 -14.40
CA GLN A 73 -5.89 22.73 -13.78
C GLN A 73 -7.25 22.87 -14.45
N LEU A 74 -8.32 22.78 -13.66
CA LEU A 74 -9.68 22.96 -14.16
C LEU A 74 -10.24 24.32 -13.75
N ILE A 75 -11.40 24.66 -14.29
CA ILE A 75 -12.23 25.75 -13.77
C ILE A 75 -12.86 25.26 -12.47
N VAL A 76 -12.36 25.76 -11.35
CA VAL A 76 -12.89 25.39 -10.06
C VAL A 76 -12.42 26.50 -9.17
N GLY A 77 -13.31 27.01 -8.33
CA GLY A 77 -13.04 28.26 -7.63
C GLY A 77 -13.06 29.31 -8.72
N ASP A 78 -12.52 30.50 -8.44
CA ASP A 78 -12.44 31.51 -9.47
C ASP A 78 -11.23 31.23 -10.35
N GLN A 79 -10.77 29.99 -10.33
CA GLN A 79 -9.56 29.63 -11.06
C GLN A 79 -9.79 29.46 -12.54
N SER A 80 -8.80 29.85 -13.33
N SER A 80 -8.77 29.85 -13.31
CA SER A 80 -8.83 29.57 -14.76
CA SER A 80 -8.73 29.62 -14.74
C SER A 80 -7.78 28.51 -15.07
C SER A 80 -7.78 28.47 -15.04
N VAL A 81 -7.96 27.84 -16.20
CA VAL A 81 -7.05 26.77 -16.63
C VAL A 81 -5.59 27.25 -16.79
N TYR A 82 -5.42 28.41 -17.41
CA TYR A 82 -4.08 28.89 -17.76
C TYR A 82 -3.63 30.06 -16.90
N PRO A 83 -2.30 30.26 -16.76
CA PRO A 83 -1.20 29.50 -17.36
C PRO A 83 -0.81 28.26 -16.53
N TRP A 84 -1.57 27.94 -15.49
CA TRP A 84 -1.20 26.88 -14.55
C TRP A 84 -1.06 25.50 -15.22
N ALA A 85 -2.06 25.14 -16.02
CA ALA A 85 -2.10 23.85 -16.71
C ALA A 85 -0.82 23.58 -17.49
N LEU A 86 -0.20 24.64 -18.00
CA LEU A 86 1.02 24.50 -18.78
C LEU A 86 2.21 24.12 -17.90
N GLN A 87 2.29 24.78 -16.75
CA GLN A 87 3.31 24.53 -15.75
C GLN A 87 3.23 23.10 -15.17
N GLN A 88 2.01 22.62 -15.01
CA GLN A 88 1.80 21.29 -14.46
C GLN A 88 2.38 20.24 -15.43
N LEU A 89 2.14 20.39 -16.73
CA LEU A 89 2.74 19.51 -17.74
C LEU A 89 4.26 19.50 -17.67
N GLY A 90 4.86 20.69 -17.52
CA GLY A 90 6.31 20.79 -17.45
C GLY A 90 6.83 20.08 -16.21
N ALA A 91 6.16 20.34 -15.10
CA ALA A 91 6.50 19.67 -13.84
C ALA A 91 6.37 18.15 -13.97
N THR A 92 5.37 17.69 -14.73
CA THR A 92 5.14 16.26 -14.86
C THR A 92 6.27 15.60 -15.67
N ILE A 93 6.61 16.20 -16.81
CA ILE A 93 7.77 15.79 -17.59
C ILE A 93 9.04 15.82 -16.74
N ASP A 94 9.23 16.88 -15.96
CA ASP A 94 10.37 16.98 -15.06
C ASP A 94 10.40 15.79 -14.11
N TRP A 95 9.28 15.55 -13.46
CA TRP A 95 9.18 14.47 -12.48
C TRP A 95 9.52 13.12 -13.11
N ILE A 96 9.12 12.95 -14.37
CA ILE A 96 9.43 11.72 -15.09
C ILE A 96 10.93 11.52 -15.18
N THR A 97 11.66 12.59 -15.53
CA THR A 97 13.11 12.50 -15.65
C THR A 97 13.74 11.99 -14.36
N THR A 98 13.20 12.40 -13.21
CA THR A 98 13.70 11.94 -11.91
C THR A 98 13.27 10.52 -11.57
N GLN A 99 12.36 9.94 -12.34
CA GLN A 99 11.93 8.58 -12.06
C GLN A 99 12.48 7.62 -13.10
N ALA A 100 13.16 8.17 -14.10
CA ALA A 100 13.63 7.41 -15.26
C ALA A 100 14.39 6.13 -14.96
N SER A 101 15.32 6.18 -14.00
CA SER A 101 16.16 5.03 -13.70
C SER A 101 15.46 3.96 -12.86
N ALA A 102 14.60 4.38 -11.94
CA ALA A 102 13.86 3.45 -11.12
C ALA A 102 12.81 2.66 -11.93
N HIS A 103 12.35 3.24 -13.03
CA HIS A 103 11.25 2.63 -13.78
C HIS A 103 11.61 2.29 -15.20
N HIS A 104 12.86 2.58 -15.56
CA HIS A 104 13.33 2.39 -16.92
C HIS A 104 12.47 3.16 -17.91
N VAL A 105 12.54 4.48 -17.80
CA VAL A 105 11.88 5.34 -18.77
C VAL A 105 12.87 5.89 -19.79
N ASP A 106 12.51 5.73 -21.06
CA ASP A 106 13.28 6.34 -22.12
C ASP A 106 12.84 7.80 -22.28
N CYS A 107 13.65 8.71 -21.73
CA CYS A 107 13.30 10.13 -21.77
C CYS A 107 13.37 10.80 -23.14
N GLN A 108 13.89 10.10 -24.15
CA GLN A 108 13.86 10.64 -25.50
C GLN A 108 12.54 10.29 -26.17
N ARG A 109 11.72 9.50 -25.46
N ARG A 109 11.72 9.50 -25.46
CA ARG A 109 10.43 9.04 -25.98
CA ARG A 109 10.44 9.03 -25.99
C ARG A 109 9.29 9.35 -25.02
C ARG A 109 9.29 9.35 -25.03
N ILE A 110 9.14 10.64 -24.71
CA ILE A 110 8.07 11.10 -23.84
C ILE A 110 7.01 11.66 -24.75
N ILE A 111 5.82 11.06 -24.70
CA ILE A 111 4.73 11.44 -25.60
C ILE A 111 3.59 12.10 -24.82
N LEU A 112 2.97 13.13 -25.39
CA LEU A 112 1.82 13.76 -24.75
C LEU A 112 0.55 13.43 -25.52
N ALA A 113 -0.51 13.03 -24.83
CA ALA A 113 -1.80 12.78 -25.49
C ALA A 113 -2.91 13.63 -24.87
N GLY A 114 -3.68 14.30 -25.73
CA GLY A 114 -4.74 15.17 -25.26
C GLY A 114 -6.05 14.85 -25.92
N PHE A 115 -7.12 14.92 -25.16
CA PHE A 115 -8.42 14.65 -25.73
C PHE A 115 -9.33 15.82 -25.41
N SER A 116 -10.00 16.32 -26.43
CA SER A 116 -10.97 17.40 -26.28
C SER A 116 -10.32 18.61 -25.61
N ALA A 117 -10.87 19.06 -24.48
CA ALA A 117 -10.27 20.14 -23.70
C ALA A 117 -8.82 19.83 -23.36
N GLY A 118 -8.56 18.55 -23.06
CA GLY A 118 -7.20 18.07 -22.79
C GLY A 118 -6.25 18.30 -23.94
N GLY A 119 -6.79 18.24 -25.17
CA GLY A 119 -5.99 18.51 -26.34
C GLY A 119 -5.48 19.93 -26.44
N HIS A 120 -6.29 20.89 -25.96
CA HIS A 120 -5.86 22.29 -25.96
C HIS A 120 -4.57 22.44 -25.15
N VAL A 121 -4.56 21.83 -23.96
CA VAL A 121 -3.39 21.92 -23.11
C VAL A 121 -2.17 21.33 -23.79
N VAL A 122 -2.33 20.16 -24.37
CA VAL A 122 -1.22 19.52 -25.04
C VAL A 122 -0.83 20.33 -26.29
N ALA A 123 -1.81 20.75 -27.07
CA ALA A 123 -1.51 21.50 -28.29
C ALA A 123 -0.79 22.83 -27.97
N THR A 124 -1.37 23.61 -27.05
CA THR A 124 -0.74 24.83 -26.55
C THR A 124 0.66 24.55 -26.04
N TYR A 125 0.79 23.48 -25.26
CA TYR A 125 2.09 23.15 -24.68
C TYR A 125 3.14 22.86 -25.74
N ASN A 126 2.74 22.11 -26.77
CA ASN A 126 3.62 21.80 -27.89
C ASN A 126 4.17 23.06 -28.53
N GLY A 127 3.31 24.08 -28.65
CA GLY A 127 3.74 25.40 -29.06
C GLY A 127 4.58 26.12 -28.00
N VAL A 128 4.00 26.34 -26.82
CA VAL A 128 4.66 27.14 -25.76
C VAL A 128 6.01 26.59 -25.34
N ALA A 129 6.09 25.28 -25.12
CA ALA A 129 7.31 24.67 -24.57
C ALA A 129 8.44 24.50 -25.58
N THR A 130 8.18 24.83 -26.84
CA THR A 130 9.22 24.87 -27.88
C THR A 130 9.56 26.32 -28.29
N GLN A 131 9.17 27.29 -27.48
CA GLN A 131 9.50 28.68 -27.77
C GLN A 131 9.85 29.41 -26.47
N PRO A 132 11.17 29.50 -26.16
CA PRO A 132 11.73 30.25 -25.02
C PRO A 132 10.99 31.55 -24.67
N GLU A 133 10.60 32.35 -25.68
CA GLU A 133 9.82 33.56 -25.46
C GLU A 133 8.55 33.24 -24.66
N LEU A 134 7.78 32.28 -25.15
CA LEU A 134 6.56 31.89 -24.46
C LEU A 134 6.83 30.93 -23.29
N ARG A 135 7.98 30.25 -23.35
CA ARG A 135 8.45 29.41 -22.25
C ARG A 135 8.59 30.28 -21.00
N THR A 136 9.47 31.28 -21.10
CA THR A 136 9.72 32.21 -20.01
C THR A 136 8.46 32.94 -19.56
N ARG A 137 7.71 33.50 -20.51
CA ARG A 137 6.43 34.16 -20.18
C ARG A 137 5.53 33.29 -19.27
N TYR A 138 5.53 31.98 -19.50
CA TYR A 138 4.58 31.11 -18.82
C TYR A 138 5.20 30.24 -17.70
N HIS A 139 6.47 30.51 -17.37
CA HIS A 139 7.18 29.95 -16.22
C HIS A 139 7.51 28.45 -16.33
N LEU A 140 7.80 28.00 -17.54
CA LEU A 140 8.18 26.61 -17.80
C LEU A 140 9.69 26.47 -17.75
N ASP A 141 10.36 27.56 -17.43
CA ASP A 141 11.82 27.60 -17.35
C ASP A 141 12.28 26.83 -16.12
N HIS A 142 13.47 26.24 -16.20
CA HIS A 142 14.08 25.45 -15.11
C HIS A 142 13.54 24.00 -14.92
N TYR A 143 12.53 23.59 -15.70
CA TYR A 143 12.09 22.18 -15.70
C TYR A 143 12.92 21.30 -16.66
N GLN A 144 13.40 20.17 -16.15
CA GLN A 144 14.14 19.20 -16.96
C GLN A 144 13.24 18.40 -17.91
N GLY A 145 13.82 17.94 -19.01
CA GLY A 145 13.16 17.01 -19.91
C GLY A 145 12.29 17.67 -20.97
N GLN A 146 12.04 16.94 -22.04
CA GLN A 146 11.18 17.43 -23.11
C GLN A 146 10.46 16.29 -23.80
N HIS A 147 9.30 16.60 -24.38
CA HIS A 147 8.48 15.60 -25.04
C HIS A 147 8.86 15.48 -26.52
N ALA A 148 8.81 14.25 -27.05
CA ALA A 148 9.24 13.98 -28.42
C ALA A 148 8.12 14.12 -29.45
N ALA A 149 6.86 14.01 -29.01
CA ALA A 149 5.73 14.07 -29.93
C ALA A 149 4.42 14.23 -29.15
N ILE A 150 3.40 14.74 -29.84
CA ILE A 150 2.06 14.75 -29.27
C ILE A 150 1.04 13.92 -30.08
N ILE A 151 -0.04 13.51 -29.40
CA ILE A 151 -1.20 12.87 -30.02
C ILE A 151 -2.43 13.65 -29.59
N LEU A 152 -3.27 14.06 -30.55
CA LEU A 152 -4.49 14.82 -30.25
C LEU A 152 -5.74 14.10 -30.76
N GLY A 153 -6.71 13.86 -29.88
CA GLY A 153 -7.97 13.26 -30.29
C GLY A 153 -9.13 14.23 -30.11
N TYR A 154 -9.84 14.53 -31.20
CA TYR A 154 -10.90 15.54 -31.20
C TYR A 154 -10.60 16.77 -30.33
N PRO A 155 -9.45 17.39 -30.58
CA PRO A 155 -8.94 18.39 -29.64
C PRO A 155 -9.59 19.75 -29.83
N VAL A 156 -9.96 20.37 -28.72
CA VAL A 156 -10.25 21.80 -28.71
C VAL A 156 -8.95 22.52 -29.09
N ILE A 157 -8.97 23.28 -30.18
CA ILE A 157 -7.79 24.05 -30.60
C ILE A 157 -8.04 25.58 -30.52
N ASP A 158 -9.29 26.00 -30.70
CA ASP A 158 -9.71 27.41 -30.73
C ASP A 158 -11.03 27.58 -29.96
N LEU A 159 -11.02 28.45 -28.94
CA LEU A 159 -12.16 28.61 -28.03
C LEU A 159 -13.27 29.51 -28.61
N THR A 160 -12.93 30.21 -29.68
CA THR A 160 -13.89 30.98 -30.45
C THR A 160 -14.46 30.16 -31.61
N ALA A 161 -13.96 28.92 -31.76
CA ALA A 161 -14.35 28.06 -32.87
C ALA A 161 -15.43 27.06 -32.50
N GLY A 162 -16.36 27.46 -31.64
CA GLY A 162 -17.53 26.65 -31.36
C GLY A 162 -17.65 26.25 -29.91
N PHE A 163 -16.63 25.60 -29.37
CA PHE A 163 -16.57 25.30 -27.95
C PHE A 163 -15.62 26.27 -27.29
N PRO A 164 -16.09 26.93 -26.23
CA PRO A 164 -17.46 26.77 -25.70
C PRO A 164 -18.53 27.66 -26.35
N THR A 165 -19.79 27.24 -26.22
CA THR A 165 -20.95 27.90 -26.86
C THR A 165 -21.11 29.37 -26.51
N THR A 166 -21.07 29.67 -25.21
CA THR A 166 -21.23 31.05 -24.77
C THR A 166 -19.87 31.73 -24.55
N SER A 167 -19.89 33.06 -24.62
CA SER A 167 -18.71 33.86 -24.37
C SER A 167 -18.32 33.82 -22.89
N ALA A 168 -19.30 33.51 -22.02
CA ALA A 168 -19.08 33.49 -20.58
C ALA A 168 -18.32 32.25 -20.12
N ALA A 169 -18.49 31.15 -20.85
CA ALA A 169 -17.74 29.92 -20.56
C ALA A 169 -16.28 29.96 -21.05
N ARG A 170 -15.99 30.75 -22.10
CA ARG A 170 -14.63 30.81 -22.63
C ARG A 170 -13.77 31.70 -21.78
N ASN A 171 -14.41 32.72 -21.21
CA ASN A 171 -13.77 33.61 -20.24
C ASN A 171 -13.32 32.84 -19.01
N GLN A 172 -14.22 32.01 -18.47
CA GLN A 172 -13.91 31.13 -17.35
C GLN A 172 -12.63 30.32 -17.61
N ILE A 173 -12.53 29.77 -18.82
CA ILE A 173 -11.35 29.01 -19.25
C ILE A 173 -10.08 29.89 -19.21
N THR A 174 -10.20 31.13 -19.67
CA THR A 174 -9.11 32.10 -19.56
C THR A 174 -9.52 33.52 -20.03
N THR A 175 -8.93 34.53 -19.39
CA THR A 175 -9.04 35.92 -19.85
C THR A 175 -8.03 36.12 -20.96
N ASP A 176 -6.98 35.32 -20.90
CA ASP A 176 -5.86 35.39 -21.83
C ASP A 176 -6.29 34.85 -23.21
N ALA A 177 -6.61 35.75 -24.14
CA ALA A 177 -7.06 35.39 -25.47
C ALA A 177 -5.88 35.08 -26.38
N ARG A 178 -4.66 35.34 -25.91
CA ARG A 178 -3.43 34.99 -26.63
C ARG A 178 -3.17 33.49 -26.71
N LEU A 179 -4.11 32.71 -26.20
CA LEU A 179 -4.12 31.27 -26.45
C LEU A 179 -5.55 30.73 -26.35
N TRP A 180 -6.51 31.49 -26.88
CA TRP A 180 -7.82 30.94 -27.16
C TRP A 180 -7.68 29.92 -28.30
N ALA A 181 -6.62 30.08 -29.09
CA ALA A 181 -6.45 29.35 -30.34
C ALA A 181 -5.02 28.87 -30.58
N ALA A 182 -4.79 27.58 -30.35
CA ALA A 182 -3.46 26.97 -30.44
C ALA A 182 -2.90 26.90 -31.86
N GLN A 183 -3.78 27.10 -32.86
CA GLN A 183 -3.37 27.04 -34.25
C GLN A 183 -2.53 28.26 -34.61
N ARG A 184 -2.69 29.33 -33.84
CA ARG A 184 -1.91 30.56 -34.03
C ARG A 184 -0.53 30.44 -33.37
N LEU A 185 -0.36 29.46 -32.48
CA LEU A 185 0.86 29.34 -31.69
C LEU A 185 1.94 28.43 -32.31
N VAL A 186 1.61 27.80 -33.43
CA VAL A 186 2.48 26.81 -34.05
C VAL A 186 3.72 27.38 -34.79
N THR A 187 4.93 26.93 -34.44
CA THR A 187 6.18 27.36 -35.10
C THR A 187 7.09 26.14 -35.40
N PRO A 188 8.17 26.30 -36.19
CA PRO A 188 8.93 25.11 -36.62
C PRO A 188 9.40 24.18 -35.53
N ALA A 189 9.79 24.72 -34.38
CA ALA A 189 10.43 23.96 -33.30
C ALA A 189 9.53 22.90 -32.65
N SER A 190 8.25 22.96 -32.99
CA SER A 190 7.25 22.05 -32.45
C SER A 190 7.51 20.59 -32.77
N LYS A 191 7.16 19.74 -31.80
CA LYS A 191 7.31 18.31 -31.94
C LYS A 191 6.18 17.76 -32.80
N PRO A 192 6.43 16.66 -33.52
CA PRO A 192 5.47 16.04 -34.45
C PRO A 192 4.11 15.68 -33.82
N ALA A 193 3.04 15.90 -34.58
CA ALA A 193 1.68 15.69 -34.07
C ALA A 193 0.87 14.66 -34.88
N PHE A 194 0.37 13.62 -34.19
CA PHE A 194 -0.64 12.72 -34.76
C PHE A 194 -2.01 13.20 -34.34
N VAL A 195 -2.83 13.60 -35.31
CA VAL A 195 -4.14 14.18 -34.99
C VAL A 195 -5.31 13.41 -35.56
N TRP A 196 -6.33 13.15 -34.75
CA TRP A 196 -7.57 12.59 -35.27
C TRP A 196 -8.83 13.27 -34.71
N GLN A 197 -9.88 13.28 -35.52
CA GLN A 197 -11.18 13.76 -35.10
C GLN A 197 -12.22 13.14 -36.03
N THR A 198 -13.50 13.28 -35.68
CA THR A 198 -14.56 12.94 -36.62
C THR A 198 -15.04 14.21 -37.29
N ALA A 199 -15.66 14.07 -38.44
CA ALA A 199 -16.09 15.21 -39.24
C ALA A 199 -17.42 15.76 -38.72
N THR A 200 -18.24 14.87 -38.18
CA THR A 200 -19.57 15.22 -37.73
C THR A 200 -19.58 15.68 -36.26
N ASP A 201 -18.45 16.25 -35.82
CA ASP A 201 -18.29 16.65 -34.42
C ASP A 201 -19.03 17.95 -34.14
N GLU A 202 -20.23 17.85 -33.58
CA GLU A 202 -21.03 19.01 -33.18
C GLU A 202 -20.35 19.83 -32.09
N SER A 203 -20.08 19.19 -30.95
CA SER A 203 -19.47 19.85 -29.80
C SER A 203 -18.16 20.64 -30.11
N VAL A 204 -17.20 20.00 -30.77
CA VAL A 204 -15.95 20.66 -31.16
C VAL A 204 -15.69 20.55 -32.68
N PRO A 205 -16.03 21.60 -33.44
CA PRO A 205 -15.85 21.71 -34.90
C PRO A 205 -14.47 21.32 -35.45
N PRO A 206 -14.45 20.45 -36.47
CA PRO A 206 -13.26 19.90 -37.12
C PRO A 206 -12.26 20.95 -37.57
N ILE A 207 -12.73 22.19 -37.77
CA ILE A 207 -11.86 23.30 -38.15
C ILE A 207 -10.68 23.37 -37.18
N ASN A 208 -10.99 23.11 -35.90
CA ASN A 208 -9.99 23.01 -34.84
C ASN A 208 -8.79 22.14 -35.21
N SER A 209 -9.04 20.87 -35.50
CA SER A 209 -7.94 20.00 -35.86
C SER A 209 -7.32 20.39 -37.20
N LEU A 210 -8.19 20.70 -38.16
CA LEU A 210 -7.77 21.13 -39.49
C LEU A 210 -6.76 22.28 -39.39
N LYS A 211 -7.19 23.36 -38.73
CA LYS A 211 -6.36 24.55 -38.51
C LYS A 211 -4.98 24.23 -37.96
N TYR A 212 -4.92 23.32 -36.98
CA TYR A 212 -3.66 22.97 -36.36
C TYR A 212 -2.74 22.18 -37.31
N VAL A 213 -3.28 21.16 -37.97
CA VAL A 213 -2.55 20.44 -39.00
C VAL A 213 -2.10 21.37 -40.15
N GLN A 214 -3.02 22.23 -40.59
CA GLN A 214 -2.69 23.26 -41.57
C GLN A 214 -1.39 23.97 -41.18
N ALA A 215 -1.32 24.37 -39.91
CA ALA A 215 -0.18 25.11 -39.42
C ALA A 215 1.05 24.24 -39.16
N MET A 216 0.87 22.94 -38.94
CA MET A 216 2.02 22.07 -38.78
C MET A 216 2.71 21.89 -40.12
N LEU A 217 1.92 21.99 -41.19
CA LEU A 217 2.42 21.77 -42.55
C LEU A 217 2.98 23.07 -43.08
N GLN A 218 2.17 24.12 -43.05
CA GLN A 218 2.61 25.48 -43.41
C GLN A 218 3.78 25.92 -42.55
N HIS A 219 4.38 24.97 -41.84
CA HIS A 219 5.48 25.22 -40.91
C HIS A 219 6.47 24.05 -40.90
N GLN A 220 6.25 23.07 -41.77
CA GLN A 220 7.13 21.90 -41.96
C GLN A 220 7.39 20.97 -40.76
N VAL A 221 6.40 20.80 -39.88
CA VAL A 221 6.58 19.83 -38.80
C VAL A 221 5.92 18.50 -39.15
N ALA A 222 6.66 17.39 -39.01
CA ALA A 222 6.10 16.07 -39.33
C ALA A 222 4.78 15.84 -38.59
N THR A 223 3.75 15.45 -39.34
CA THR A 223 2.41 15.38 -38.80
C THR A 223 1.63 14.26 -39.51
N ALA A 224 0.42 13.97 -39.02
CA ALA A 224 -0.45 12.96 -39.62
C ALA A 224 -1.86 13.25 -39.11
N TYR A 225 -2.86 13.13 -39.98
CA TYR A 225 -4.20 13.58 -39.64
C TYR A 225 -5.25 12.59 -40.09
N HIS A 226 -6.14 12.20 -39.19
CA HIS A 226 -7.25 11.35 -39.60
C HIS A 226 -8.61 11.93 -39.17
N LEU A 227 -9.40 12.31 -40.16
CA LEU A 227 -10.73 12.84 -39.95
C LEU A 227 -11.73 11.81 -40.43
N PHE A 228 -12.20 10.98 -39.51
CA PHE A 228 -13.15 9.94 -39.88
C PHE A 228 -14.47 10.57 -40.29
N GLY A 229 -15.20 9.89 -41.18
CA GLY A 229 -16.42 10.44 -41.75
C GLY A 229 -17.59 10.65 -40.79
N SER A 230 -17.73 9.77 -39.80
CA SER A 230 -18.89 9.82 -38.92
C SER A 230 -18.46 9.78 -37.48
N GLY A 231 -19.42 9.93 -36.57
CA GLY A 231 -19.13 9.88 -35.15
C GLY A 231 -19.26 11.19 -34.38
N ILE A 232 -19.95 11.12 -33.24
CA ILE A 232 -20.09 12.24 -32.33
C ILE A 232 -18.77 12.60 -31.63
N HIS A 233 -18.78 13.70 -30.91
CA HIS A 233 -17.66 14.10 -30.06
C HIS A 233 -17.37 13.09 -28.93
N GLY A 234 -16.13 13.06 -28.46
CA GLY A 234 -15.76 12.21 -27.33
C GLY A 234 -15.93 10.71 -27.54
N LEU A 235 -15.47 10.21 -28.68
CA LEU A 235 -15.55 8.78 -28.97
C LEU A 235 -14.64 7.96 -28.03
N ALA A 236 -13.60 8.60 -27.50
CA ALA A 236 -12.49 7.93 -26.82
C ALA A 236 -11.95 6.76 -27.65
N LEU A 237 -12.12 5.54 -27.17
CA LEU A 237 -11.65 4.37 -27.92
C LEU A 237 -12.63 3.97 -29.00
N ALA A 238 -13.82 4.57 -28.95
CA ALA A 238 -14.86 4.36 -29.97
C ALA A 238 -15.36 2.93 -30.02
N ASN A 239 -15.28 2.24 -28.89
CA ASN A 239 -15.72 0.86 -28.80
C ASN A 239 -16.41 0.53 -27.49
N HIS A 240 -16.59 -0.76 -27.23
CA HIS A 240 -17.39 -1.18 -26.09
C HIS A 240 -16.77 -0.80 -24.75
N VAL A 241 -15.45 -0.70 -24.70
CA VAL A 241 -14.78 -0.31 -23.47
C VAL A 241 -15.20 1.10 -23.03
N THR A 242 -15.18 2.04 -23.95
CA THR A 242 -15.52 3.41 -23.56
C THR A 242 -16.98 3.82 -23.87
N GLN A 243 -17.77 2.85 -24.34
CA GLN A 243 -19.18 3.09 -24.63
C GLN A 243 -19.99 3.34 -23.35
N LYS A 244 -20.59 4.52 -23.24
CA LYS A 244 -21.61 4.75 -22.20
C LYS A 244 -22.68 3.67 -22.39
N PRO A 245 -22.97 2.92 -21.32
CA PRO A 245 -23.87 1.75 -21.38
C PRO A 245 -25.20 2.02 -22.11
N GLY A 246 -25.45 1.28 -23.19
CA GLY A 246 -26.69 1.41 -23.94
C GLY A 246 -26.73 2.53 -24.96
N LYS A 247 -25.68 3.34 -25.00
CA LYS A 247 -25.57 4.43 -25.99
C LYS A 247 -24.75 4.00 -27.20
N ASP A 248 -25.43 3.68 -28.29
CA ASP A 248 -24.77 3.20 -29.51
C ASP A 248 -23.89 4.26 -30.15
N LYS A 249 -24.23 5.54 -29.95
CA LYS A 249 -23.49 6.64 -30.57
C LYS A 249 -22.02 6.68 -30.14
N TYR A 250 -21.67 5.90 -29.13
CA TYR A 250 -20.29 5.82 -28.67
C TYR A 250 -19.49 4.72 -29.37
N LEU A 251 -20.19 3.96 -30.21
CA LEU A 251 -19.53 2.96 -31.05
C LEU A 251 -19.29 3.53 -32.47
N ASN A 252 -18.07 3.34 -32.98
CA ASN A 252 -17.72 3.73 -34.36
C ASN A 252 -16.52 2.92 -34.79
N ASP A 253 -16.77 1.82 -35.51
CA ASP A 253 -15.71 0.87 -35.80
C ASP A 253 -14.62 1.42 -36.71
N GLN A 254 -14.96 2.41 -37.53
CA GLN A 254 -13.95 3.06 -38.36
C GLN A 254 -13.00 3.85 -37.47
N ALA A 255 -13.55 4.71 -36.61
CA ALA A 255 -12.70 5.50 -35.71
C ALA A 255 -11.93 4.61 -34.71
N ALA A 256 -12.48 3.44 -34.41
CA ALA A 256 -11.88 2.55 -33.43
C ALA A 256 -10.47 2.07 -33.80
N ILE A 257 -10.08 2.21 -35.07
CA ILE A 257 -8.72 1.86 -35.46
C ILE A 257 -7.65 2.89 -35.07
N TRP A 258 -8.04 4.05 -34.54
CA TRP A 258 -7.04 5.10 -34.29
C TRP A 258 -5.84 4.75 -33.40
N PRO A 259 -6.04 3.92 -32.34
CA PRO A 259 -4.88 3.60 -31.52
C PRO A 259 -3.82 2.83 -32.32
N GLN A 260 -4.24 1.90 -33.17
CA GLN A 260 -3.32 1.18 -34.07
C GLN A 260 -2.62 2.16 -35.02
N LEU A 261 -3.41 3.05 -35.63
CA LEU A 261 -2.84 4.09 -36.47
C LEU A 261 -1.78 4.90 -35.71
N ALA A 262 -2.08 5.21 -34.45
CA ALA A 262 -1.20 6.06 -33.64
C ALA A 262 0.08 5.33 -33.26
N LEU A 263 -0.06 4.08 -32.87
CA LEU A 263 1.08 3.24 -32.50
C LEU A 263 2.04 3.04 -33.68
N ARG A 264 1.48 2.72 -34.84
CA ARG A 264 2.28 2.55 -36.03
C ARG A 264 2.98 3.88 -36.38
N TRP A 265 2.26 4.99 -36.22
CA TRP A 265 2.84 6.31 -36.43
C TRP A 265 4.01 6.59 -35.48
N LEU A 266 3.83 6.31 -34.19
CA LEU A 266 4.94 6.40 -33.24
C LEU A 266 6.14 5.54 -33.64
N GLN A 267 5.88 4.29 -34.05
CA GLN A 267 6.94 3.39 -34.51
C GLN A 267 7.74 3.98 -35.67
N GLU A 268 7.02 4.61 -36.61
CA GLU A 268 7.64 5.26 -37.75
C GLU A 268 8.57 6.39 -37.29
N GLN A 269 8.17 7.09 -36.24
CA GLN A 269 8.94 8.20 -35.72
C GLN A 269 10.10 7.70 -34.86
N GLY A 270 10.18 6.40 -34.67
CA GLY A 270 11.25 5.82 -33.86
C GLY A 270 11.07 6.16 -32.39
N LEU A 271 9.81 6.38 -32.01
CA LEU A 271 9.46 6.68 -30.62
C LEU A 271 8.85 5.46 -29.91
N LEU A 272 8.76 4.33 -30.60
CA LEU A 272 8.26 3.08 -30.04
C LEU A 272 8.96 1.99 -30.82
N ALA A 273 9.43 0.94 -30.15
CA ALA A 273 10.07 -0.18 -30.84
C ALA A 273 9.16 -0.76 -31.92
N GLY A 274 9.76 -1.28 -33.00
CA GLY A 274 9.01 -1.76 -34.14
C GLY A 274 8.99 -3.29 -34.25
N ASN A 275 8.19 -3.79 -35.18
CA ASN A 275 7.90 -5.23 -35.24
C ASN A 275 8.54 -5.97 -36.43
N TYR A 276 9.43 -5.42 -37.10
N MET B 1 13.92 3.56 -0.65
CA MET B 1 13.86 2.25 -0.02
C MET B 1 12.42 1.71 -0.03
N GLN B 2 12.25 0.41 -0.35
CA GLN B 2 10.93 -0.21 -0.31
C GLN B 2 10.88 -1.40 0.64
N VAL B 3 9.74 -1.60 1.28
CA VAL B 3 9.60 -2.70 2.24
C VAL B 3 8.58 -3.70 1.72
N GLU B 4 9.01 -4.93 1.40
CA GLU B 4 8.07 -5.94 0.92
C GLU B 4 7.89 -7.07 1.92
N GLN B 5 6.68 -7.22 2.43
CA GLN B 5 6.36 -8.30 3.32
C GLN B 5 5.41 -9.23 2.59
N ARG B 6 5.59 -10.54 2.77
CA ARG B 6 5.12 -11.47 1.76
C ARG B 6 5.28 -12.96 2.12
N THR B 7 4.27 -13.74 1.74
CA THR B 7 4.33 -15.20 1.86
C THR B 7 4.93 -15.82 0.61
N LEU B 8 5.92 -16.69 0.78
CA LEU B 8 6.41 -17.47 -0.38
C LEU B 8 5.85 -18.89 -0.24
N ASN B 9 5.35 -19.45 -1.35
CA ASN B 9 4.63 -20.73 -1.29
C ASN B 9 5.34 -21.89 -1.99
N THR B 10 6.56 -21.66 -2.47
CA THR B 10 7.29 -22.62 -3.27
C THR B 10 8.11 -23.59 -2.43
N ALA B 11 7.58 -23.93 -1.26
CA ALA B 11 8.18 -24.93 -0.38
C ALA B 11 7.03 -25.68 0.29
N ALA B 12 7.30 -26.89 0.76
CA ALA B 12 6.29 -27.71 1.46
C ALA B 12 5.56 -26.93 2.56
N HIS B 13 6.32 -26.13 3.32
CA HIS B 13 5.73 -25.24 4.30
C HIS B 13 5.91 -23.80 3.84
N PRO B 14 4.81 -23.16 3.40
CA PRO B 14 4.87 -21.74 3.03
C PRO B 14 5.39 -20.92 4.18
N PHE B 15 5.91 -19.74 3.87
CA PHE B 15 6.52 -18.95 4.91
C PHE B 15 6.58 -17.48 4.52
N GLN B 16 6.68 -16.65 5.54
CA GLN B 16 6.78 -15.21 5.36
C GLN B 16 8.23 -14.73 5.20
N ILE B 17 8.45 -13.81 4.25
CA ILE B 17 9.69 -13.04 4.24
C ILE B 17 9.35 -11.56 4.39
N THR B 18 10.32 -10.80 4.88
CA THR B 18 10.21 -9.35 4.81
C THR B 18 11.45 -8.85 4.08
N ALA B 19 11.25 -8.29 2.89
CA ALA B 19 12.36 -7.82 2.07
C ALA B 19 12.54 -6.32 2.20
N TYR B 20 13.78 -5.87 2.34
CA TYR B 20 14.07 -4.45 2.29
C TYR B 20 14.90 -4.09 1.03
N TRP B 21 14.26 -3.48 0.04
CA TRP B 21 14.93 -3.23 -1.23
C TRP B 21 15.58 -1.85 -1.26
N LEU B 22 16.86 -1.82 -1.59
CA LEU B 22 17.57 -0.61 -1.94
C LEU B 22 16.93 -0.02 -3.20
N ASP B 23 16.74 1.29 -3.24
CA ASP B 23 16.31 1.93 -4.48
C ASP B 23 17.53 2.45 -5.23
N GLN B 24 17.42 2.54 -6.55
CA GLN B 24 18.50 3.14 -7.34
C GLN B 24 18.68 4.61 -6.98
N ILE B 25 19.93 5.05 -7.00
CA ILE B 25 20.21 6.45 -6.75
C ILE B 25 19.97 7.23 -8.05
N SER B 26 19.12 8.24 -7.97
CA SER B 26 18.56 8.86 -9.18
C SER B 26 19.52 9.80 -9.90
N ASP B 27 20.56 10.28 -9.24
CA ASP B 27 21.57 11.08 -9.94
C ASP B 27 22.77 10.24 -10.40
N PHE B 28 22.66 8.93 -10.28
CA PHE B 28 23.60 8.05 -10.95
C PHE B 28 23.22 8.05 -12.42
N GLU B 29 24.22 8.15 -13.28
CA GLU B 29 23.97 8.14 -14.72
C GLU B 29 23.65 6.73 -15.19
N THR B 30 24.19 5.73 -14.48
CA THR B 30 23.99 4.32 -14.82
C THR B 30 23.57 3.46 -13.60
N ALA B 31 22.98 2.31 -13.87
CA ALA B 31 22.40 1.47 -12.81
C ALA B 31 23.41 0.53 -12.16
N VAL B 32 23.18 0.20 -10.88
CA VAL B 32 24.06 -0.69 -10.15
C VAL B 32 23.30 -1.84 -9.51
N ASP B 33 23.83 -3.05 -9.67
CA ASP B 33 23.28 -4.21 -9.00
C ASP B 33 23.98 -4.33 -7.64
N TYR B 34 23.20 -4.51 -6.59
CA TYR B 34 23.73 -4.55 -5.23
C TYR B 34 23.68 -5.97 -4.73
N PRO B 35 24.53 -6.30 -3.73
CA PRO B 35 24.45 -7.63 -3.10
C PRO B 35 23.17 -7.72 -2.24
N ILE B 36 22.82 -8.94 -1.82
CA ILE B 36 21.66 -9.11 -0.96
C ILE B 36 22.03 -10.03 0.19
N MET B 37 21.58 -9.67 1.39
CA MET B 37 21.76 -10.53 2.56
C MET B 37 20.42 -11.05 3.06
N ILE B 38 20.35 -12.38 3.20
CA ILE B 38 19.22 -13.07 3.80
C ILE B 38 19.52 -13.32 5.28
N ILE B 39 18.66 -12.81 6.16
CA ILE B 39 18.87 -12.98 7.60
C ILE B 39 17.88 -13.95 8.25
N CYS B 40 18.44 -14.95 8.94
CA CYS B 40 17.66 -15.84 9.81
C CYS B 40 18.04 -15.50 11.23
N PRO B 41 17.12 -14.85 11.96
CA PRO B 41 17.35 -14.43 13.35
C PRO B 41 17.37 -15.60 14.33
N GLY B 42 17.63 -15.31 15.60
CA GLY B 42 17.50 -16.31 16.64
C GLY B 42 16.10 -16.39 17.20
N GLY B 43 15.97 -17.01 18.37
CA GLY B 43 14.66 -17.20 18.98
C GLY B 43 14.49 -18.62 19.54
N GLY B 44 15.60 -19.35 19.57
CA GLY B 44 15.63 -20.69 20.14
C GLY B 44 14.62 -21.62 19.51
N PHE B 45 14.42 -21.45 18.20
CA PHE B 45 13.52 -22.29 17.42
C PHE B 45 12.06 -22.22 17.82
N THR B 46 11.71 -21.36 18.76
CA THR B 46 10.32 -21.20 19.17
C THR B 46 9.77 -19.83 18.78
N TYR B 47 10.67 -18.93 18.41
CA TYR B 47 10.24 -17.64 17.86
C TYR B 47 11.34 -17.04 17.00
N HIS B 48 11.03 -15.92 16.36
CA HIS B 48 11.99 -15.16 15.58
C HIS B 48 12.26 -13.86 16.32
N SER B 49 13.50 -13.68 16.77
CA SER B 49 13.81 -12.53 17.61
C SER B 49 13.93 -11.23 16.82
N GLY B 50 13.15 -10.22 17.22
CA GLY B 50 13.17 -8.91 16.57
C GLY B 50 14.51 -8.20 16.68
N ARG B 51 15.23 -8.45 17.78
CA ARG B 51 16.56 -7.86 17.95
C ARG B 51 17.52 -8.24 16.84
N GLU B 52 17.24 -9.36 16.17
CA GLU B 52 18.14 -9.81 15.11
C GLU B 52 17.50 -9.72 13.71
N GLU B 53 16.47 -8.90 13.58
CA GLU B 53 15.85 -8.71 12.28
C GLU B 53 16.16 -7.33 11.72
N ALA B 54 15.20 -6.41 11.77
CA ALA B 54 15.40 -5.06 11.22
C ALA B 54 16.68 -4.32 11.67
N PRO B 55 17.01 -4.34 12.98
CA PRO B 55 18.21 -3.58 13.35
C PRO B 55 19.47 -4.07 12.62
N ILE B 56 19.57 -5.40 12.47
CA ILE B 56 20.70 -5.98 11.75
C ILE B 56 20.59 -5.70 10.25
N ALA B 57 19.39 -5.89 9.70
CA ALA B 57 19.13 -5.57 8.31
C ALA B 57 19.48 -4.12 7.97
N THR B 58 19.08 -3.17 8.81
CA THR B 58 19.32 -1.76 8.54
C THR B 58 20.81 -1.46 8.53
N ARG B 59 21.55 -2.02 9.50
CA ARG B 59 23.00 -1.82 9.51
C ARG B 59 23.65 -2.35 8.23
N MET B 60 23.14 -3.47 7.72
CA MET B 60 23.70 -4.03 6.50
C MET B 60 23.24 -3.23 5.28
N MET B 61 21.98 -2.82 5.27
CA MET B 61 21.50 -1.96 4.20
C MET B 61 22.29 -0.67 4.07
N ALA B 62 22.78 -0.14 5.20
CA ALA B 62 23.54 1.11 5.21
C ALA B 62 24.87 0.99 4.48
N ALA B 63 25.33 -0.24 4.29
CA ALA B 63 26.58 -0.47 3.58
C ALA B 63 26.29 -0.77 2.10
N GLY B 64 25.03 -0.68 1.70
CA GLY B 64 24.72 -0.83 0.29
C GLY B 64 24.36 -2.22 -0.17
N MET B 65 23.49 -2.91 0.58
CA MET B 65 22.93 -4.17 0.12
C MET B 65 21.44 -4.29 0.41
N HIS B 66 20.73 -4.99 -0.48
CA HIS B 66 19.37 -5.41 -0.21
C HIS B 66 19.41 -6.35 0.99
N THR B 67 18.31 -6.42 1.74
CA THR B 67 18.19 -7.46 2.78
C THR B 67 16.82 -8.08 2.80
N VAL B 68 16.78 -9.32 3.27
CA VAL B 68 15.54 -10.07 3.38
C VAL B 68 15.60 -10.80 4.71
N VAL B 69 14.52 -10.72 5.48
CA VAL B 69 14.43 -11.49 6.71
C VAL B 69 13.51 -12.70 6.49
N LEU B 70 14.02 -13.87 6.86
CA LEU B 70 13.31 -15.13 6.61
C LEU B 70 12.76 -15.73 7.89
N ASN B 71 11.45 -15.89 7.94
CA ASN B 71 10.81 -16.56 9.06
C ASN B 71 10.87 -18.07 8.88
N TYR B 72 12.02 -18.69 9.16
CA TYR B 72 12.15 -20.14 8.97
C TYR B 72 11.25 -20.92 9.94
N GLN B 73 10.98 -22.17 9.58
CA GLN B 73 10.17 -23.08 10.39
C GLN B 73 10.55 -23.09 11.88
N LEU B 74 9.56 -22.88 12.74
CA LEU B 74 9.78 -22.91 14.18
C LEU B 74 9.20 -24.19 14.77
N ILE B 75 9.48 -24.44 16.04
CA ILE B 75 8.74 -25.46 16.81
C ILE B 75 7.37 -24.85 17.13
N VAL B 76 6.33 -25.36 16.49
CA VAL B 76 5.00 -24.82 16.68
C VAL B 76 4.06 -25.90 16.28
N GLY B 77 2.94 -25.99 16.99
CA GLY B 77 2.11 -27.17 16.87
C GLY B 77 2.95 -28.34 17.30
N ASP B 78 3.17 -29.28 16.38
CA ASP B 78 4.03 -30.42 16.68
C ASP B 78 5.04 -30.51 15.57
N GLN B 79 5.35 -29.34 15.01
CA GLN B 79 6.27 -29.23 13.90
C GLN B 79 7.70 -29.14 14.36
N SER B 80 8.57 -29.84 13.64
N SER B 80 8.57 -29.84 13.62
CA SER B 80 10.00 -29.67 13.86
CA SER B 80 10.00 -29.73 13.79
C SER B 80 10.58 -28.74 12.80
C SER B 80 10.55 -28.70 12.80
N VAL B 81 11.75 -28.19 13.09
CA VAL B 81 12.41 -27.21 12.21
C VAL B 81 12.83 -27.83 10.87
N TYR B 82 13.34 -29.06 10.96
CA TYR B 82 13.95 -29.72 9.82
C TYR B 82 13.07 -30.85 9.30
N PRO B 83 13.14 -31.12 7.99
CA PRO B 83 14.01 -30.50 6.99
C PRO B 83 13.45 -29.20 6.38
N TRP B 84 12.28 -28.77 6.85
CA TRP B 84 11.52 -27.69 6.21
C TRP B 84 12.31 -26.37 6.07
N ALA B 85 12.97 -25.97 7.16
CA ALA B 85 13.70 -24.70 7.19
C ALA B 85 14.74 -24.62 6.10
N LEU B 86 15.36 -25.75 5.78
CA LEU B 86 16.38 -25.80 4.73
C LEU B 86 15.76 -25.49 3.38
N GLN B 87 14.55 -26.00 3.17
CA GLN B 87 13.82 -25.83 1.93
C GLN B 87 13.39 -24.37 1.75
N GLN B 88 12.95 -23.78 2.85
CA GLN B 88 12.52 -22.39 2.85
C GLN B 88 13.66 -21.42 2.45
N LEU B 89 14.87 -21.71 2.91
CA LEU B 89 16.08 -20.97 2.49
C LEU B 89 16.32 -21.09 0.99
N GLY B 90 16.25 -22.32 0.48
CA GLY B 90 16.45 -22.56 -0.93
C GLY B 90 15.43 -21.83 -1.78
N ALA B 91 14.18 -21.85 -1.33
CA ALA B 91 13.12 -21.16 -2.04
C ALA B 91 13.33 -19.63 -2.02
N THR B 92 13.86 -19.11 -0.91
CA THR B 92 14.03 -17.66 -0.77
C THR B 92 15.11 -17.17 -1.74
N ILE B 93 16.26 -17.87 -1.76
CA ILE B 93 17.30 -17.62 -2.74
C ILE B 93 16.74 -17.74 -4.16
N ASP B 94 15.91 -18.75 -4.41
CA ASP B 94 15.30 -18.93 -5.72
C ASP B 94 14.44 -17.73 -6.07
N TRP B 95 13.59 -17.35 -5.13
CA TRP B 95 12.72 -16.17 -5.31
C TRP B 95 13.54 -14.91 -5.61
N ILE B 96 14.66 -14.77 -4.94
CA ILE B 96 15.52 -13.63 -5.18
C ILE B 96 15.90 -13.56 -6.66
N THR B 97 16.39 -14.67 -7.20
CA THR B 97 16.80 -14.73 -8.61
C THR B 97 15.70 -14.22 -9.54
N THR B 98 14.45 -14.52 -9.19
CA THR B 98 13.33 -14.02 -9.98
C THR B 98 13.08 -12.53 -9.80
N GLN B 99 13.62 -11.93 -8.74
CA GLN B 99 13.39 -10.51 -8.50
C GLN B 99 14.57 -9.66 -8.92
N ALA B 100 15.61 -10.29 -9.44
CA ALA B 100 16.89 -9.63 -9.69
C ALA B 100 16.84 -8.39 -10.59
N SER B 101 16.13 -8.47 -11.71
CA SER B 101 16.12 -7.38 -12.67
C SER B 101 15.26 -6.21 -12.18
N ALA B 102 14.14 -6.53 -11.58
CA ALA B 102 13.27 -5.51 -11.03
C ALA B 102 13.98 -4.70 -9.92
N HIS B 103 14.78 -5.37 -9.10
CA HIS B 103 15.38 -4.69 -7.94
C HIS B 103 16.88 -4.46 -8.04
N HIS B 104 17.47 -4.89 -9.15
CA HIS B 104 18.91 -4.83 -9.34
C HIS B 104 19.63 -5.60 -8.25
N VAL B 105 19.46 -6.91 -8.25
CA VAL B 105 20.18 -7.77 -7.33
C VAL B 105 21.34 -8.48 -8.03
N ASP B 106 22.52 -8.41 -7.42
CA ASP B 106 23.66 -9.16 -7.93
C ASP B 106 23.63 -10.59 -7.36
N CYS B 107 22.97 -11.49 -8.09
CA CYS B 107 22.81 -12.88 -7.65
C CYS B 107 24.11 -13.65 -7.46
N GLN B 108 25.24 -13.03 -7.82
CA GLN B 108 26.54 -13.63 -7.57
C GLN B 108 27.03 -13.22 -6.20
N ARG B 109 26.25 -12.37 -5.53
CA ARG B 109 26.60 -11.82 -4.22
C ARG B 109 25.46 -12.01 -3.21
N ILE B 110 25.01 -13.25 -3.07
CA ILE B 110 23.95 -13.56 -2.12
C ILE B 110 24.59 -14.08 -0.84
N ILE B 111 24.32 -13.40 0.27
CA ILE B 111 24.94 -13.73 1.54
C ILE B 111 23.84 -14.21 2.51
N LEU B 112 24.13 -15.25 3.29
CA LEU B 112 23.18 -15.69 4.32
C LEU B 112 23.76 -15.29 5.68
N ALA B 113 22.91 -14.78 6.57
CA ALA B 113 23.35 -14.47 7.92
C ALA B 113 22.42 -15.11 8.94
N GLY B 114 23.01 -15.82 9.90
CA GLY B 114 22.24 -16.51 10.91
C GLY B 114 22.72 -16.16 12.29
N PHE B 115 21.80 -16.12 13.24
CA PHE B 115 22.15 -15.77 14.60
C PHE B 115 21.55 -16.79 15.54
N SER B 116 22.33 -17.22 16.54
CA SER B 116 21.87 -18.18 17.55
C SER B 116 21.23 -19.39 16.87
N ALA B 117 19.98 -19.71 17.23
CA ALA B 117 19.23 -20.77 16.54
C ALA B 117 19.21 -20.58 15.01
N GLY B 118 19.10 -19.32 14.58
CA GLY B 118 19.17 -18.99 13.17
C GLY B 118 20.48 -19.41 12.51
N GLY B 119 21.56 -19.40 13.27
CA GLY B 119 22.86 -19.80 12.73
C GLY B 119 22.90 -21.27 12.33
N HIS B 120 22.20 -22.10 13.11
CA HIS B 120 22.11 -23.52 12.77
C HIS B 120 21.53 -23.73 11.38
N VAL B 121 20.45 -23.01 11.09
CA VAL B 121 19.79 -23.12 9.79
C VAL B 121 20.79 -22.74 8.71
N VAL B 122 21.45 -21.62 8.91
CA VAL B 122 22.43 -21.16 7.94
C VAL B 122 23.66 -22.06 7.89
N ALA B 123 24.23 -22.43 9.04
CA ALA B 123 25.42 -23.30 9.00
C ALA B 123 25.11 -24.65 8.33
N THR B 124 23.97 -25.24 8.70
CA THR B 124 23.52 -26.50 8.10
C THR B 124 23.33 -26.32 6.61
N TYR B 125 22.71 -25.21 6.24
CA TYR B 125 22.35 -25.01 4.84
C TYR B 125 23.61 -24.94 3.99
N ASN B 126 24.61 -24.22 4.51
CA ASN B 126 25.88 -24.05 3.81
C ASN B 126 26.53 -25.39 3.52
N GLY B 127 26.47 -26.30 4.49
CA GLY B 127 26.85 -27.68 4.28
C GLY B 127 25.91 -28.48 3.37
N VAL B 128 24.63 -28.54 3.73
CA VAL B 128 23.64 -29.33 2.95
C VAL B 128 23.57 -28.92 1.48
N ALA B 129 23.50 -27.62 1.23
CA ALA B 129 23.19 -27.11 -0.10
C ALA B 129 24.38 -27.06 -1.05
N THR B 130 25.57 -27.40 -0.55
CA THR B 130 26.74 -27.58 -1.42
C THR B 130 27.08 -29.06 -1.66
N GLN B 131 26.17 -29.97 -1.27
CA GLN B 131 26.39 -31.40 -1.49
C GLN B 131 25.12 -32.04 -2.05
N PRO B 132 25.08 -32.28 -3.37
CA PRO B 132 23.99 -33.01 -4.07
C PRO B 132 23.38 -34.19 -3.29
N GLU B 133 24.20 -35.02 -2.64
CA GLU B 133 23.70 -36.11 -1.78
C GLU B 133 22.77 -35.55 -0.71
N LEU B 134 23.28 -34.64 0.12
CA LEU B 134 22.47 -34.02 1.15
C LEU B 134 21.42 -33.06 0.57
N ARG B 135 21.71 -32.55 -0.63
CA ARG B 135 20.77 -31.70 -1.35
C ARG B 135 19.50 -32.49 -1.63
N THR B 136 19.67 -33.58 -2.36
CA THR B 136 18.56 -34.43 -2.77
C THR B 136 17.79 -35.02 -1.59
N ARG B 137 18.51 -35.56 -0.61
CA ARG B 137 17.88 -36.06 0.61
C ARG B 137 16.87 -35.05 1.20
N TYR B 138 17.20 -33.77 1.14
CA TYR B 138 16.41 -32.76 1.81
C TYR B 138 15.54 -31.90 0.87
N HIS B 139 15.50 -32.28 -0.41
CA HIS B 139 14.59 -31.71 -1.41
C HIS B 139 14.90 -30.26 -1.79
N LEU B 140 16.18 -29.94 -1.90
CA LEU B 140 16.63 -28.61 -2.30
C LEU B 140 16.93 -28.57 -3.79
N ASP B 141 16.70 -29.69 -4.45
CA ASP B 141 16.92 -29.79 -5.89
C ASP B 141 15.86 -28.93 -6.57
N HIS B 142 16.13 -28.52 -7.81
CA HIS B 142 15.17 -27.79 -8.64
C HIS B 142 15.00 -26.28 -8.29
N TYR B 143 15.68 -25.81 -7.24
CA TYR B 143 15.73 -24.38 -6.91
C TYR B 143 16.88 -23.65 -7.60
N GLN B 144 16.59 -22.46 -8.13
CA GLN B 144 17.59 -21.63 -8.79
C GLN B 144 18.41 -20.79 -7.81
N GLY B 145 19.66 -20.52 -8.17
CA GLY B 145 20.53 -19.64 -7.41
C GLY B 145 21.31 -20.31 -6.31
N GLN B 146 22.36 -19.63 -5.81
CA GLN B 146 23.14 -20.12 -4.69
C GLN B 146 23.79 -18.98 -3.93
N HIS B 147 24.04 -19.19 -2.65
CA HIS B 147 24.64 -18.16 -1.83
C HIS B 147 26.17 -18.17 -1.98
N ALA B 148 26.80 -16.99 -1.81
CA ALA B 148 28.26 -16.85 -2.01
C ALA B 148 29.09 -16.98 -0.73
N ALA B 149 28.46 -16.71 0.43
CA ALA B 149 29.13 -16.75 1.73
C ALA B 149 28.08 -16.73 2.84
N ILE B 150 28.49 -17.13 4.04
CA ILE B 150 27.62 -16.99 5.20
C ILE B 150 28.27 -16.13 6.32
N ILE B 151 27.42 -15.59 7.19
CA ILE B 151 27.87 -14.88 8.38
C ILE B 151 27.17 -15.53 9.54
N LEU B 152 27.91 -15.84 10.61
CA LEU B 152 27.30 -16.50 11.76
C LEU B 152 27.62 -15.75 13.04
N GLY B 153 26.59 -15.29 13.74
CA GLY B 153 26.74 -14.62 15.01
C GLY B 153 26.27 -15.53 16.14
N TYR B 154 27.18 -15.86 17.04
CA TYR B 154 26.91 -16.76 18.16
C TYR B 154 26.01 -17.97 17.82
N PRO B 155 26.40 -18.70 16.78
CA PRO B 155 25.50 -19.69 16.20
C PRO B 155 25.39 -20.98 17.01
N VAL B 156 24.17 -21.51 17.03
CA VAL B 156 23.94 -22.88 17.46
C VAL B 156 24.50 -23.75 16.35
N ILE B 157 25.52 -24.55 16.66
CA ILE B 157 26.14 -25.45 15.67
C ILE B 157 25.92 -26.96 15.98
N ASP B 158 25.79 -27.28 17.27
CA ASP B 158 25.70 -28.67 17.78
C ASP B 158 24.61 -28.74 18.86
N LEU B 159 23.59 -29.59 18.65
CA LEU B 159 22.41 -29.60 19.51
C LEU B 159 22.62 -30.31 20.85
N THR B 160 23.71 -31.04 20.94
CA THR B 160 24.11 -31.74 22.15
C THR B 160 25.13 -30.94 22.95
N ALA B 161 25.61 -29.84 22.36
CA ALA B 161 26.70 -29.07 22.94
C ALA B 161 26.17 -27.98 23.85
N GLY B 162 25.24 -28.34 24.73
CA GLY B 162 24.77 -27.40 25.73
C GLY B 162 23.42 -26.79 25.41
N PHE B 163 23.16 -26.49 24.15
CA PHE B 163 21.86 -26.01 23.74
C PHE B 163 21.21 -27.00 22.77
N PRO B 164 20.00 -27.46 23.11
CA PRO B 164 19.26 -27.05 24.32
C PRO B 164 19.56 -27.88 25.58
N THR B 165 19.22 -27.30 26.74
CA THR B 165 19.52 -27.87 28.06
C THR B 165 18.96 -29.27 28.29
N THR B 166 17.77 -29.55 27.77
CA THR B 166 17.13 -30.84 28.04
C THR B 166 17.04 -31.78 26.83
N SER B 167 17.01 -33.07 27.13
CA SER B 167 16.70 -34.08 26.12
C SER B 167 15.41 -33.72 25.36
N ALA B 168 14.32 -33.53 26.10
CA ALA B 168 13.02 -33.24 25.52
C ALA B 168 12.99 -32.01 24.60
N ALA B 169 13.93 -31.08 24.79
CA ALA B 169 13.98 -29.90 23.93
C ALA B 169 14.76 -30.11 22.61
N ARG B 170 15.80 -30.95 22.63
CA ARG B 170 16.56 -31.30 21.41
C ARG B 170 15.58 -31.82 20.40
N ASN B 171 14.83 -32.82 20.85
CA ASN B 171 13.97 -33.62 20.00
C ASN B 171 12.89 -32.81 19.33
N GLN B 172 12.30 -31.86 20.07
CA GLN B 172 11.30 -30.96 19.52
C GLN B 172 11.86 -30.22 18.30
N ILE B 173 13.15 -29.85 18.35
CA ILE B 173 13.85 -29.23 17.22
C ILE B 173 14.00 -30.21 16.04
N THR B 174 14.35 -31.45 16.35
CA THR B 174 14.40 -32.50 15.32
C THR B 174 14.62 -33.93 15.89
N THR B 175 13.91 -34.89 15.30
CA THR B 175 14.20 -36.31 15.46
C THR B 175 15.02 -36.75 14.24
N ASP B 176 16.02 -35.94 13.91
CA ASP B 176 17.02 -36.29 12.91
C ASP B 176 18.37 -35.84 13.47
N ALA B 177 19.10 -36.77 14.07
CA ALA B 177 20.36 -36.46 14.72
C ALA B 177 21.50 -36.29 13.73
N ARG B 178 21.25 -36.58 12.45
CA ARG B 178 22.21 -36.30 11.38
C ARG B 178 22.30 -34.81 11.04
N LEU B 179 21.67 -33.98 11.85
CA LEU B 179 21.73 -32.54 11.68
C LEU B 179 21.80 -31.87 13.05
N TRP B 180 21.95 -32.66 14.12
CA TRP B 180 22.14 -32.07 15.44
C TRP B 180 23.41 -31.20 15.47
N ALA B 181 24.38 -31.53 14.61
CA ALA B 181 25.71 -30.95 14.68
C ALA B 181 26.28 -30.56 13.30
N ALA B 182 26.17 -29.27 12.96
CA ALA B 182 26.58 -28.77 11.65
C ALA B 182 28.08 -28.81 11.42
N GLN B 183 28.86 -29.02 12.48
CA GLN B 183 30.30 -29.15 12.38
C GLN B 183 30.70 -30.43 11.67
N ARG B 184 29.88 -31.47 11.82
CA ARG B 184 30.12 -32.76 11.14
C ARG B 184 29.65 -32.71 9.69
N LEU B 185 28.83 -31.70 9.35
CA LEU B 185 28.31 -31.56 7.99
C LEU B 185 29.26 -30.78 7.06
N VAL B 186 30.31 -30.19 7.65
CA VAL B 186 31.23 -29.35 6.90
C VAL B 186 32.14 -30.13 5.91
N THR B 187 32.09 -29.76 4.62
CA THR B 187 32.99 -30.33 3.60
C THR B 187 33.46 -29.23 2.63
N PRO B 188 34.63 -29.43 1.99
CA PRO B 188 35.29 -28.40 1.15
C PRO B 188 34.43 -27.58 0.16
N ALA B 189 33.30 -28.08 -0.30
CA ALA B 189 32.48 -27.37 -1.29
C ALA B 189 31.79 -26.10 -0.75
N SER B 190 31.85 -25.95 0.57
CA SER B 190 31.16 -24.89 1.28
C SER B 190 31.60 -23.48 0.90
N LYS B 191 30.63 -22.58 0.90
CA LYS B 191 30.92 -21.16 0.72
C LYS B 191 31.59 -20.62 1.99
N PRO B 192 32.46 -19.61 1.84
CA PRO B 192 33.22 -19.00 2.94
C PRO B 192 32.36 -18.42 4.08
N ALA B 193 32.83 -18.56 5.32
CA ALA B 193 32.08 -18.14 6.50
C ALA B 193 32.83 -17.11 7.36
N PHE B 194 32.16 -16.00 7.66
CA PHE B 194 32.58 -15.08 8.72
C PHE B 194 31.85 -15.48 10.00
N VAL B 195 32.59 -15.79 11.05
CA VAL B 195 32.00 -16.30 12.28
C VAL B 195 32.39 -15.46 13.49
N TRP B 196 31.43 -15.15 14.37
CA TRP B 196 31.75 -14.49 15.63
C TRP B 196 30.88 -14.96 16.78
N GLN B 197 31.46 -14.94 17.97
CA GLN B 197 30.77 -15.33 19.20
C GLN B 197 31.54 -14.70 20.35
N THR B 198 30.96 -14.69 21.53
CA THR B 198 31.70 -14.27 22.71
C THR B 198 32.18 -15.53 23.42
N ALA B 199 33.30 -15.42 24.15
CA ALA B 199 33.85 -16.58 24.86
C ALA B 199 32.99 -16.93 26.07
N THR B 200 32.45 -15.92 26.72
CA THR B 200 31.64 -16.13 27.90
C THR B 200 30.17 -16.46 27.55
N ASP B 201 29.94 -17.11 26.41
CA ASP B 201 28.57 -17.42 26.03
C ASP B 201 28.04 -18.61 26.85
N GLU B 202 27.23 -18.31 27.87
CA GLU B 202 26.70 -19.34 28.76
C GLU B 202 25.61 -20.16 28.06
N SER B 203 24.71 -19.47 27.36
CA SER B 203 23.57 -20.10 26.72
C SER B 203 23.89 -21.01 25.52
N VAL B 204 24.94 -20.68 24.75
CA VAL B 204 25.40 -21.52 23.64
C VAL B 204 26.93 -21.57 23.59
N PRO B 205 27.53 -22.65 24.14
CA PRO B 205 28.98 -22.85 24.27
C PRO B 205 29.80 -22.56 22.99
N PRO B 206 30.86 -21.76 23.13
CA PRO B 206 31.73 -21.34 22.02
C PRO B 206 32.33 -22.52 21.27
N ILE B 207 32.33 -23.70 21.91
CA ILE B 207 32.74 -24.94 21.25
C ILE B 207 32.01 -25.06 19.93
N ASN B 208 30.72 -24.68 19.94
CA ASN B 208 29.89 -24.61 18.75
C ASN B 208 30.58 -23.90 17.58
N SER B 209 30.82 -22.59 17.72
CA SER B 209 31.51 -21.85 16.67
C SER B 209 32.93 -22.39 16.44
N LEU B 210 33.64 -22.64 17.53
CA LEU B 210 35.00 -23.19 17.44
C LEU B 210 35.02 -24.48 16.61
N LYS B 211 34.09 -25.40 16.90
CA LYS B 211 33.99 -26.64 16.15
C LYS B 211 33.76 -26.41 14.65
N TYR B 212 32.94 -25.41 14.32
CA TYR B 212 32.60 -25.16 12.94
C TYR B 212 33.79 -24.59 12.16
N VAL B 213 34.41 -23.54 12.71
CA VAL B 213 35.64 -22.97 12.15
C VAL B 213 36.75 -24.03 12.03
N GLN B 214 36.94 -24.80 13.10
CA GLN B 214 37.89 -25.91 13.11
C GLN B 214 37.70 -26.81 11.87
N ALA B 215 36.45 -27.09 11.53
CA ALA B 215 36.14 -27.93 10.37
C ALA B 215 36.15 -27.16 9.04
N MET B 216 35.98 -25.85 9.09
CA MET B 216 36.08 -25.06 7.87
C MET B 216 37.53 -25.03 7.38
N LEU B 217 38.46 -25.04 8.32
CA LEU B 217 39.86 -24.92 7.99
C LEU B 217 40.41 -26.27 7.59
N GLN B 218 40.10 -27.29 8.40
CA GLN B 218 40.47 -28.67 8.10
C GLN B 218 39.97 -29.13 6.73
N HIS B 219 39.03 -28.37 6.16
CA HIS B 219 38.52 -28.67 4.82
C HIS B 219 38.87 -27.53 3.86
N GLN B 220 39.84 -26.72 4.27
CA GLN B 220 40.38 -25.61 3.48
C GLN B 220 39.35 -24.64 2.90
N VAL B 221 38.34 -24.29 3.68
CA VAL B 221 37.40 -23.26 3.24
C VAL B 221 37.73 -21.92 3.86
N ALA B 222 37.80 -20.88 3.03
CA ALA B 222 38.10 -19.53 3.55
C ALA B 222 37.17 -19.12 4.70
N THR B 223 37.76 -18.84 5.85
CA THR B 223 36.98 -18.52 7.05
C THR B 223 37.68 -17.49 7.95
N ALA B 224 36.91 -16.64 8.60
CA ALA B 224 37.43 -15.69 9.58
C ALA B 224 36.60 -15.85 10.86
N TYR B 225 37.24 -15.65 12.01
CA TYR B 225 36.61 -16.00 13.27
C TYR B 225 36.96 -14.98 14.34
N HIS B 226 35.94 -14.42 14.98
CA HIS B 226 36.18 -13.53 16.10
C HIS B 226 35.45 -13.96 17.36
N LEU B 227 36.23 -14.42 18.33
CA LEU B 227 35.72 -14.82 19.63
C LEU B 227 36.08 -13.73 20.60
N PHE B 228 35.12 -12.83 20.85
CA PHE B 228 35.36 -11.71 21.73
C PHE B 228 35.45 -12.21 23.14
N GLY B 229 36.17 -11.48 23.99
CA GLY B 229 36.46 -11.94 25.34
C GLY B 229 35.29 -11.90 26.33
N SER B 230 34.46 -10.86 26.27
CA SER B 230 33.35 -10.72 27.22
C SER B 230 32.01 -10.76 26.52
N GLY B 231 30.92 -10.72 27.29
CA GLY B 231 29.59 -10.62 26.72
C GLY B 231 28.71 -11.87 26.73
N ILE B 232 27.42 -11.66 26.95
CA ILE B 232 26.44 -12.75 27.00
C ILE B 232 26.01 -13.21 25.61
N HIS B 233 25.22 -14.28 25.57
CA HIS B 233 24.59 -14.72 24.34
C HIS B 233 23.62 -13.65 23.81
N GLY B 234 23.41 -13.65 22.49
CA GLY B 234 22.45 -12.74 21.87
C GLY B 234 22.75 -11.26 21.98
N LEU B 235 23.98 -10.87 21.68
CA LEU B 235 24.37 -9.47 21.76
C LEU B 235 23.77 -8.68 20.59
N ALA B 236 23.50 -9.37 19.49
CA ALA B 236 23.02 -8.75 18.25
C ALA B 236 24.02 -7.67 17.81
N LEU B 237 23.60 -6.40 17.85
CA LEU B 237 24.50 -5.33 17.46
C LEU B 237 25.41 -4.92 18.59
N ALA B 238 25.12 -5.44 19.79
CA ALA B 238 25.91 -5.18 21.00
C ALA B 238 25.97 -3.71 21.39
N ASN B 239 24.95 -2.95 20.99
CA ASN B 239 24.95 -1.55 21.34
C ASN B 239 23.58 -1.07 21.70
N HIS B 240 23.40 0.23 21.72
CA HIS B 240 22.15 0.80 22.22
C HIS B 240 20.94 0.48 21.35
N VAL B 241 21.18 0.22 20.07
CA VAL B 241 20.07 -0.10 19.17
C VAL B 241 19.37 -1.39 19.62
N THR B 242 20.13 -2.42 19.91
CA THR B 242 19.51 -3.71 20.24
C THR B 242 19.50 -3.99 21.75
N GLN B 243 19.89 -3.01 22.55
CA GLN B 243 19.96 -3.16 24.00
C GLN B 243 18.57 -3.17 24.63
N LYS B 244 18.20 -4.30 25.24
CA LYS B 244 16.99 -4.38 26.07
C LYS B 244 17.02 -3.26 27.12
N PRO B 245 15.98 -2.40 27.14
CA PRO B 245 15.95 -1.18 27.96
C PRO B 245 16.30 -1.43 29.44
N GLY B 246 17.31 -0.70 29.93
CA GLY B 246 17.77 -0.83 31.30
C GLY B 246 18.69 -2.00 31.58
N LYS B 247 19.04 -2.74 30.53
CA LYS B 247 19.91 -3.91 30.69
C LYS B 247 21.28 -3.70 30.06
N ASP B 248 22.25 -3.34 30.91
CA ASP B 248 23.61 -3.06 30.47
C ASP B 248 24.27 -4.29 29.87
N LYS B 249 23.88 -5.48 30.32
CA LYS B 249 24.49 -6.72 29.84
C LYS B 249 24.36 -6.95 28.33
N TYR B 250 23.63 -6.08 27.65
CA TYR B 250 23.51 -6.16 26.20
C TYR B 250 24.52 -5.27 25.47
N LEU B 251 25.07 -4.28 26.19
CA LEU B 251 26.12 -3.42 25.66
C LEU B 251 27.52 -4.09 25.77
N ASN B 252 28.24 -4.16 24.65
CA ASN B 252 29.61 -4.66 24.63
C ASN B 252 30.37 -3.98 23.51
N ASP B 253 31.13 -2.94 23.83
CA ASP B 253 31.72 -2.11 22.79
C ASP B 253 32.73 -2.87 21.95
N GLN B 254 33.43 -3.84 22.53
CA GLN B 254 34.36 -4.65 21.77
C GLN B 254 33.65 -5.50 20.71
N ALA B 255 32.59 -6.19 21.11
CA ALA B 255 31.79 -6.95 20.16
C ALA B 255 31.09 -6.03 19.13
N ALA B 256 30.84 -4.79 19.52
CA ALA B 256 30.04 -3.89 18.68
C ALA B 256 30.72 -3.58 17.35
N ILE B 257 32.01 -3.92 17.22
CA ILE B 257 32.70 -3.71 15.94
C ILE B 257 32.43 -4.79 14.90
N TRP B 258 31.75 -5.87 15.26
CA TRP B 258 31.60 -6.97 14.32
C TRP B 258 31.02 -6.64 12.94
N PRO B 259 30.01 -5.73 12.86
CA PRO B 259 29.46 -5.47 11.53
C PRO B 259 30.51 -4.87 10.62
N GLN B 260 31.38 -4.02 11.17
CA GLN B 260 32.49 -3.46 10.42
C GLN B 260 33.43 -4.57 9.96
N LEU B 261 33.87 -5.41 10.89
CA LEU B 261 34.71 -6.56 10.55
C LEU B 261 34.08 -7.41 9.42
N ALA B 262 32.80 -7.70 9.57
CA ALA B 262 32.05 -8.50 8.59
C ALA B 262 31.97 -7.83 7.22
N LEU B 263 31.80 -6.50 7.19
CA LEU B 263 31.65 -5.79 5.92
C LEU B 263 32.96 -5.74 5.17
N ARG B 264 34.04 -5.46 5.91
CA ARG B 264 35.37 -5.43 5.34
C ARG B 264 35.76 -6.85 4.87
N TRP B 265 35.41 -7.86 5.64
CA TRP B 265 35.61 -9.25 5.22
C TRP B 265 34.87 -9.55 3.91
N LEU B 266 33.63 -9.06 3.79
CA LEU B 266 32.89 -9.22 2.54
C LEU B 266 33.56 -8.53 1.34
N GLN B 267 34.09 -7.32 1.56
CA GLN B 267 34.79 -6.57 0.52
C GLN B 267 36.02 -7.35 0.09
N GLU B 268 36.71 -7.89 1.07
CA GLU B 268 37.90 -8.71 0.86
C GLU B 268 37.55 -9.93 0.00
N GLN B 269 36.36 -10.51 0.25
CA GLN B 269 35.88 -11.64 -0.52
C GLN B 269 35.34 -11.24 -1.90
N GLY B 270 35.47 -9.98 -2.27
CA GLY B 270 34.90 -9.50 -3.53
C GLY B 270 33.38 -9.60 -3.61
N LEU B 271 32.73 -9.68 -2.46
CA LEU B 271 31.27 -9.80 -2.41
C LEU B 271 30.57 -8.48 -2.01
N LEU B 272 31.31 -7.38 -1.97
CA LEU B 272 30.73 -6.07 -1.67
C LEU B 272 31.68 -5.05 -2.30
N ALA B 273 31.14 -4.01 -2.91
CA ALA B 273 31.97 -2.93 -3.44
C ALA B 273 32.97 -2.41 -2.40
N GLY B 274 34.20 -2.15 -2.84
CA GLY B 274 35.23 -1.63 -1.95
C GLY B 274 35.32 -0.10 -2.03
N ASN B 275 35.54 0.52 -0.87
CA ASN B 275 35.64 1.98 -0.79
C ASN B 275 37.02 2.47 -0.33
N TYR B 276 37.93 2.64 -1.15
N MET C 1 -6.89 4.64 11.77
CA MET C 1 -7.24 3.23 11.60
C MET C 1 -6.43 2.60 10.46
N GLN C 2 -5.94 1.37 10.65
CA GLN C 2 -5.19 0.67 9.60
C GLN C 2 -5.82 -0.67 9.31
N VAL C 3 -5.72 -1.10 8.06
CA VAL C 3 -6.29 -2.39 7.67
C VAL C 3 -5.19 -3.32 7.15
N GLU C 4 -4.98 -4.44 7.83
CA GLU C 4 -3.95 -5.40 7.44
C GLU C 4 -4.57 -6.72 7.01
N GLN C 5 -4.36 -7.09 5.75
CA GLN C 5 -4.79 -8.40 5.25
C GLN C 5 -3.55 -9.21 4.91
N ARG C 6 -3.56 -10.49 5.25
CA ARG C 6 -2.31 -11.22 5.40
C ARG C 6 -2.49 -12.74 5.63
N THR C 7 -1.53 -13.50 5.13
CA THR C 7 -1.47 -14.94 5.40
C THR C 7 -0.60 -15.20 6.62
N LEU C 8 -1.08 -16.06 7.50
CA LEU C 8 -0.26 -16.57 8.60
C LEU C 8 0.10 -18.02 8.27
N ASN C 9 1.36 -18.39 8.46
CA ASN C 9 1.85 -19.68 7.99
C ASN C 9 2.23 -20.61 9.13
N THR C 10 1.92 -20.20 10.35
CA THR C 10 2.33 -20.95 11.54
C THR C 10 1.31 -21.99 11.97
N ALA C 11 0.55 -22.50 11.01
CA ALA C 11 -0.32 -23.66 11.23
C ALA C 11 -0.10 -24.64 10.08
N ALA C 12 -0.50 -25.90 10.27
CA ALA C 12 -0.41 -26.91 9.21
C ALA C 12 -1.12 -26.46 7.92
N HIS C 13 -2.30 -25.85 8.09
CA HIS C 13 -3.00 -25.21 6.99
C HIS C 13 -2.91 -23.69 7.17
N PRO C 14 -2.06 -23.03 6.37
CA PRO C 14 -1.93 -21.56 6.37
C PRO C 14 -3.29 -20.95 6.08
N PHE C 15 -3.46 -19.67 6.41
CA PHE C 15 -4.80 -19.09 6.34
C PHE C 15 -4.75 -17.57 6.32
N GLN C 16 -5.80 -16.93 5.79
CA GLN C 16 -5.83 -15.48 5.77
C GLN C 16 -6.47 -14.87 7.04
N ILE C 17 -5.87 -13.79 7.55
CA ILE C 17 -6.58 -12.94 8.48
C ILE C 17 -6.75 -11.53 7.89
N THR C 18 -7.73 -10.79 8.42
CA THR C 18 -7.84 -9.37 8.14
C THR C 18 -7.94 -8.66 9.47
N ALA C 19 -6.87 -7.95 9.83
CA ALA C 19 -6.80 -7.25 11.10
C ALA C 19 -7.23 -5.79 10.92
N TYR C 20 -8.04 -5.26 11.82
CA TYR C 20 -8.32 -3.84 11.82
C TYR C 20 -7.73 -3.23 13.10
N TRP C 21 -6.65 -2.48 12.92
CA TRP C 21 -5.91 -1.92 14.05
C TRP C 21 -6.41 -0.52 14.35
N LEU C 22 -6.72 -0.30 15.62
CA LEU C 22 -6.95 1.02 16.19
C LEU C 22 -5.67 1.87 16.12
N ASP C 23 -5.79 3.16 15.86
CA ASP C 23 -4.62 4.03 15.95
C ASP C 23 -4.65 4.77 17.28
N GLN C 24 -3.48 5.04 17.85
CA GLN C 24 -3.43 5.84 19.08
C GLN C 24 -4.00 7.22 18.79
N ILE C 25 -4.77 7.73 19.74
CA ILE C 25 -5.29 9.08 19.62
C ILE C 25 -4.14 10.06 19.88
N SER C 26 -3.93 10.98 18.94
CA SER C 26 -2.73 11.81 18.94
C SER C 26 -2.68 12.82 20.08
N ASP C 27 -3.83 13.29 20.53
CA ASP C 27 -3.86 14.24 21.64
C ASP C 27 -4.01 13.59 23.03
N PHE C 28 -3.78 12.28 23.09
CA PHE C 28 -3.56 11.62 24.37
C PHE C 28 -2.09 11.84 24.72
N GLU C 29 -1.83 12.25 25.96
CA GLU C 29 -0.46 12.49 26.37
C GLU C 29 0.25 11.20 26.80
N THR C 30 -0.51 10.13 27.03
CA THR C 30 0.06 8.79 27.24
C THR C 30 -0.62 7.74 26.35
N ALA C 31 0.09 6.66 26.05
CA ALA C 31 -0.47 5.63 25.18
C ALA C 31 -1.48 4.78 25.92
N VAL C 32 -2.26 3.99 25.18
CA VAL C 32 -3.20 3.03 25.80
C VAL C 32 -3.25 1.73 25.00
N ASP C 33 -3.17 0.61 25.71
CA ASP C 33 -3.31 -0.70 25.09
C ASP C 33 -4.79 -1.02 24.99
N TYR C 34 -5.23 -1.57 23.87
CA TYR C 34 -6.66 -1.82 23.68
C TYR C 34 -6.89 -3.30 23.60
N PRO C 35 -8.09 -3.77 24.00
CA PRO C 35 -8.41 -5.18 23.82
C PRO C 35 -8.44 -5.49 22.35
N ILE C 36 -8.55 -6.77 22.02
CA ILE C 36 -8.65 -7.18 20.63
C ILE C 36 -9.67 -8.29 20.55
N MET C 37 -10.55 -8.22 19.54
CA MET C 37 -11.50 -9.29 19.33
C MET C 37 -11.20 -10.03 18.03
N ILE C 38 -11.11 -11.36 18.14
CA ILE C 38 -10.98 -12.23 16.99
C ILE C 38 -12.35 -12.74 16.59
N ILE C 39 -12.72 -12.49 15.33
CA ILE C 39 -14.01 -12.92 14.80
C ILE C 39 -13.91 -14.07 13.81
N CYS C 40 -14.64 -15.15 14.10
CA CYS C 40 -14.86 -16.26 13.18
C CYS C 40 -16.31 -16.19 12.75
N PRO C 41 -16.56 -15.79 11.50
CA PRO C 41 -17.93 -15.63 11.00
C PRO C 41 -18.56 -16.99 10.67
N GLY C 42 -19.81 -16.98 10.24
CA GLY C 42 -20.48 -18.19 9.81
C GLY C 42 -20.32 -18.39 8.32
N GLY C 43 -21.20 -19.20 7.75
CA GLY C 43 -21.11 -19.56 6.36
C GLY C 43 -21.26 -21.08 6.19
N GLY C 44 -21.69 -21.74 7.26
CA GLY C 44 -22.02 -23.15 7.23
C GLY C 44 -20.86 -24.04 6.83
N PHE C 45 -19.65 -23.66 7.25
CA PHE C 45 -18.43 -24.40 6.97
C PHE C 45 -18.04 -24.49 5.52
N THR C 46 -18.79 -23.85 4.64
CA THR C 46 -18.48 -23.88 3.20
C THR C 46 -18.08 -22.52 2.67
N TYR C 47 -18.27 -21.48 3.48
CA TYR C 47 -17.78 -20.15 3.14
C TYR C 47 -17.68 -19.27 4.38
N HIS C 48 -17.12 -18.09 4.22
CA HIS C 48 -17.05 -17.12 5.31
C HIS C 48 -18.03 -15.98 5.01
N SER C 49 -19.07 -15.86 5.83
CA SER C 49 -20.13 -14.87 5.60
C SER C 49 -19.69 -13.43 5.90
N GLY C 50 -19.67 -12.60 4.86
CA GLY C 50 -19.36 -11.18 4.98
C GLY C 50 -20.31 -10.39 5.88
N ARG C 51 -21.55 -10.87 6.02
CA ARG C 51 -22.49 -10.27 6.97
C ARG C 51 -21.92 -10.31 8.37
N GLU C 52 -21.05 -11.26 8.66
CA GLU C 52 -20.57 -11.42 10.03
C GLU C 52 -19.09 -11.10 10.19
N GLU C 53 -18.53 -10.35 9.24
CA GLU C 53 -17.14 -9.95 9.35
C GLU C 53 -17.05 -8.43 9.62
N ALA C 54 -16.77 -7.64 8.60
CA ALA C 54 -16.62 -6.17 8.75
C ALA C 54 -17.74 -5.46 9.55
N PRO C 55 -19.03 -5.72 9.23
CA PRO C 55 -20.03 -4.95 9.97
C PRO C 55 -19.94 -5.22 11.47
N ILE C 56 -19.63 -6.46 11.84
CA ILE C 56 -19.48 -6.77 13.26
C ILE C 56 -18.17 -6.22 13.85
N ALA C 57 -17.08 -6.35 13.11
CA ALA C 57 -15.79 -5.81 13.54
C ALA C 57 -15.86 -4.27 13.75
N THR C 58 -16.61 -3.60 12.90
CA THR C 58 -16.66 -2.14 12.95
C THR C 58 -17.42 -1.71 14.17
N ARG C 59 -18.50 -2.42 14.49
CA ARG C 59 -19.29 -2.11 15.67
C ARG C 59 -18.46 -2.30 16.94
N MET C 60 -17.65 -3.34 16.97
CA MET C 60 -16.82 -3.61 18.15
C MET C 60 -15.63 -2.63 18.19
N MET C 61 -15.14 -2.24 17.02
CA MET C 61 -14.08 -1.24 16.94
C MET C 61 -14.53 0.12 17.45
N ALA C 62 -15.80 0.45 17.24
CA ALA C 62 -16.37 1.73 17.68
C ALA C 62 -16.34 1.87 19.18
N ALA C 63 -16.28 0.72 19.88
CA ALA C 63 -16.26 0.69 21.34
C ALA C 63 -14.84 0.63 21.89
N GLY C 64 -13.85 0.72 20.99
CA GLY C 64 -12.49 0.86 21.45
C GLY C 64 -11.70 -0.42 21.54
N MET C 65 -11.85 -1.28 20.55
CA MET C 65 -11.03 -2.49 20.49
C MET C 65 -10.50 -2.78 19.09
N HIS C 66 -9.32 -3.38 19.04
CA HIS C 66 -8.80 -3.95 17.81
C HIS C 66 -9.69 -5.13 17.43
N THR C 67 -9.76 -5.43 16.14
CA THR C 67 -10.45 -6.65 15.69
C THR C 67 -9.67 -7.36 14.59
N VAL C 68 -9.87 -8.66 14.51
CA VAL C 68 -9.25 -9.50 13.50
C VAL C 68 -10.30 -10.50 13.03
N VAL C 69 -10.44 -10.64 11.71
CA VAL C 69 -11.32 -11.65 11.15
C VAL C 69 -10.45 -12.83 10.71
N LEU C 70 -10.83 -14.02 11.17
CA LEU C 70 -10.07 -15.24 10.89
C LEU C 70 -10.81 -16.13 9.91
N ASN C 71 -10.22 -16.29 8.73
CA ASN C 71 -10.75 -17.22 7.74
C ASN C 71 -10.38 -18.66 8.08
N TYR C 72 -11.05 -19.24 9.07
CA TYR C 72 -10.78 -20.61 9.53
C TYR C 72 -11.05 -21.65 8.44
N GLN C 73 -10.42 -22.79 8.57
CA GLN C 73 -10.54 -23.89 7.61
C GLN C 73 -11.99 -24.21 7.28
N LEU C 74 -12.30 -24.28 5.99
CA LEU C 74 -13.63 -24.61 5.51
C LEU C 74 -13.65 -26.00 4.91
N ILE C 75 -14.80 -26.37 4.35
CA ILE C 75 -14.88 -27.57 3.53
C ILE C 75 -14.59 -27.17 2.09
N VAL C 76 -13.41 -27.50 1.61
CA VAL C 76 -13.04 -27.19 0.24
C VAL C 76 -12.04 -28.25 -0.09
N GLY C 77 -12.08 -28.75 -1.32
CA GLY C 77 -11.34 -29.97 -1.62
C GLY C 77 -11.97 -31.03 -0.75
N ASP C 78 -11.24 -32.09 -0.42
CA ASP C 78 -11.80 -33.10 0.46
C ASP C 78 -11.46 -32.74 1.90
N GLN C 79 -11.28 -31.45 2.16
CA GLN C 79 -10.86 -31.01 3.48
C GLN C 79 -12.01 -30.94 4.47
N SER C 80 -11.73 -31.39 5.69
N SER C 80 -11.70 -31.35 5.69
CA SER C 80 -12.66 -31.17 6.79
CA SER C 80 -12.59 -31.17 6.82
C SER C 80 -12.18 -29.96 7.60
C SER C 80 -12.19 -29.91 7.56
N VAL C 81 -13.07 -29.42 8.43
CA VAL C 81 -12.78 -28.23 9.23
C VAL C 81 -11.75 -28.53 10.31
N TYR C 82 -11.85 -29.70 10.92
CA TYR C 82 -11.09 -30.03 12.12
C TYR C 82 -10.02 -31.09 11.82
N PRO C 83 -8.92 -31.10 12.61
CA PRO C 83 -8.62 -30.22 13.75
C PRO C 83 -7.98 -28.88 13.34
N TRP C 84 -7.89 -28.63 12.05
CA TRP C 84 -7.09 -27.50 11.52
C TRP C 84 -7.55 -26.15 12.07
N ALA C 85 -8.86 -25.93 12.06
CA ALA C 85 -9.43 -24.65 12.49
C ALA C 85 -9.04 -24.27 13.91
N LEU C 86 -8.77 -25.28 14.73
CA LEU C 86 -8.43 -25.02 16.12
C LEU C 86 -6.98 -24.55 16.21
N GLN C 87 -6.15 -25.03 15.29
CA GLN C 87 -4.75 -24.62 15.22
C GLN C 87 -4.64 -23.20 14.68
N GLN C 88 -5.53 -22.87 13.77
CA GLN C 88 -5.52 -21.55 13.15
C GLN C 88 -5.87 -20.48 14.18
N LEU C 89 -6.78 -20.81 15.09
CA LEU C 89 -7.10 -19.91 16.19
C LEU C 89 -5.90 -19.70 17.12
N GLY C 90 -5.21 -20.78 17.45
CA GLY C 90 -4.03 -20.69 18.30
C GLY C 90 -2.92 -19.87 17.67
N ALA C 91 -2.69 -20.07 16.38
CA ALA C 91 -1.68 -19.31 15.68
C ALA C 91 -2.08 -17.82 15.59
N THR C 92 -3.38 -17.54 15.48
CA THR C 92 -3.82 -16.15 15.37
C THR C 92 -3.57 -15.42 16.69
N ILE C 93 -4.03 -16.01 17.79
CA ILE C 93 -3.74 -15.50 19.13
C ILE C 93 -2.24 -15.37 19.34
N ASP C 94 -1.47 -16.38 18.93
CA ASP C 94 -0.03 -16.30 19.00
C ASP C 94 0.51 -15.09 18.24
N TRP C 95 0.12 -14.96 16.98
CA TRP C 95 0.56 -13.83 16.16
C TRP C 95 0.21 -12.49 16.79
N ILE C 96 -0.94 -12.43 17.46
CA ILE C 96 -1.34 -11.22 18.14
C ILE C 96 -0.32 -10.81 19.20
N THR C 97 0.13 -11.79 19.99
CA THR C 97 1.12 -11.51 21.03
C THR C 97 2.37 -10.88 20.43
N THR C 98 2.74 -11.32 19.23
CA THR C 98 3.90 -10.74 18.56
C THR C 98 3.67 -9.35 17.97
N GLN C 99 2.42 -8.91 17.87
CA GLN C 99 2.13 -7.59 17.33
C GLN C 99 1.78 -6.61 18.44
N ALA C 100 1.73 -7.09 19.68
CA ALA C 100 1.19 -6.31 20.79
C ALA C 100 1.82 -4.93 20.98
N SER C 101 3.14 -4.85 20.86
CA SER C 101 3.86 -3.60 21.08
C SER C 101 3.63 -2.58 19.97
N ALA C 102 3.70 -3.05 18.73
CA ALA C 102 3.52 -2.14 17.61
C ALA C 102 2.09 -1.58 17.58
N HIS C 103 1.12 -2.35 18.06
CA HIS C 103 -0.28 -1.90 17.92
C HIS C 103 -0.97 -1.60 19.23
N HIS C 104 -0.23 -1.70 20.33
CA HIS C 104 -0.78 -1.46 21.66
C HIS C 104 -1.96 -2.38 21.92
N VAL C 105 -1.68 -3.67 21.93
CA VAL C 105 -2.70 -4.65 22.24
C VAL C 105 -2.57 -5.11 23.67
N ASP C 106 -3.69 -5.17 24.37
CA ASP C 106 -3.70 -5.71 25.70
C ASP C 106 -3.94 -7.22 25.66
N CYS C 107 -2.87 -8.01 25.68
CA CYS C 107 -3.00 -9.47 25.57
C CYS C 107 -3.75 -10.12 26.74
N GLN C 108 -4.03 -9.33 27.77
CA GLN C 108 -4.87 -9.82 28.85
C GLN C 108 -6.34 -9.67 28.45
N ARG C 109 -6.57 -9.04 27.31
CA ARG C 109 -7.93 -8.75 26.84
C ARG C 109 -8.15 -9.22 25.40
N ILE C 110 -7.92 -10.50 25.17
CA ILE C 110 -8.16 -11.10 23.88
C ILE C 110 -9.49 -11.81 23.96
N ILE C 111 -10.42 -11.40 23.10
CA ILE C 111 -11.76 -11.96 23.10
C ILE C 111 -12.00 -12.71 21.79
N LEU C 112 -12.74 -13.81 21.83
CA LEU C 112 -13.10 -14.53 20.62
C LEU C 112 -14.59 -14.42 20.35
N ALA C 113 -14.97 -14.08 19.12
CA ALA C 113 -16.38 -14.04 18.74
C ALA C 113 -16.67 -15.03 17.62
N GLY C 114 -17.68 -15.89 17.82
CA GLY C 114 -18.05 -16.87 16.83
C GLY C 114 -19.51 -16.74 16.47
N PHE C 115 -19.82 -16.89 15.19
CA PHE C 115 -21.20 -16.84 14.78
C PHE C 115 -21.56 -18.08 14.00
N SER C 116 -22.69 -18.69 14.34
CA SER C 116 -23.18 -19.90 13.68
C SER C 116 -22.08 -20.95 13.63
N ALA C 117 -21.72 -21.39 12.42
CA ALA C 117 -20.58 -22.29 12.26
C ALA C 117 -19.30 -21.78 12.93
N GLY C 118 -19.06 -20.47 12.82
CA GLY C 118 -17.91 -19.86 13.48
C GLY C 118 -17.95 -20.08 14.99
N GLY C 119 -19.15 -20.12 15.56
CA GLY C 119 -19.30 -20.33 16.98
C GLY C 119 -18.84 -21.70 17.42
N HIS C 120 -18.97 -22.69 16.55
CA HIS C 120 -18.49 -24.04 16.89
C HIS C 120 -16.99 -24.02 17.12
N VAL C 121 -16.26 -23.42 16.19
CA VAL C 121 -14.81 -23.30 16.34
C VAL C 121 -14.47 -22.56 17.61
N VAL C 122 -15.14 -21.43 17.86
CA VAL C 122 -14.88 -20.71 19.09
C VAL C 122 -15.32 -21.52 20.32
N ALA C 123 -16.54 -22.05 20.29
CA ALA C 123 -16.98 -22.87 21.45
C ALA C 123 -16.05 -24.05 21.70
N THR C 124 -15.73 -24.80 20.64
CA THR C 124 -14.80 -25.92 20.76
C THR C 124 -13.47 -25.43 21.27
N TYR C 125 -12.97 -24.33 20.70
CA TYR C 125 -11.64 -23.86 21.07
C TYR C 125 -11.58 -23.54 22.55
N ASN C 126 -12.63 -22.87 23.04
CA ASN C 126 -12.75 -22.53 24.45
C ASN C 126 -12.67 -23.76 25.35
N GLY C 127 -13.26 -24.86 24.89
CA GLY C 127 -13.08 -26.14 25.52
C GLY C 127 -11.66 -26.68 25.35
N VAL C 128 -11.24 -26.88 24.09
CA VAL C 128 -9.97 -27.54 23.79
C VAL C 128 -8.75 -26.82 24.34
N ALA C 129 -8.69 -25.51 24.15
CA ALA C 129 -7.50 -24.73 24.46
C ALA C 129 -7.31 -24.45 25.94
N THR C 130 -8.31 -24.78 26.75
CA THR C 130 -8.20 -24.64 28.19
C THR C 130 -7.77 -25.95 28.88
N GLN C 131 -8.00 -27.10 28.23
CA GLN C 131 -7.58 -28.40 28.77
C GLN C 131 -6.40 -29.00 27.99
N PRO C 132 -5.17 -28.94 28.56
CA PRO C 132 -3.98 -29.57 27.98
C PRO C 132 -4.11 -31.02 27.44
N GLU C 133 -5.08 -31.80 27.93
CA GLU C 133 -5.33 -33.12 27.33
C GLU C 133 -5.74 -32.91 25.87
N LEU C 134 -6.79 -32.12 25.66
CA LEU C 134 -7.26 -31.86 24.31
C LEU C 134 -6.36 -30.88 23.55
N ARG C 135 -5.58 -30.10 24.31
CA ARG C 135 -4.59 -29.21 23.72
C ARG C 135 -3.62 -30.03 22.90
N THR C 136 -2.93 -30.93 23.59
CA THR C 136 -1.92 -31.78 22.96
C THR C 136 -2.48 -32.62 21.80
N ARG C 137 -3.57 -33.34 22.04
CA ARG C 137 -4.23 -34.09 20.95
C ARG C 137 -4.47 -33.27 19.67
N TYR C 138 -4.72 -31.97 19.82
CA TYR C 138 -5.12 -31.17 18.69
C TYR C 138 -4.03 -30.18 18.22
N HIS C 139 -2.85 -30.32 18.82
CA HIS C 139 -1.60 -29.71 18.33
C HIS C 139 -1.51 -28.21 18.58
N LEU C 140 -1.97 -27.77 19.76
CA LEU C 140 -1.99 -26.34 20.09
C LEU C 140 -0.82 -25.92 20.98
N ASP C 141 0.03 -26.90 21.29
CA ASP C 141 1.15 -26.66 22.18
C ASP C 141 2.16 -25.73 21.50
N HIS C 142 2.94 -25.00 22.30
CA HIS C 142 4.00 -24.11 21.80
C HIS C 142 3.51 -22.74 21.26
N TYR C 143 2.18 -22.56 21.15
CA TYR C 143 1.59 -21.26 20.80
C TYR C 143 1.44 -20.35 22.01
N GLN C 144 1.94 -19.12 21.91
CA GLN C 144 1.84 -18.11 22.96
C GLN C 144 0.44 -17.50 23.11
N GLY C 145 0.22 -16.86 24.25
CA GLY C 145 -1.01 -16.14 24.52
C GLY C 145 -2.23 -17.00 24.74
N GLN C 146 -3.31 -16.38 25.22
CA GLN C 146 -4.57 -17.09 25.52
C GLN C 146 -5.73 -16.10 25.53
N HIS C 147 -6.93 -16.57 25.21
CA HIS C 147 -8.10 -15.70 25.21
C HIS C 147 -8.74 -15.60 26.60
N ALA C 148 -9.34 -14.44 26.87
CA ALA C 148 -9.91 -14.15 28.20
C ALA C 148 -11.42 -14.40 28.29
N ALA C 149 -12.08 -14.51 27.14
CA ALA C 149 -13.53 -14.64 27.09
C ALA C 149 -13.97 -14.92 25.66
N ILE C 150 -15.14 -15.50 25.52
CA ILE C 150 -15.74 -15.68 24.20
C ILE C 150 -17.13 -15.01 24.09
N ILE C 151 -17.54 -14.74 22.85
CA ILE C 151 -18.90 -14.29 22.54
C ILE C 151 -19.44 -15.18 21.43
N LEU C 152 -20.63 -15.75 21.64
CA LEU C 152 -21.21 -16.65 20.65
C LEU C 152 -22.58 -16.15 20.21
N GLY C 153 -22.75 -15.90 18.92
CA GLY C 153 -24.05 -15.51 18.39
C GLY C 153 -24.64 -16.66 17.58
N TYR C 154 -25.83 -17.11 17.98
CA TYR C 154 -26.52 -18.24 17.34
C TYR C 154 -25.58 -19.37 16.90
N PRO C 155 -24.75 -19.84 17.84
CA PRO C 155 -23.66 -20.73 17.46
C PRO C 155 -24.15 -22.15 17.22
N VAL C 156 -23.53 -22.80 16.23
CA VAL C 156 -23.60 -24.24 16.11
C VAL C 156 -22.78 -24.79 17.26
N ILE C 157 -23.41 -25.61 18.10
CA ILE C 157 -22.72 -26.21 19.24
C ILE C 157 -22.66 -27.74 19.11
N ASP C 158 -23.67 -28.34 18.48
CA ASP C 158 -23.84 -29.80 18.36
C ASP C 158 -24.25 -30.09 16.91
N LEU C 159 -23.49 -30.96 16.23
CA LEU C 159 -23.71 -31.26 14.80
C LEU C 159 -24.85 -32.27 14.57
N THR C 160 -25.27 -32.94 15.64
CA THR C 160 -26.41 -33.85 15.59
C THR C 160 -27.68 -33.16 16.07
N ALA C 161 -27.63 -31.84 16.26
CA ALA C 161 -28.74 -31.11 16.85
C ALA C 161 -29.49 -30.26 15.85
N GLY C 162 -29.54 -30.73 14.61
CA GLY C 162 -30.36 -30.08 13.60
C GLY C 162 -29.52 -29.57 12.46
N PHE C 163 -28.37 -28.99 12.79
CA PHE C 163 -27.42 -28.59 11.78
C PHE C 163 -26.11 -29.35 11.95
N PRO C 164 -25.63 -29.97 10.86
CA PRO C 164 -26.31 -29.96 9.55
C PRO C 164 -27.42 -31.01 9.40
N THR C 165 -28.34 -30.78 8.47
CA THR C 165 -29.48 -31.68 8.26
C THR C 165 -29.03 -33.11 7.98
N THR C 166 -28.54 -33.34 6.76
CA THR C 166 -28.17 -34.69 6.36
C THR C 166 -26.96 -35.19 7.16
N SER C 167 -26.76 -36.50 7.12
CA SER C 167 -25.59 -37.09 7.74
C SER C 167 -24.36 -36.85 6.87
N ALA C 168 -24.57 -36.81 5.55
CA ALA C 168 -23.47 -36.61 4.59
C ALA C 168 -22.82 -35.24 4.77
N ALA C 169 -23.59 -34.27 5.25
CA ALA C 169 -23.05 -32.96 5.59
C ALA C 169 -22.30 -32.92 6.94
N ARG C 170 -22.73 -33.75 7.91
CA ARG C 170 -22.02 -33.90 9.20
C ARG C 170 -20.59 -34.18 8.88
N ASN C 171 -20.44 -35.23 8.08
CA ASN C 171 -19.18 -35.89 7.84
C ASN C 171 -18.18 -34.99 7.12
N GLN C 172 -18.66 -34.21 6.15
CA GLN C 172 -17.82 -33.25 5.44
C GLN C 172 -17.15 -32.29 6.43
N ILE C 173 -17.90 -31.90 7.47
CA ILE C 173 -17.37 -31.06 8.55
C ILE C 173 -16.31 -31.81 9.35
N THR C 174 -16.58 -33.06 9.68
CA THR C 174 -15.60 -33.89 10.39
C THR C 174 -15.99 -35.37 10.54
N THR C 175 -14.98 -36.23 10.36
CA THR C 175 -15.04 -37.62 10.81
C THR C 175 -14.30 -37.71 12.14
N ASP C 176 -14.57 -36.73 12.99
CA ASP C 176 -14.21 -36.81 14.39
C ASP C 176 -15.46 -36.45 15.21
N ALA C 177 -16.25 -37.47 15.54
CA ALA C 177 -17.52 -37.26 16.25
C ALA C 177 -17.27 -36.79 17.68
N ARG C 178 -16.08 -37.07 18.20
CA ARG C 178 -15.67 -36.64 19.54
C ARG C 178 -15.94 -35.17 19.86
N LEU C 179 -15.83 -34.30 18.86
CA LEU C 179 -16.25 -32.92 19.04
C LEU C 179 -17.33 -32.51 18.05
N TRP C 180 -18.29 -33.40 17.81
CA TRP C 180 -19.50 -33.01 17.09
C TRP C 180 -20.29 -32.04 17.95
N ALA C 181 -19.98 -32.02 19.24
CA ALA C 181 -20.79 -31.34 20.24
C ALA C 181 -19.94 -30.64 21.30
N ALA C 182 -19.81 -29.33 21.15
CA ALA C 182 -19.00 -28.53 22.05
C ALA C 182 -19.59 -28.47 23.45
N GLN C 183 -20.86 -28.85 23.61
CA GLN C 183 -21.50 -28.79 24.92
C GLN C 183 -20.80 -29.73 25.90
N ARG C 184 -20.55 -30.96 25.45
CA ARG C 184 -19.94 -32.00 26.27
C ARG C 184 -18.41 -31.84 26.42
N LEU C 185 -17.87 -30.73 25.92
CA LEU C 185 -16.43 -30.46 26.04
C LEU C 185 -16.11 -29.36 27.07
N VAL C 186 -17.14 -28.76 27.66
CA VAL C 186 -16.93 -27.73 28.66
C VAL C 186 -16.45 -28.28 30.00
N THR C 187 -15.43 -27.66 30.58
CA THR C 187 -14.98 -27.97 31.94
C THR C 187 -14.87 -26.65 32.70
N PRO C 188 -14.61 -26.69 34.02
CA PRO C 188 -14.39 -25.45 34.79
C PRO C 188 -13.25 -24.55 34.27
N ALA C 189 -12.41 -25.11 33.42
CA ALA C 189 -11.27 -24.40 32.86
C ALA C 189 -11.67 -23.29 31.87
N SER C 190 -12.86 -23.44 31.28
CA SER C 190 -13.32 -22.60 30.19
C SER C 190 -13.41 -21.12 30.51
N LYS C 191 -13.18 -20.30 29.49
CA LYS C 191 -13.24 -18.86 29.64
C LYS C 191 -14.71 -18.43 29.64
N PRO C 192 -15.01 -17.32 30.32
CA PRO C 192 -16.40 -16.81 30.40
C PRO C 192 -17.04 -16.56 29.03
N ALA C 193 -18.31 -16.94 28.89
CA ALA C 193 -18.99 -16.85 27.60
C ALA C 193 -20.21 -15.94 27.65
N PHE C 194 -20.30 -14.98 26.72
CA PHE C 194 -21.54 -14.27 26.45
C PHE C 194 -22.22 -14.95 25.27
N VAL C 195 -23.45 -15.39 25.46
CA VAL C 195 -24.12 -16.17 24.44
C VAL C 195 -25.48 -15.60 24.08
N TRP C 196 -25.79 -15.53 22.80
CA TRP C 196 -27.13 -15.16 22.37
C TRP C 196 -27.60 -15.93 21.16
N GLN C 197 -28.90 -16.09 21.05
CA GLN C 197 -29.51 -16.76 19.92
C GLN C 197 -30.97 -16.35 19.93
N THR C 198 -31.69 -16.61 18.86
CA THR C 198 -33.14 -16.43 18.86
C THR C 198 -33.77 -17.76 19.15
N ALA C 199 -34.99 -17.73 19.69
CA ALA C 199 -35.72 -18.93 20.07
C ALA C 199 -36.37 -19.60 18.86
N THR C 200 -36.55 -18.83 17.79
CA THR C 200 -37.24 -19.31 16.61
C THR C 200 -36.25 -19.68 15.48
N ASP C 201 -35.02 -20.01 15.88
CA ASP C 201 -33.99 -20.35 14.91
C ASP C 201 -34.31 -21.70 14.25
N GLU C 202 -34.88 -21.66 13.05
CA GLU C 202 -35.20 -22.85 12.28
C GLU C 202 -33.92 -23.61 11.95
N SER C 203 -33.00 -22.90 11.31
CA SER C 203 -31.75 -23.47 10.82
C SER C 203 -30.85 -24.17 11.88
N VAL C 204 -30.68 -23.55 13.04
CA VAL C 204 -29.79 -24.08 14.09
C VAL C 204 -30.48 -24.05 15.46
N PRO C 205 -31.27 -25.10 15.77
CA PRO C 205 -32.08 -25.21 16.99
C PRO C 205 -31.47 -24.62 18.28
N PRO C 206 -32.27 -23.80 19.00
CA PRO C 206 -31.90 -23.09 20.22
C PRO C 206 -31.29 -23.99 21.28
N ILE C 207 -31.62 -25.27 21.24
CA ILE C 207 -31.09 -26.25 22.16
C ILE C 207 -29.57 -26.21 22.17
N ASN C 208 -28.99 -25.92 21.01
CA ASN C 208 -27.55 -25.72 20.85
C ASN C 208 -26.95 -24.76 21.88
N SER C 209 -27.39 -23.51 21.85
CA SER C 209 -26.86 -22.51 22.77
C SER C 209 -27.27 -22.88 24.19
N LEU C 210 -28.50 -23.35 24.32
CA LEU C 210 -29.01 -23.74 25.62
C LEU C 210 -28.08 -24.77 26.27
N LYS C 211 -27.70 -25.80 25.50
CA LYS C 211 -26.82 -26.85 26.01
C LYS C 211 -25.45 -26.35 26.47
N TYR C 212 -24.88 -25.41 25.74
CA TYR C 212 -23.57 -24.89 26.11
C TYR C 212 -23.63 -24.10 27.39
N VAL C 213 -24.65 -23.24 27.51
CA VAL C 213 -24.86 -22.46 28.73
C VAL C 213 -25.16 -23.42 29.90
N GLN C 214 -26.09 -24.33 29.67
CA GLN C 214 -26.44 -25.34 30.66
C GLN C 214 -25.17 -26.00 31.17
N ALA C 215 -24.30 -26.37 30.24
CA ALA C 215 -23.00 -26.93 30.59
C ALA C 215 -22.07 -25.90 31.24
N MET C 216 -22.16 -24.63 30.84
CA MET C 216 -21.27 -23.60 31.39
C MET C 216 -21.59 -23.31 32.87
N LEU C 217 -22.84 -23.53 33.26
CA LEU C 217 -23.22 -23.33 34.64
C LEU C 217 -22.91 -24.57 35.45
N GLN C 218 -23.20 -25.73 34.86
CA GLN C 218 -23.01 -27.00 35.56
C GLN C 218 -21.55 -27.30 35.88
N HIS C 219 -20.62 -26.58 35.24
CA HIS C 219 -19.21 -26.58 35.68
C HIS C 219 -18.83 -25.17 36.12
N GLN C 220 -19.85 -24.39 36.50
CA GLN C 220 -19.70 -23.05 37.07
C GLN C 220 -18.73 -22.07 36.39
N VAL C 221 -18.92 -21.77 35.12
CA VAL C 221 -18.11 -20.72 34.51
C VAL C 221 -18.93 -19.44 34.36
N ALA C 222 -18.36 -18.28 34.70
CA ALA C 222 -19.11 -17.02 34.58
C ALA C 222 -19.64 -16.90 33.16
N THR C 223 -20.93 -16.66 33.03
CA THR C 223 -21.58 -16.69 31.74
C THR C 223 -22.84 -15.80 31.72
N ALA C 224 -23.36 -15.54 30.53
CA ALA C 224 -24.59 -14.75 30.36
C ALA C 224 -25.21 -15.15 29.03
N TYR C 225 -26.53 -15.21 28.99
CA TYR C 225 -27.24 -15.82 27.88
C TYR C 225 -28.46 -14.99 27.52
N HIS C 226 -28.65 -14.74 26.23
CA HIS C 226 -29.85 -14.06 25.79
C HIS C 226 -30.52 -14.76 24.61
N LEU C 227 -31.66 -15.37 24.90
CA LEU C 227 -32.45 -16.06 23.90
C LEU C 227 -33.64 -15.20 23.53
N PHE C 228 -33.47 -14.37 22.51
CA PHE C 228 -34.54 -13.45 22.10
C PHE C 228 -35.75 -14.22 21.56
N GLY C 229 -36.93 -13.61 21.72
CA GLY C 229 -38.18 -14.26 21.38
C GLY C 229 -38.38 -14.57 19.90
N SER C 230 -38.16 -13.57 19.06
CA SER C 230 -38.35 -13.72 17.62
C SER C 230 -37.03 -13.70 16.88
N GLY C 231 -37.06 -13.92 15.56
CA GLY C 231 -35.88 -13.81 14.73
C GLY C 231 -35.36 -15.10 14.09
N ILE C 232 -35.06 -15.03 12.80
CA ILE C 232 -34.47 -16.14 12.05
C ILE C 232 -32.98 -16.34 12.38
N HIS C 233 -32.41 -17.42 11.89
CA HIS C 233 -30.96 -17.63 11.96
C HIS C 233 -30.18 -16.52 11.24
N GLY C 234 -28.96 -16.26 11.69
CA GLY C 234 -28.06 -15.34 11.00
C GLY C 234 -28.48 -13.88 10.98
N LEU C 235 -29.00 -13.39 12.10
CA LEU C 235 -29.41 -12.00 12.20
C LEU C 235 -28.23 -11.02 12.07
N ALA C 236 -27.04 -11.48 12.46
CA ALA C 236 -25.85 -10.65 12.57
C ALA C 236 -26.11 -9.45 13.49
N LEU C 237 -26.11 -8.23 12.94
CA LEU C 237 -26.40 -7.05 13.74
C LEU C 237 -27.89 -6.83 13.91
N ALA C 238 -28.67 -7.58 13.14
CA ALA C 238 -30.13 -7.54 13.18
C ALA C 238 -30.71 -6.16 12.88
N ASN C 239 -29.96 -5.38 12.11
CA ASN C 239 -30.44 -4.08 11.67
C ASN C 239 -30.16 -3.83 10.20
N HIS C 240 -30.31 -2.57 9.78
CA HIS C 240 -30.21 -2.23 8.36
C HIS C 240 -28.82 -2.44 7.77
N VAL C 241 -27.81 -2.47 8.62
CA VAL C 241 -26.45 -2.65 8.13
C VAL C 241 -26.25 -4.06 7.59
N THR C 242 -26.72 -5.05 8.33
CA THR C 242 -26.55 -6.43 7.88
C THR C 242 -27.80 -7.01 7.19
N GLN C 243 -28.84 -6.19 7.04
CA GLN C 243 -30.07 -6.57 6.35
C GLN C 243 -29.82 -6.87 4.89
N LYS C 244 -30.09 -8.11 4.46
CA LYS C 244 -30.13 -8.41 3.03
C LYS C 244 -31.18 -7.50 2.38
N PRO C 245 -30.80 -6.79 1.31
CA PRO C 245 -31.65 -5.76 0.68
C PRO C 245 -33.10 -6.25 0.43
N GLY C 246 -34.07 -5.50 0.96
CA GLY C 246 -35.48 -5.80 0.77
C GLY C 246 -36.00 -7.00 1.55
N LYS C 247 -35.15 -7.59 2.37
CA LYS C 247 -35.52 -8.75 3.17
C LYS C 247 -35.74 -8.35 4.63
N ASP C 248 -37.01 -8.06 4.96
CA ASP C 248 -37.39 -7.61 6.29
C ASP C 248 -36.96 -8.58 7.39
N LYS C 249 -37.05 -9.89 7.11
CA LYS C 249 -36.71 -10.93 8.09
C LYS C 249 -35.35 -10.78 8.76
N TYR C 250 -34.45 -10.00 8.16
CA TYR C 250 -33.14 -9.73 8.77
C TYR C 250 -33.16 -8.57 9.77
N LEU C 251 -34.30 -7.88 9.85
CA LEU C 251 -34.52 -6.84 10.85
C LEU C 251 -35.16 -7.44 12.12
N ASN C 252 -34.61 -7.13 13.29
CA ASN C 252 -35.18 -7.53 14.59
C ASN C 252 -34.67 -6.59 15.69
N ASP C 253 -35.49 -5.61 16.06
CA ASP C 253 -34.97 -4.54 16.91
C ASP C 253 -34.69 -5.01 18.34
N GLN C 254 -35.38 -6.04 18.81
CA GLN C 254 -35.07 -6.61 20.12
C GLN C 254 -33.70 -7.29 20.10
N ALA C 255 -33.44 -8.10 19.08
CA ALA C 255 -32.11 -8.72 18.98
C ALA C 255 -31.01 -7.68 18.73
N ALA C 256 -31.37 -6.54 18.15
CA ALA C 256 -30.35 -5.55 17.76
C ALA C 256 -29.58 -4.91 18.94
N ILE C 257 -30.09 -5.08 20.15
CA ILE C 257 -29.38 -4.58 21.32
C ILE C 257 -28.21 -5.47 21.74
N TRP C 258 -28.03 -6.63 21.11
CA TRP C 258 -26.99 -7.55 21.59
C TRP C 258 -25.56 -6.99 21.67
N PRO C 259 -25.13 -6.14 20.69
CA PRO C 259 -23.78 -5.60 20.81
C PRO C 259 -23.62 -4.74 22.06
N GLN C 260 -24.63 -3.93 22.41
CA GLN C 260 -24.63 -3.21 23.68
C GLN C 260 -24.58 -4.14 24.89
N LEU C 261 -25.41 -5.18 24.91
CA LEU C 261 -25.36 -6.15 26.00
C LEU C 261 -23.96 -6.80 26.10
N ALA C 262 -23.39 -7.18 24.97
CA ALA C 262 -22.08 -7.82 24.94
C ALA C 262 -21.00 -6.89 25.49
N LEU C 263 -21.00 -5.64 25.03
CA LEU C 263 -20.01 -4.66 25.44
C LEU C 263 -20.07 -4.38 26.95
N ARG C 264 -21.28 -4.17 27.46
CA ARG C 264 -21.48 -3.97 28.89
C ARG C 264 -20.99 -5.22 29.65
N TRP C 265 -21.29 -6.40 29.12
CA TRP C 265 -20.81 -7.63 29.73
C TRP C 265 -19.28 -7.70 29.77
N LEU C 266 -18.61 -7.28 28.69
CA LEU C 266 -17.14 -7.21 28.69
C LEU C 266 -16.58 -6.21 29.71
N GLN C 267 -17.27 -5.08 29.89
CA GLN C 267 -16.83 -4.07 30.84
C GLN C 267 -16.92 -4.63 32.26
N GLU C 268 -18.01 -5.35 32.50
CA GLU C 268 -18.25 -6.05 33.75
C GLU C 268 -17.12 -7.02 34.07
N GLN C 269 -16.61 -7.71 33.05
CA GLN C 269 -15.54 -8.69 33.26
C GLN C 269 -14.17 -8.05 33.39
N GLY C 270 -14.10 -6.73 33.35
CA GLY C 270 -12.82 -6.05 33.35
C GLY C 270 -12.05 -6.25 32.06
N LEU C 271 -12.76 -6.61 30.99
CA LEU C 271 -12.12 -6.87 29.71
C LEU C 271 -12.22 -5.69 28.73
N LEU C 272 -12.94 -4.64 29.14
CA LEU C 272 -13.07 -3.46 28.31
C LEU C 272 -13.10 -2.31 29.29
N ALA C 273 -12.47 -1.19 28.94
CA ALA C 273 -12.54 0.00 29.81
C ALA C 273 -13.99 0.39 30.05
N GLY C 274 -14.28 0.94 31.22
CA GLY C 274 -15.66 1.28 31.58
C GLY C 274 -15.93 2.77 31.63
N ASN C 275 -17.21 3.13 31.76
CA ASN C 275 -17.61 4.54 31.69
C ASN C 275 -18.07 5.11 33.04
N TYR C 276 -17.80 4.53 34.11
N MET D 1 -13.48 -2.89 4.33
CA MET D 1 -13.17 -1.53 4.74
C MET D 1 -11.78 -1.12 4.24
N GLN D 2 -11.69 0.03 3.59
CA GLN D 2 -10.40 0.55 3.14
C GLN D 2 -10.18 1.95 3.68
N VAL D 3 -8.93 2.25 3.95
CA VAL D 3 -8.54 3.57 4.45
C VAL D 3 -7.74 4.32 3.38
N GLU D 4 -8.25 5.47 2.94
CA GLU D 4 -7.57 6.27 1.92
C GLU D 4 -7.15 7.61 2.50
N GLN D 5 -5.86 7.91 2.39
CA GLN D 5 -5.32 9.15 2.90
C GLN D 5 -4.62 9.88 1.77
N ARG D 6 -4.94 11.16 1.59
CA ARG D 6 -4.81 11.81 0.29
C ARG D 6 -4.87 13.34 0.34
N THR D 7 -4.08 13.98 -0.50
CA THR D 7 -4.20 15.41 -0.71
C THR D 7 -5.17 15.68 -1.85
N LEU D 8 -6.11 16.59 -1.65
CA LEU D 8 -6.97 17.10 -2.72
C LEU D 8 -6.40 18.46 -3.10
N ASN D 9 -6.32 18.75 -4.39
CA ASN D 9 -5.64 19.95 -4.85
C ASN D 9 -6.57 20.96 -5.52
N THR D 10 -7.86 20.70 -5.42
CA THR D 10 -8.87 21.43 -6.17
C THR D 10 -9.42 22.64 -5.44
N ALA D 11 -8.65 23.16 -4.49
CA ALA D 11 -8.93 24.41 -3.82
C ALA D 11 -7.64 25.24 -3.85
N ALA D 12 -7.75 26.53 -3.60
CA ALA D 12 -6.58 27.43 -3.51
C ALA D 12 -5.53 26.93 -2.51
N HIS D 13 -6.00 26.45 -1.37
CA HIS D 13 -5.14 25.81 -0.40
C HIS D 13 -5.41 24.31 -0.42
N PRO D 14 -4.49 23.53 -1.03
CA PRO D 14 -4.63 22.07 -1.03
C PRO D 14 -4.67 21.54 0.40
N PHE D 15 -5.18 20.33 0.58
CA PHE D 15 -5.44 19.83 1.91
C PHE D 15 -5.58 18.30 1.95
N GLN D 16 -5.25 17.71 3.10
CA GLN D 16 -5.37 16.27 3.25
C GLN D 16 -6.77 15.83 3.72
N ILE D 17 -7.24 14.69 3.21
CA ILE D 17 -8.37 14.01 3.78
C ILE D 17 -7.96 12.58 4.14
N THR D 18 -8.70 11.99 5.07
CA THR D 18 -8.59 10.56 5.31
C THR D 18 -9.99 9.97 5.17
N ALA D 19 -10.17 9.17 4.13
CA ALA D 19 -11.48 8.57 3.88
C ALA D 19 -11.52 7.14 4.42
N TYR D 20 -12.64 6.78 5.03
CA TYR D 20 -12.85 5.39 5.43
C TYR D 20 -14.03 4.85 4.63
N TRP D 21 -13.73 4.01 3.65
CA TRP D 21 -14.75 3.45 2.77
C TRP D 21 -15.28 2.15 3.32
N LEU D 22 -16.60 2.04 3.38
CA LEU D 22 -17.27 0.77 3.57
C LEU D 22 -17.03 -0.12 2.34
N ASP D 23 -16.84 -1.42 2.56
CA ASP D 23 -16.82 -2.35 1.44
C ASP D 23 -18.17 -3.02 1.33
N GLN D 24 -18.58 -3.37 0.10
CA GLN D 24 -19.84 -4.06 -0.10
C GLN D 24 -19.80 -5.41 0.59
N ILE D 25 -20.96 -5.86 1.05
CA ILE D 25 -21.01 -7.15 1.70
C ILE D 25 -21.16 -8.20 0.60
N SER D 26 -20.25 -9.18 0.60
CA SER D 26 -20.18 -10.14 -0.48
C SER D 26 -21.34 -11.12 -0.50
N ASP D 27 -22.15 -11.12 0.55
CA ASP D 27 -23.34 -12.00 0.59
C ASP D 27 -24.54 -11.34 -0.09
N PHE D 28 -24.52 -10.02 -0.20
CA PHE D 28 -25.64 -9.31 -0.82
C PHE D 28 -25.68 -9.58 -2.33
N GLU D 29 -26.80 -10.09 -2.81
CA GLU D 29 -26.96 -10.37 -4.24
C GLU D 29 -27.04 -9.09 -5.06
N THR D 30 -27.44 -7.99 -4.42
CA THR D 30 -27.41 -6.66 -5.06
C THR D 30 -26.41 -5.73 -4.36
N ALA D 31 -26.21 -4.55 -4.92
CA ALA D 31 -25.30 -3.58 -4.33
C ALA D 31 -26.11 -2.56 -3.53
N VAL D 32 -25.45 -1.82 -2.64
CA VAL D 32 -26.13 -0.77 -1.88
C VAL D 32 -25.27 0.47 -1.79
N ASP D 33 -25.84 1.62 -2.16
CA ASP D 33 -25.18 2.90 -1.95
C ASP D 33 -25.36 3.34 -0.50
N TYR D 34 -24.26 3.78 0.11
CA TYR D 34 -24.27 4.14 1.52
C TYR D 34 -24.15 5.65 1.63
N PRO D 35 -24.69 6.23 2.71
CA PRO D 35 -24.47 7.66 2.93
C PRO D 35 -22.99 7.90 3.28
N ILE D 36 -22.60 9.18 3.30
CA ILE D 36 -21.24 9.51 3.68
C ILE D 36 -21.24 10.73 4.60
N MET D 37 -20.44 10.65 5.66
CA MET D 37 -20.28 11.78 6.58
C MET D 37 -18.87 12.37 6.50
N ILE D 38 -18.79 13.67 6.22
CA ILE D 38 -17.54 14.42 6.27
C ILE D 38 -17.41 14.99 7.69
N ILE D 39 -16.28 14.70 8.35
CA ILE D 39 -16.03 15.17 9.71
C ILE D 39 -14.93 16.24 9.80
N CYS D 40 -15.31 17.41 10.32
CA CYS D 40 -14.39 18.50 10.62
C CYS D 40 -14.19 18.55 12.13
N PRO D 41 -13.06 18.01 12.62
CA PRO D 41 -12.82 17.97 14.07
C PRO D 41 -12.58 19.35 14.67
N GLY D 42 -12.44 19.42 15.99
CA GLY D 42 -12.01 20.63 16.65
C GLY D 42 -10.50 20.70 16.80
N GLY D 43 -10.04 21.55 17.72
CA GLY D 43 -8.62 21.81 17.91
C GLY D 43 -8.37 23.31 18.00
N GLY D 44 -9.45 24.06 18.17
CA GLY D 44 -9.39 25.50 18.34
C GLY D 44 -8.73 26.27 17.22
N PHE D 45 -8.85 25.76 16.00
CA PHE D 45 -8.34 26.41 14.79
C PHE D 45 -6.82 26.39 14.65
N THR D 46 -6.13 25.71 15.57
CA THR D 46 -4.68 25.62 15.51
C THR D 46 -4.18 24.20 15.33
N TYR D 47 -5.09 23.24 15.50
CA TYR D 47 -4.79 21.85 15.19
C TYR D 47 -6.09 21.08 14.94
N HIS D 48 -5.93 19.84 14.48
CA HIS D 48 -7.05 18.94 14.30
C HIS D 48 -7.01 17.89 15.39
N SER D 49 -8.02 17.91 16.27
CA SER D 49 -8.07 17.03 17.43
C SER D 49 -8.42 15.59 17.05
N GLY D 50 -7.51 14.66 17.37
CA GLY D 50 -7.71 13.25 17.08
C GLY D 50 -8.90 12.65 17.82
N ARG D 51 -9.24 13.23 18.98
CA ARG D 51 -10.38 12.73 19.76
C ARG D 51 -11.65 12.79 18.95
N GLU D 52 -11.67 13.67 17.95
CA GLU D 52 -12.87 13.91 17.18
C GLU D 52 -12.70 13.48 15.72
N GLU D 53 -11.74 12.61 15.46
CA GLU D 53 -11.54 12.10 14.12
C GLU D 53 -11.96 10.63 14.03
N ALA D 54 -11.01 9.71 13.96
CA ALA D 54 -11.33 8.28 13.88
C ALA D 54 -12.37 7.75 14.89
N PRO D 55 -12.22 8.07 16.20
CA PRO D 55 -13.22 7.53 17.12
C PRO D 55 -14.64 7.86 16.71
N ILE D 56 -14.89 9.09 16.27
CA ILE D 56 -16.24 9.47 15.86
C ILE D 56 -16.59 8.84 14.51
N ALA D 57 -15.61 8.84 13.59
CA ALA D 57 -15.85 8.24 12.29
C ALA D 57 -16.18 6.74 12.41
N THR D 58 -15.52 6.04 13.33
CA THR D 58 -15.75 4.61 13.49
C THR D 58 -17.16 4.35 14.00
N ARG D 59 -17.61 5.16 14.97
CA ARG D 59 -18.96 5.01 15.50
C ARG D 59 -19.99 5.23 14.40
N MET D 60 -19.74 6.19 13.52
CA MET D 60 -20.69 6.45 12.45
C MET D 60 -20.61 5.35 11.39
N MET D 61 -19.41 4.88 11.12
CA MET D 61 -19.23 3.77 10.17
C MET D 61 -19.94 2.52 10.59
N ALA D 62 -20.00 2.29 11.90
CA ALA D 62 -20.68 1.12 12.46
C ALA D 62 -22.15 1.13 12.15
N ALA D 63 -22.67 2.31 11.83
CA ALA D 63 -24.09 2.48 11.51
C ALA D 63 -24.31 2.35 10.00
N GLY D 64 -23.25 2.04 9.27
CA GLY D 64 -23.41 1.80 7.86
C GLY D 64 -23.26 3.02 6.98
N MET D 65 -22.24 3.84 7.26
CA MET D 65 -21.93 4.92 6.34
C MET D 65 -20.43 5.08 6.09
N HIS D 66 -20.08 5.56 4.90
CA HIS D 66 -18.71 5.97 4.62
C HIS D 66 -18.43 7.19 5.48
N THR D 67 -17.17 7.41 5.83
CA THR D 67 -16.79 8.65 6.49
C THR D 67 -15.51 9.19 5.90
N VAL D 68 -15.39 10.52 5.97
CA VAL D 68 -14.18 11.20 5.52
C VAL D 68 -13.80 12.23 6.56
N VAL D 69 -12.51 12.28 6.91
CA VAL D 69 -12.04 13.32 7.81
C VAL D 69 -11.30 14.40 7.02
N LEU D 70 -11.77 15.64 7.18
CA LEU D 70 -11.20 16.77 6.45
C LEU D 70 -10.29 17.60 7.35
N ASN D 71 -9.00 17.68 6.98
CA ASN D 71 -8.08 18.60 7.65
C ASN D 71 -8.23 20.03 7.13
N TYR D 72 -9.24 20.75 7.58
CA TYR D 72 -9.49 22.11 7.09
C TYR D 72 -8.39 23.09 7.51
N GLN D 73 -8.30 24.20 6.79
CA GLN D 73 -7.29 25.24 7.03
C GLN D 73 -7.19 25.69 8.49
N LEU D 74 -5.98 25.70 9.02
CA LEU D 74 -5.74 26.12 10.39
C LEU D 74 -5.06 27.49 10.41
N ILE D 75 -4.77 27.99 11.62
CA ILE D 75 -3.93 29.17 11.79
C ILE D 75 -2.49 28.69 11.87
N VAL D 76 -1.82 28.67 10.75
CA VAL D 76 -0.47 28.15 10.76
C VAL D 76 0.31 29.05 9.84
N GLY D 77 1.56 29.29 10.20
CA GLY D 77 2.32 30.31 9.50
C GLY D 77 1.67 31.64 9.79
N ASP D 78 0.94 32.16 8.81
CA ASP D 78 0.36 33.47 8.96
C ASP D 78 -1.04 33.42 8.41
N GLN D 79 -1.51 32.20 8.19
CA GLN D 79 -2.76 32.00 7.49
C GLN D 79 -3.93 32.22 8.40
N SER D 80 -5.05 32.64 7.82
N SER D 80 -5.05 32.61 7.79
CA SER D 80 -6.32 32.63 8.53
CA SER D 80 -6.34 32.64 8.45
C SER D 80 -7.15 31.45 8.01
C SER D 80 -7.11 31.39 8.02
N VAL D 81 -8.08 31.00 8.83
CA VAL D 81 -8.94 29.85 8.50
C VAL D 81 -9.79 30.12 7.25
N TYR D 82 -10.36 31.32 7.17
CA TYR D 82 -11.31 31.66 6.11
C TYR D 82 -10.69 32.61 5.09
N PRO D 83 -11.20 32.61 3.84
CA PRO D 83 -12.34 31.83 3.33
C PRO D 83 -11.96 30.42 2.82
N TRP D 84 -10.73 29.98 3.11
CA TRP D 84 -10.20 28.75 2.50
C TRP D 84 -10.94 27.49 2.92
N ALA D 85 -11.18 27.34 4.22
CA ALA D 85 -11.82 26.15 4.78
C ALA D 85 -13.17 25.88 4.16
N LEU D 86 -13.83 26.93 3.67
CA LEU D 86 -15.13 26.76 3.06
C LEU D 86 -14.97 26.12 1.68
N GLN D 87 -13.91 26.53 1.00
CA GLN D 87 -13.58 25.98 -0.32
C GLN D 87 -13.14 24.53 -0.21
N GLN D 88 -12.39 24.24 0.84
CA GLN D 88 -11.91 22.90 1.05
C GLN D 88 -13.10 21.93 1.30
N LEU D 89 -14.10 22.39 2.04
CA LEU D 89 -15.34 21.62 2.22
C LEU D 89 -16.04 21.36 0.90
N GLY D 90 -16.15 22.39 0.07
CA GLY D 90 -16.80 22.25 -1.23
C GLY D 90 -16.05 21.30 -2.13
N ALA D 91 -14.73 21.43 -2.14
CA ALA D 91 -13.92 20.56 -2.96
C ALA D 91 -14.04 19.09 -2.50
N THR D 92 -14.22 18.88 -1.20
CA THR D 92 -14.31 17.52 -0.66
C THR D 92 -15.61 16.87 -1.11
N ILE D 93 -16.73 17.56 -0.93
CA ILE D 93 -18.00 17.11 -1.48
C ILE D 93 -17.89 16.82 -2.99
N ASP D 94 -17.25 17.73 -3.73
CA ASP D 94 -17.04 17.54 -5.15
C ASP D 94 -16.28 16.24 -5.40
N TRP D 95 -15.19 16.05 -4.68
CA TRP D 95 -14.37 14.85 -4.84
C TRP D 95 -15.18 13.57 -4.59
N ILE D 96 -16.04 13.64 -3.58
CA ILE D 96 -16.90 12.52 -3.26
C ILE D 96 -17.76 12.13 -4.45
N THR D 97 -18.42 13.11 -5.07
CA THR D 97 -19.21 12.86 -6.29
C THR D 97 -18.40 12.05 -7.32
N THR D 98 -17.13 12.40 -7.51
CA THR D 98 -16.27 11.65 -8.43
C THR D 98 -15.89 10.24 -7.94
N GLN D 99 -16.11 9.94 -6.67
CA GLN D 99 -15.75 8.63 -6.14
C GLN D 99 -16.97 7.74 -5.94
N ALA D 100 -18.16 8.34 -6.11
CA ALA D 100 -19.44 7.70 -5.83
C ALA D 100 -19.66 6.28 -6.39
N SER D 101 -19.29 6.06 -7.65
CA SER D 101 -19.52 4.77 -8.31
C SER D 101 -18.54 3.69 -7.89
N ALA D 102 -17.29 4.09 -7.70
CA ALA D 102 -16.29 3.12 -7.27
C ALA D 102 -16.55 2.69 -5.82
N HIS D 103 -17.19 3.55 -5.03
CA HIS D 103 -17.36 3.21 -3.61
C HIS D 103 -18.82 3.07 -3.16
N HIS D 104 -19.74 3.18 -4.11
CA HIS D 104 -21.16 3.13 -3.81
C HIS D 104 -21.51 4.15 -2.76
N VAL D 105 -21.37 5.42 -3.13
CA VAL D 105 -21.79 6.50 -2.26
C VAL D 105 -23.14 7.04 -2.72
N ASP D 106 -24.03 7.29 -1.77
CA ASP D 106 -25.33 7.88 -2.07
C ASP D 106 -25.23 9.40 -1.98
N CYS D 107 -25.00 10.06 -3.11
CA CYS D 107 -24.77 11.49 -3.08
C CYS D 107 -25.96 12.35 -2.64
N GLN D 108 -27.12 11.73 -2.44
CA GLN D 108 -28.25 12.47 -1.87
C GLN D 108 -28.17 12.41 -0.36
N ARG D 109 -27.18 11.68 0.15
CA ARG D 109 -27.00 11.49 1.57
C ARG D 109 -25.59 11.85 2.03
N ILE D 110 -25.18 13.09 1.72
CA ILE D 110 -23.91 13.61 2.20
C ILE D 110 -24.15 14.47 3.44
N ILE D 111 -23.59 14.03 4.56
CA ILE D 111 -23.79 14.69 5.84
C ILE D 111 -22.50 15.37 6.31
N LEU D 112 -22.59 16.59 6.83
CA LEU D 112 -21.42 17.26 7.39
C LEU D 112 -21.49 17.24 8.92
N ALA D 113 -20.38 16.92 9.56
CA ALA D 113 -20.32 16.97 11.03
C ALA D 113 -19.15 17.82 11.52
N GLY D 114 -19.48 18.83 12.34
CA GLY D 114 -18.47 19.69 12.93
C GLY D 114 -18.43 19.60 14.43
N PHE D 115 -17.24 19.72 14.98
CA PHE D 115 -17.12 19.72 16.42
C PHE D 115 -16.31 20.94 16.84
N SER D 116 -16.85 21.69 17.79
CA SER D 116 -16.18 22.87 18.33
C SER D 116 -15.76 23.80 17.20
N ALA D 117 -14.47 24.10 17.07
CA ALA D 117 -14.01 24.91 15.93
C ALA D 117 -14.43 24.34 14.57
N GLY D 118 -14.39 23.01 14.45
CA GLY D 118 -14.87 22.32 13.27
C GLY D 118 -16.32 22.66 12.98
N GLY D 119 -17.10 22.79 14.05
CA GLY D 119 -18.49 23.19 13.95
C GLY D 119 -18.71 24.53 13.28
N HIS D 120 -17.82 25.49 13.51
CA HIS D 120 -17.93 26.79 12.85
C HIS D 120 -17.89 26.66 11.33
N VAL D 121 -16.89 25.92 10.84
CA VAL D 121 -16.75 25.65 9.42
C VAL D 121 -17.99 24.99 8.87
N VAL D 122 -18.48 23.96 9.55
CA VAL D 122 -19.70 23.31 9.09
C VAL D 122 -20.90 24.26 9.15
N ALA D 123 -21.12 24.89 10.30
CA ALA D 123 -22.26 25.82 10.43
C ALA D 123 -22.19 26.95 9.38
N THR D 124 -21.03 27.58 9.25
CA THR D 124 -20.84 28.64 8.27
C THR D 124 -21.12 28.09 6.88
N TYR D 125 -20.60 26.90 6.61
CA TYR D 125 -20.72 26.31 5.30
C TYR D 125 -22.18 26.08 4.98
N ASN D 126 -22.90 25.55 5.98
CA ASN D 126 -24.33 25.36 5.86
C ASN D 126 -25.05 26.65 5.46
N GLY D 127 -24.61 27.76 6.05
CA GLY D 127 -25.09 29.08 5.65
C GLY D 127 -24.56 29.51 4.27
N VAL D 128 -23.24 29.70 4.17
CA VAL D 128 -22.61 30.17 2.92
C VAL D 128 -23.01 29.36 1.68
N ALA D 129 -22.90 28.04 1.78
CA ALA D 129 -23.15 27.18 0.63
C ALA D 129 -24.61 27.06 0.28
N THR D 130 -25.48 27.66 1.10
CA THR D 130 -26.91 27.67 0.77
C THR D 130 -27.40 29.06 0.31
N GLN D 131 -26.45 29.90 -0.10
CA GLN D 131 -26.76 31.25 -0.60
C GLN D 131 -25.80 31.65 -1.73
N PRO D 132 -26.28 31.66 -2.99
CA PRO D 132 -25.46 32.05 -4.14
C PRO D 132 -24.73 33.41 -4.05
N GLU D 133 -25.32 34.44 -3.45
CA GLU D 133 -24.57 35.68 -3.21
C GLU D 133 -23.29 35.33 -2.41
N LEU D 134 -23.47 34.61 -1.32
CA LEU D 134 -22.35 34.27 -0.46
C LEU D 134 -21.56 33.07 -0.98
N ARG D 135 -22.20 32.28 -1.85
CA ARG D 135 -21.51 31.21 -2.55
C ARG D 135 -20.39 31.82 -3.35
N THR D 136 -20.77 32.69 -4.27
CA THR D 136 -19.84 33.35 -5.17
C THR D 136 -18.75 34.13 -4.43
N ARG D 137 -19.16 35.03 -3.53
CA ARG D 137 -18.20 35.79 -2.71
C ARG D 137 -17.05 34.91 -2.19
N TYR D 138 -17.37 33.65 -1.87
CA TYR D 138 -16.40 32.80 -1.21
C TYR D 138 -15.81 31.70 -2.12
N HIS D 139 -16.21 31.71 -3.39
CA HIS D 139 -15.59 30.93 -4.46
C HIS D 139 -15.90 29.43 -4.43
N LEU D 140 -17.10 29.10 -3.93
CA LEU D 140 -17.60 27.72 -3.90
C LEU D 140 -18.32 27.39 -5.20
N ASP D 141 -18.37 28.35 -6.10
CA ASP D 141 -19.06 28.18 -7.36
C ASP D 141 -18.27 27.15 -8.16
N HIS D 142 -18.94 26.47 -9.08
CA HIS D 142 -18.29 25.53 -10.01
C HIS D 142 -18.01 24.12 -9.43
N TYR D 143 -18.27 23.92 -8.13
CA TYR D 143 -18.10 22.60 -7.49
C TYR D 143 -19.38 21.76 -7.53
N GLN D 144 -19.24 20.47 -7.82
CA GLN D 144 -20.38 19.54 -7.89
C GLN D 144 -20.88 19.07 -6.53
N GLY D 145 -22.11 18.55 -6.50
CA GLY D 145 -22.70 17.96 -5.31
C GLY D 145 -23.07 18.93 -4.21
N GLN D 146 -23.91 18.47 -3.28
CA GLN D 146 -24.23 19.26 -2.08
C GLN D 146 -24.64 18.34 -0.93
N HIS D 147 -24.61 18.90 0.28
CA HIS D 147 -24.87 18.09 1.47
C HIS D 147 -26.34 18.14 1.88
N ALA D 148 -26.82 17.05 2.48
CA ALA D 148 -28.22 16.90 2.86
C ALA D 148 -28.56 17.43 4.27
N ALA D 149 -27.58 17.39 5.17
CA ALA D 149 -27.79 17.80 6.56
C ALA D 149 -26.45 18.00 7.23
N ILE D 150 -26.49 18.64 8.40
CA ILE D 150 -25.29 18.80 9.21
C ILE D 150 -25.48 18.24 10.63
N ILE D 151 -24.37 17.89 11.28
CA ILE D 151 -24.39 17.55 12.70
C ILE D 151 -23.39 18.45 13.41
N LEU D 152 -23.79 19.08 14.51
CA LEU D 152 -22.90 19.98 15.25
C LEU D 152 -22.76 19.56 16.70
N GLY D 153 -21.56 19.27 17.15
CA GLY D 153 -21.30 18.95 18.54
C GLY D 153 -20.53 20.08 19.19
N TYR D 154 -21.11 20.66 20.25
CA TYR D 154 -20.54 21.81 20.95
C TYR D 154 -19.83 22.81 20.03
N PRO D 155 -20.54 23.26 19.00
CA PRO D 155 -19.86 24.01 17.96
C PRO D 155 -19.54 25.44 18.38
N VAL D 156 -18.45 25.97 17.82
CA VAL D 156 -18.20 27.39 17.82
C VAL D 156 -19.15 27.98 16.79
N ILE D 157 -19.99 28.92 17.20
CA ILE D 157 -20.95 29.53 16.29
C ILE D 157 -20.70 31.06 16.11
N ASP D 158 -20.24 31.72 17.19
CA ASP D 158 -19.99 33.17 17.24
C ASP D 158 -18.65 33.43 17.94
N LEU D 159 -17.74 34.14 17.27
CA LEU D 159 -16.34 34.30 17.73
C LEU D 159 -16.18 35.36 18.83
N THR D 160 -17.25 36.08 19.10
CA THR D 160 -17.28 37.09 20.15
C THR D 160 -17.96 36.53 21.38
N ALA D 161 -18.50 35.31 21.24
CA ALA D 161 -19.34 34.70 22.25
C ALA D 161 -18.53 33.92 23.28
N GLY D 162 -17.31 34.38 23.56
CA GLY D 162 -16.51 33.79 24.60
C GLY D 162 -15.37 32.98 24.03
N PHE D 163 -15.58 32.45 22.83
CA PHE D 163 -14.47 31.83 22.12
C PHE D 163 -14.30 32.47 20.75
N PRO D 164 -13.06 32.90 20.47
CA PRO D 164 -11.94 32.82 21.41
C PRO D 164 -11.88 34.02 22.36
N THR D 165 -11.20 33.85 23.49
CA THR D 165 -11.12 34.89 24.52
C THR D 165 -10.58 36.22 23.98
N THR D 166 -9.26 36.34 23.95
CA THR D 166 -8.64 37.60 23.55
C THR D 166 -9.06 38.06 22.15
N SER D 167 -9.05 39.38 21.97
CA SER D 167 -9.25 40.02 20.68
C SER D 167 -8.27 39.47 19.64
N ALA D 168 -7.02 39.32 20.05
CA ALA D 168 -5.94 38.93 19.14
C ALA D 168 -6.10 37.50 18.63
N ALA D 169 -6.83 36.67 19.37
CA ALA D 169 -7.09 35.31 18.94
C ALA D 169 -8.18 35.23 17.85
N ARG D 170 -9.22 36.07 17.98
CA ARG D 170 -10.34 36.06 17.03
C ARG D 170 -9.81 36.42 15.67
N ASN D 171 -8.94 37.43 15.67
CA ASN D 171 -8.41 38.00 14.45
C ASN D 171 -7.52 37.01 13.70
N GLN D 172 -6.70 36.27 14.43
CA GLN D 172 -5.93 35.16 13.86
C GLN D 172 -6.84 34.25 13.02
N ILE D 173 -7.93 33.78 13.65
CA ILE D 173 -8.94 32.96 12.96
C ILE D 173 -9.44 33.65 11.70
N THR D 174 -9.81 34.91 11.85
CA THR D 174 -10.15 35.75 10.70
C THR D 174 -10.40 37.22 11.10
N THR D 175 -9.89 38.10 10.25
CA THR D 175 -10.18 39.53 10.35
C THR D 175 -11.49 39.88 9.64
N ASP D 176 -12.00 38.96 8.82
CA ASP D 176 -13.31 39.14 8.18
C ASP D 176 -14.40 38.84 9.22
N ALA D 177 -14.92 39.89 9.85
CA ALA D 177 -15.88 39.77 10.94
C ALA D 177 -17.26 39.40 10.44
N ARG D 178 -17.49 39.55 9.13
CA ARG D 178 -18.80 39.25 8.56
C ARG D 178 -19.28 37.83 8.83
N LEU D 179 -18.36 36.90 9.08
CA LEU D 179 -18.73 35.56 9.53
C LEU D 179 -17.97 35.14 10.80
N TRP D 180 -17.82 36.10 11.72
CA TRP D 180 -17.43 35.78 13.09
C TRP D 180 -18.54 34.93 13.75
N ALA D 181 -19.76 35.03 13.20
CA ALA D 181 -20.95 34.52 13.86
C ALA D 181 -21.91 33.79 12.89
N ALA D 182 -21.99 32.48 13.02
CA ALA D 182 -22.76 31.66 12.07
C ALA D 182 -24.27 31.75 12.26
N GLN D 183 -24.70 32.31 13.39
CA GLN D 183 -26.13 32.49 13.64
C GLN D 183 -26.76 33.44 12.63
N ARG D 184 -26.10 34.57 12.37
CA ARG D 184 -26.56 35.59 11.42
C ARG D 184 -26.58 35.10 9.98
N LEU D 185 -25.80 34.04 9.71
CA LEU D 185 -25.70 33.49 8.37
C LEU D 185 -26.90 32.60 7.99
N VAL D 186 -27.63 32.16 9.00
CA VAL D 186 -28.79 31.28 8.84
C VAL D 186 -29.94 31.86 7.98
N THR D 187 -30.30 31.18 6.88
CA THR D 187 -31.47 31.52 6.08
C THR D 187 -32.22 30.25 5.70
N PRO D 188 -33.50 30.35 5.31
CA PRO D 188 -34.34 29.16 5.03
C PRO D 188 -33.78 28.15 4.03
N ALA D 189 -32.70 28.47 3.36
CA ALA D 189 -32.09 27.54 2.40
C ALA D 189 -31.21 26.49 3.09
N SER D 190 -30.81 26.79 4.32
CA SER D 190 -29.96 25.91 5.13
C SER D 190 -30.48 24.49 5.29
N LYS D 191 -29.59 23.53 5.10
CA LYS D 191 -29.89 22.12 5.28
C LYS D 191 -30.15 21.83 6.75
N PRO D 192 -30.93 20.77 7.06
CA PRO D 192 -31.33 20.49 8.45
C PRO D 192 -30.18 20.17 9.38
N ALA D 193 -30.30 20.62 10.63
CA ALA D 193 -29.21 20.50 11.58
C ALA D 193 -29.59 19.71 12.83
N PHE D 194 -28.81 18.68 13.15
CA PHE D 194 -28.82 18.06 14.48
C PHE D 194 -27.74 18.72 15.31
N VAL D 195 -28.13 19.30 16.44
CA VAL D 195 -27.19 20.05 17.25
C VAL D 195 -27.17 19.57 18.69
N TRP D 196 -25.98 19.45 19.27
CA TRP D 196 -25.87 19.14 20.69
C TRP D 196 -24.71 19.86 21.35
N GLN D 197 -24.85 20.10 22.65
CA GLN D 197 -23.82 20.78 23.42
C GLN D 197 -24.16 20.50 24.87
N THR D 198 -23.24 20.77 25.79
CA THR D 198 -23.55 20.73 27.21
C THR D 198 -23.79 22.16 27.67
N ALA D 199 -24.62 22.32 28.70
CA ALA D 199 -24.93 23.64 29.22
C ALA D 199 -23.81 24.20 30.10
N THR D 200 -22.97 23.32 30.62
CA THR D 200 -21.86 23.73 31.48
C THR D 200 -20.57 23.92 30.69
N ASP D 201 -20.70 24.21 29.38
CA ASP D 201 -19.53 24.37 28.52
C ASP D 201 -18.82 25.68 28.85
N GLU D 202 -17.77 25.59 29.67
CA GLU D 202 -17.03 26.78 30.07
C GLU D 202 -16.26 27.36 28.89
N SER D 203 -15.57 26.49 28.17
CA SER D 203 -14.72 26.90 27.05
C SER D 203 -15.47 27.56 25.86
N VAL D 204 -16.66 27.06 25.53
CA VAL D 204 -17.45 27.60 24.42
C VAL D 204 -18.92 27.71 24.84
N PRO D 205 -19.32 28.88 25.39
CA PRO D 205 -20.67 29.13 25.93
C PRO D 205 -21.84 28.59 25.09
N PRO D 206 -22.84 27.96 25.76
CA PRO D 206 -24.00 27.30 25.14
C PRO D 206 -24.81 28.20 24.23
N ILE D 207 -24.73 29.51 24.44
CA ILE D 207 -25.46 30.49 23.64
C ILE D 207 -25.12 30.33 22.16
N ASN D 208 -23.89 29.90 21.90
CA ASN D 208 -23.45 29.54 20.56
C ASN D 208 -24.43 28.59 19.87
N SER D 209 -24.60 27.40 20.43
CA SER D 209 -25.55 26.45 19.85
C SER D 209 -26.98 26.99 19.93
N LEU D 210 -27.30 27.60 21.07
CA LEU D 210 -28.61 28.19 21.27
C LEU D 210 -28.99 29.12 20.11
N LYS D 211 -28.08 30.06 19.80
CA LYS D 211 -28.31 31.06 18.75
C LYS D 211 -28.51 30.47 17.36
N TYR D 212 -27.76 29.40 17.03
CA TYR D 212 -27.90 28.78 15.73
C TYR D 212 -29.25 28.12 15.58
N VAL D 213 -29.58 27.21 16.51
CA VAL D 213 -30.92 26.61 16.56
C VAL D 213 -32.00 27.70 16.63
N GLN D 214 -31.76 28.70 17.47
CA GLN D 214 -32.73 29.80 17.62
C GLN D 214 -33.08 30.42 16.27
N ALA D 215 -32.15 30.31 15.33
CA ALA D 215 -32.32 30.90 14.01
C ALA D 215 -32.72 29.88 12.94
N MET D 216 -32.52 28.60 13.23
CA MET D 216 -32.92 27.55 12.30
C MET D 216 -34.43 27.42 12.32
N LEU D 217 -35.00 27.64 13.50
CA LEU D 217 -36.44 27.58 13.67
C LEU D 217 -37.05 28.82 13.06
N GLN D 218 -36.55 29.99 13.45
CA GLN D 218 -37.06 31.26 12.94
C GLN D 218 -36.82 31.42 11.44
N HIS D 219 -36.43 30.34 10.77
CA HIS D 219 -36.24 30.33 9.31
C HIS D 219 -36.80 29.02 8.76
N GLN D 220 -37.56 28.34 9.62
CA GLN D 220 -38.25 27.07 9.32
C GLN D 220 -37.40 25.93 8.74
N VAL D 221 -36.18 25.78 9.24
CA VAL D 221 -35.37 24.62 8.86
C VAL D 221 -35.56 23.53 9.88
N ALA D 222 -35.85 22.31 9.40
CA ALA D 222 -35.96 21.18 10.31
C ALA D 222 -34.68 21.08 11.13
N THR D 223 -34.82 20.99 12.45
CA THR D 223 -33.69 20.96 13.35
C THR D 223 -34.03 20.27 14.69
N ALA D 224 -33.05 19.58 15.27
CA ALA D 224 -33.19 19.01 16.60
C ALA D 224 -32.00 19.48 17.47
N TYR D 225 -32.25 19.66 18.77
CA TYR D 225 -31.25 20.27 19.63
C TYR D 225 -31.21 19.53 20.95
N HIS D 226 -30.01 19.13 21.39
CA HIS D 226 -29.86 18.55 22.72
C HIS D 226 -28.79 19.24 23.55
N LEU D 227 -29.23 19.92 24.59
CA LEU D 227 -28.34 20.59 25.54
C LEU D 227 -28.30 19.81 26.83
N PHE D 228 -27.32 18.94 26.97
CA PHE D 228 -27.20 18.11 28.16
C PHE D 228 -26.84 18.96 29.37
N GLY D 229 -27.34 18.56 30.54
CA GLY D 229 -27.18 19.32 31.75
C GLY D 229 -25.75 19.51 32.29
N SER D 230 -24.93 18.46 32.21
CA SER D 230 -23.56 18.54 32.71
C SER D 230 -22.55 18.23 31.62
N GLY D 231 -21.27 18.34 31.96
CA GLY D 231 -20.20 18.02 31.04
C GLY D 231 -19.38 19.21 30.55
N ILE D 232 -18.06 19.02 30.54
CA ILE D 232 -17.10 20.00 30.00
C ILE D 232 -17.15 20.08 28.47
N HIS D 233 -16.46 21.07 27.92
CA HIS D 233 -16.23 21.16 26.47
C HIS D 233 -15.46 19.95 25.94
N GLY D 234 -15.66 19.60 24.67
CA GLY D 234 -14.87 18.53 24.04
C GLY D 234 -15.10 17.11 24.56
N LEU D 235 -16.33 16.78 24.90
CA LEU D 235 -16.64 15.44 25.38
C LEU D 235 -16.40 14.37 24.30
N ALA D 236 -16.50 14.79 23.03
CA ALA D 236 -16.44 13.88 21.89
C ALA D 236 -17.48 12.77 22.04
N LEU D 237 -17.04 11.53 22.21
CA LEU D 237 -17.97 10.43 22.39
C LEU D 237 -18.47 10.37 23.82
N ALA D 238 -17.82 11.13 24.70
CA ALA D 238 -18.15 11.19 26.13
C ALA D 238 -18.07 9.86 26.84
N ASN D 239 -17.20 8.98 26.36
CA ASN D 239 -17.03 7.69 27.01
C ASN D 239 -15.57 7.28 27.05
N HIS D 240 -15.33 6.03 27.42
CA HIS D 240 -13.97 5.54 27.60
C HIS D 240 -13.12 5.62 26.31
N VAL D 241 -13.77 5.64 25.16
CA VAL D 241 -13.01 5.65 23.92
C VAL D 241 -12.28 7.00 23.74
N THR D 242 -12.98 8.10 24.00
CA THR D 242 -12.35 9.41 23.78
C THR D 242 -11.88 10.08 25.08
N GLN D 243 -11.83 9.29 26.15
CA GLN D 243 -11.47 9.79 27.47
C GLN D 243 -9.96 9.85 27.63
N LYS D 244 -9.44 11.05 27.86
CA LYS D 244 -8.04 11.22 28.23
C LYS D 244 -7.74 10.34 29.45
N PRO D 245 -6.67 9.54 29.37
CA PRO D 245 -6.37 8.51 30.39
C PRO D 245 -6.28 9.10 31.80
N GLY D 246 -7.07 8.54 32.73
CA GLY D 246 -7.12 8.99 34.11
C GLY D 246 -7.89 10.28 34.35
N LYS D 247 -8.76 10.63 33.42
CA LYS D 247 -9.45 11.93 33.47
C LYS D 247 -10.97 11.82 33.39
N ASP D 248 -11.59 11.47 34.51
CA ASP D 248 -13.03 11.25 34.59
C ASP D 248 -13.88 12.33 33.93
N LYS D 249 -13.44 13.58 33.96
CA LYS D 249 -14.24 14.68 33.40
C LYS D 249 -14.56 14.52 31.91
N TYR D 250 -13.98 13.52 31.25
CA TYR D 250 -14.25 13.27 29.85
C TYR D 250 -15.39 12.27 29.69
N LEU D 251 -15.67 11.54 30.77
CA LEU D 251 -16.81 10.65 30.84
C LEU D 251 -18.08 11.48 31.13
N ASN D 252 -19.20 11.11 30.50
CA ASN D 252 -20.53 11.71 30.76
C ASN D 252 -21.59 10.80 30.14
N ASP D 253 -22.20 9.93 30.94
CA ASP D 253 -23.05 8.90 30.36
C ASP D 253 -24.31 9.46 29.71
N GLN D 254 -24.80 10.60 30.20
CA GLN D 254 -25.95 11.23 29.60
C GLN D 254 -25.64 11.75 28.20
N ALA D 255 -24.54 12.50 28.05
CA ALA D 255 -24.16 13.00 26.74
C ALA D 255 -23.76 11.84 25.80
N ALA D 256 -23.34 10.73 26.38
CA ALA D 256 -22.82 9.61 25.59
C ALA D 256 -23.89 9.00 24.66
N ILE D 257 -25.16 9.30 24.90
CA ILE D 257 -26.21 8.83 24.00
C ILE D 257 -26.33 9.62 22.70
N TRP D 258 -25.58 10.71 22.56
CA TRP D 258 -25.75 11.54 21.38
C TRP D 258 -25.60 10.85 20.02
N PRO D 259 -24.62 9.90 19.85
CA PRO D 259 -24.51 9.27 18.54
C PRO D 259 -25.78 8.49 18.18
N GLN D 260 -26.41 7.84 19.16
CA GLN D 260 -27.69 7.19 18.91
C GLN D 260 -28.78 8.21 18.57
N LEU D 261 -28.82 9.32 19.30
CA LEU D 261 -29.79 10.37 18.99
C LEU D 261 -29.61 10.86 17.53
N ALA D 262 -28.37 11.16 17.15
CA ALA D 262 -28.07 11.64 15.80
C ALA D 262 -28.43 10.63 14.72
N LEU D 263 -28.09 9.36 14.92
CA LEU D 263 -28.40 8.33 13.93
C LEU D 263 -29.91 8.14 13.75
N ARG D 264 -30.65 8.10 14.84
CA ARG D 264 -32.10 8.02 14.76
C ARG D 264 -32.62 9.26 14.01
N TRP D 265 -32.11 10.43 14.36
CA TRP D 265 -32.49 11.67 13.68
C TRP D 265 -32.21 11.61 12.18
N LEU D 266 -31.03 11.11 11.80
CA LEU D 266 -30.72 10.87 10.39
C LEU D 266 -31.73 9.92 9.70
N GLN D 267 -32.11 8.85 10.40
CA GLN D 267 -33.11 7.92 9.86
C GLN D 267 -34.43 8.61 9.61
N GLU D 268 -34.84 9.43 10.56
CA GLU D 268 -36.06 10.23 10.47
C GLU D 268 -36.02 11.13 9.24
N GLN D 269 -34.86 11.70 8.93
CA GLN D 269 -34.72 12.59 7.79
C GLN D 269 -34.56 11.82 6.49
N GLY D 270 -34.74 10.49 6.54
CA GLY D 270 -34.56 9.64 5.38
C GLY D 270 -33.14 9.68 4.82
N LEU D 271 -32.19 10.05 5.68
CA LEU D 271 -30.80 10.15 5.28
C LEU D 271 -29.98 8.90 5.60
N LEU D 272 -30.55 8.01 6.42
CA LEU D 272 -29.91 6.75 6.77
C LEU D 272 -30.98 5.67 6.65
N ALA D 273 -30.61 4.47 6.20
CA ALA D 273 -31.56 3.36 6.20
C ALA D 273 -32.18 3.13 7.60
N GLY D 274 -33.49 2.90 7.64
CA GLY D 274 -34.21 2.71 8.90
C GLY D 274 -34.42 1.25 9.24
N ASN D 275 -34.79 0.98 10.50
CA ASN D 275 -34.84 -0.40 11.02
C ASN D 275 -36.26 -0.99 11.16
N TYR D 276 -37.24 -0.49 10.58
N MET E 1 10.12 -1.78 9.94
CA MET E 1 10.45 -0.54 9.26
C MET E 1 9.35 -0.16 8.27
N GLN E 2 8.87 1.08 8.33
CA GLN E 2 7.86 1.55 7.39
C GLN E 2 8.35 2.76 6.62
N VAL E 3 7.92 2.89 5.37
CA VAL E 3 8.30 4.01 4.53
C VAL E 3 7.04 4.79 4.13
N GLU E 4 6.98 6.06 4.51
CA GLU E 4 5.81 6.88 4.22
C GLU E 4 6.20 8.03 3.31
N GLN E 5 5.57 8.11 2.14
CA GLN E 5 5.79 9.20 1.21
C GLN E 5 4.46 9.97 1.11
N ARG E 6 4.54 11.29 1.01
CA ARG E 6 3.43 12.12 1.49
C ARG E 6 3.63 13.61 1.23
N THR E 7 2.56 14.27 0.82
CA THR E 7 2.56 15.73 0.74
C THR E 7 2.08 16.36 2.04
N LEU E 8 2.79 17.37 2.52
CA LEU E 8 2.33 18.15 3.67
C LEU E 8 1.83 19.49 3.14
N ASN E 9 0.67 19.95 3.62
CA ASN E 9 0.00 21.10 3.04
C ASN E 9 -0.07 22.30 3.98
N THR E 10 0.65 22.22 5.09
CA THR E 10 0.54 23.23 6.15
C THR E 10 1.58 24.34 6.00
N ALA E 11 1.96 24.61 4.76
CA ALA E 11 2.82 25.72 4.42
C ALA E 11 2.26 26.36 3.16
N ALA E 12 2.65 27.61 2.88
CA ALA E 12 2.24 28.33 1.68
C ALA E 12 2.51 27.52 0.41
N HIS E 13 3.67 26.86 0.37
CA HIS E 13 3.96 25.96 -0.72
C HIS E 13 4.00 24.54 -0.15
N PRO E 14 2.97 23.73 -0.46
CA PRO E 14 2.94 22.32 -0.05
C PRO E 14 4.16 21.59 -0.61
N PHE E 15 4.55 20.51 0.04
CA PHE E 15 5.80 19.87 -0.33
C PHE E 15 5.78 18.37 0.03
N GLN E 16 6.57 17.58 -0.69
CA GLN E 16 6.65 16.16 -0.36
C GLN E 16 7.69 15.87 0.73
N ILE E 17 7.33 14.98 1.66
CA ILE E 17 8.32 14.35 2.51
C ILE E 17 8.33 12.83 2.31
N THR E 18 9.49 12.23 2.56
CA THR E 18 9.61 10.78 2.64
C THR E 18 10.14 10.40 4.03
N ALA E 19 9.26 9.80 4.83
CA ALA E 19 9.59 9.40 6.20
C ALA E 19 10.02 7.93 6.26
N TYR E 20 11.11 7.65 6.97
CA TYR E 20 11.49 6.29 7.29
C TYR E 20 11.37 6.05 8.80
N TRP E 21 10.33 5.32 9.18
CA TRP E 21 10.02 5.09 10.58
C TRP E 21 10.64 3.78 11.05
N LEU E 22 11.37 3.85 12.15
CA LEU E 22 11.81 2.67 12.85
C LEU E 22 10.58 1.97 13.40
N ASP E 23 10.59 0.63 13.44
CA ASP E 23 9.53 -0.08 14.14
C ASP E 23 10.02 -0.46 15.53
N GLN E 24 9.09 -0.64 16.46
CA GLN E 24 9.43 -1.08 17.81
C GLN E 24 9.96 -2.50 17.76
N ILE E 25 10.88 -2.83 18.64
CA ILE E 25 11.40 -4.18 18.65
C ILE E 25 10.42 -5.04 19.47
N SER E 26 9.98 -6.14 18.88
CA SER E 26 8.89 -6.93 19.44
C SER E 26 9.25 -7.69 20.71
N ASP E 27 10.52 -8.07 20.85
CA ASP E 27 10.95 -8.77 22.06
C ASP E 27 11.58 -7.82 23.09
N PHE E 28 11.15 -6.55 23.06
CA PHE E 28 11.39 -5.65 24.17
C PHE E 28 10.16 -5.75 25.05
N GLU E 29 10.37 -5.70 26.37
CA GLU E 29 9.26 -5.69 27.32
C GLU E 29 8.61 -4.31 27.38
N THR E 30 9.41 -3.26 27.18
CA THR E 30 8.94 -1.87 27.19
C THR E 30 9.06 -1.24 25.81
N ALA E 31 8.46 -0.07 25.64
CA ALA E 31 8.56 0.64 24.37
C ALA E 31 9.59 1.75 24.48
N VAL E 32 10.14 2.18 23.34
CA VAL E 32 11.18 3.22 23.32
C VAL E 32 10.90 4.30 22.29
N ASP E 33 10.99 5.56 22.72
CA ASP E 33 10.95 6.67 21.79
C ASP E 33 12.35 6.88 21.21
N TYR E 34 12.42 7.06 19.90
CA TYR E 34 13.70 7.21 19.22
C TYR E 34 13.81 8.64 18.73
N PRO E 35 15.05 9.12 18.50
CA PRO E 35 15.21 10.46 17.95
C PRO E 35 14.78 10.45 16.49
N ILE E 36 14.71 11.63 15.88
CA ILE E 36 14.38 11.69 14.46
C ILE E 36 15.28 12.72 13.79
N MET E 37 15.82 12.35 12.62
CA MET E 37 16.61 13.29 11.82
C MET E 37 15.89 13.69 10.52
N ILE E 38 15.70 14.99 10.33
CA ILE E 38 15.18 15.56 9.08
C ILE E 38 16.36 15.89 8.17
N ILE E 39 16.33 15.37 6.94
CA ILE E 39 17.43 15.59 5.99
C ILE E 39 17.02 16.49 4.81
N CYS E 40 17.80 17.55 4.58
CA CYS E 40 17.66 18.37 3.40
C CYS E 40 18.87 18.13 2.53
N PRO E 41 18.69 17.38 1.43
CA PRO E 41 19.76 17.06 0.48
C PRO E 41 20.31 18.30 -0.22
N GLY E 42 21.36 18.12 -0.99
CA GLY E 42 21.85 19.18 -1.85
C GLY E 42 21.19 19.12 -3.21
N GLY E 43 21.82 19.74 -4.20
CA GLY E 43 21.28 19.79 -5.54
C GLY E 43 21.32 21.19 -6.13
N GLY E 44 22.03 22.09 -5.44
CA GLY E 44 22.27 23.44 -5.93
C GLY E 44 20.99 24.20 -6.18
N PHE E 45 19.97 23.91 -5.38
CA PHE E 45 18.66 24.58 -5.44
C PHE E 45 17.84 24.35 -6.70
N THR E 46 18.26 23.42 -7.56
CA THR E 46 17.52 23.10 -8.77
C THR E 46 16.99 21.67 -8.79
N TYR E 47 17.51 20.85 -7.88
CA TYR E 47 17.04 19.47 -7.72
C TYR E 47 17.44 18.97 -6.34
N HIS E 48 16.81 17.87 -5.92
CA HIS E 48 17.19 17.19 -4.69
C HIS E 48 18.07 15.99 -5.01
N SER E 49 19.29 16.00 -4.47
CA SER E 49 20.27 14.97 -4.82
C SER E 49 20.02 13.64 -4.10
N GLY E 50 19.82 12.58 -4.87
CA GLY E 50 19.56 11.25 -4.31
C GLY E 50 20.75 10.69 -3.56
N ARG E 51 21.95 11.18 -3.90
CA ARG E 51 23.16 10.75 -3.19
C ARG E 51 23.12 11.14 -1.73
N GLU E 52 22.30 12.13 -1.40
CA GLU E 52 22.24 12.65 -0.04
C GLU E 52 20.88 12.42 0.62
N GLU E 53 20.10 11.47 0.10
CA GLU E 53 18.81 11.19 0.71
C GLU E 53 18.83 9.81 1.39
N ALA E 54 18.20 8.81 0.77
CA ALA E 54 18.18 7.45 1.31
C ALA E 54 19.52 6.94 1.86
N PRO E 55 20.62 7.04 1.09
CA PRO E 55 21.87 6.49 1.63
C PRO E 55 22.24 7.09 2.97
N ILE E 56 22.03 8.38 3.15
CA ILE E 56 22.35 9.01 4.41
C ILE E 56 21.30 8.66 5.49
N ALA E 57 20.04 8.66 5.08
CA ALA E 57 18.96 8.26 5.97
C ALA E 57 19.20 6.86 6.53
N THR E 58 19.57 5.93 5.65
CA THR E 58 19.74 4.54 6.06
C THR E 58 20.87 4.44 7.05
N ARG E 59 21.96 5.18 6.82
CA ARG E 59 23.10 5.11 7.73
C ARG E 59 22.75 5.67 9.11
N MET E 60 21.85 6.65 9.15
CA MET E 60 21.47 7.25 10.43
C MET E 60 20.44 6.35 11.09
N MET E 61 19.54 5.78 10.29
CA MET E 61 18.59 4.80 10.79
C MET E 61 19.28 3.62 11.45
N ALA E 62 20.44 3.22 10.94
CA ALA E 62 21.16 2.06 11.50
C ALA E 62 21.61 2.27 12.94
N ALA E 63 21.70 3.54 13.33
CA ALA E 63 22.14 3.92 14.66
C ALA E 63 20.93 4.12 15.58
N GLY E 64 19.73 3.89 15.04
CA GLY E 64 18.56 3.89 15.88
C GLY E 64 17.82 5.21 15.92
N MET E 65 17.64 5.81 14.76
CA MET E 65 16.76 6.98 14.67
C MET E 65 15.81 6.92 13.49
N HIS E 66 14.63 7.52 13.68
CA HIS E 66 13.73 7.81 12.59
C HIS E 66 14.41 8.85 11.66
N THR E 67 14.04 8.84 10.38
CA THR E 67 14.50 9.87 9.45
C THR E 67 13.39 10.31 8.51
N VAL E 68 13.47 11.57 8.08
CA VAL E 68 12.53 12.12 7.13
C VAL E 68 13.33 12.89 6.11
N VAL E 69 13.01 12.72 4.83
CA VAL E 69 13.67 13.49 3.80
C VAL E 69 12.72 14.58 3.31
N LEU E 70 13.18 15.82 3.38
CA LEU E 70 12.35 16.97 3.03
C LEU E 70 12.72 17.51 1.66
N ASN E 71 11.78 17.46 0.72
CA ASN E 71 11.95 18.14 -0.56
C ASN E 71 11.65 19.63 -0.42
N TYR E 72 12.60 20.41 0.09
CA TYR E 72 12.42 21.87 0.21
C TYR E 72 12.28 22.57 -1.15
N GLN E 73 11.69 23.77 -1.11
CA GLN E 73 11.49 24.61 -2.30
C GLN E 73 12.75 24.76 -3.16
N LEU E 74 12.59 24.55 -4.45
CA LEU E 74 13.70 24.67 -5.40
C LEU E 74 13.54 25.90 -6.30
N ILE E 75 14.55 26.11 -7.15
CA ILE E 75 14.41 26.99 -8.31
C ILE E 75 13.66 26.24 -9.39
N VAL E 76 12.40 26.58 -9.59
CA VAL E 76 11.58 25.91 -10.58
C VAL E 76 10.43 26.85 -10.81
N GLY E 77 9.92 26.88 -12.04
CA GLY E 77 9.01 27.95 -12.42
C GLY E 77 9.81 29.22 -12.32
N ASP E 78 9.23 30.27 -11.75
CA ASP E 78 9.99 31.47 -11.49
C ASP E 78 10.05 31.63 -9.99
N GLN E 79 10.06 30.49 -9.31
CA GLN E 79 10.05 30.47 -7.86
C GLN E 79 11.42 30.59 -7.27
N SER E 80 11.51 31.26 -6.12
N SER E 80 11.48 31.24 -6.10
CA SER E 80 12.76 31.31 -5.39
CA SER E 80 12.69 31.36 -5.32
C SER E 80 12.67 30.40 -4.16
C SER E 80 12.65 30.33 -4.19
N VAL E 81 13.82 30.02 -3.61
CA VAL E 81 13.90 29.12 -2.47
C VAL E 81 13.25 29.68 -1.21
N TYR E 82 13.47 30.96 -0.95
CA TYR E 82 13.06 31.56 0.31
C TYR E 82 11.91 32.54 0.10
N PRO E 83 11.10 32.79 1.16
CA PRO E 83 11.19 32.23 2.51
C PRO E 83 10.51 30.86 2.66
N TRP E 84 9.94 30.34 1.58
CA TRP E 84 9.12 29.12 1.62
C TRP E 84 9.78 27.93 2.32
N ALA E 85 11.03 27.65 1.97
CA ALA E 85 11.75 26.49 2.49
C ALA E 85 11.81 26.49 4.01
N LEU E 86 11.84 27.68 4.61
CA LEU E 86 11.94 27.80 6.05
C LEU E 86 10.65 27.34 6.69
N GLN E 87 9.54 27.73 6.08
CA GLN E 87 8.20 27.33 6.50
C GLN E 87 8.01 25.82 6.38
N GLN E 88 8.52 25.26 5.28
CA GLN E 88 8.42 23.83 5.07
C GLN E 88 9.14 23.04 6.16
N LEU E 89 10.34 23.48 6.55
CA LEU E 89 11.03 22.88 7.70
C LEU E 89 10.18 22.96 8.98
N GLY E 90 9.61 24.14 9.24
CA GLY E 90 8.74 24.32 10.40
C GLY E 90 7.51 23.41 10.40
N ALA E 91 6.86 23.30 9.25
CA ALA E 91 5.70 22.43 9.13
C ALA E 91 6.11 20.96 9.31
N THR E 92 7.31 20.61 8.84
CA THR E 92 7.78 19.22 8.93
C THR E 92 8.02 18.84 10.38
N ILE E 93 8.76 19.68 11.10
CA ILE E 93 8.91 19.54 12.54
C ILE E 93 7.57 19.48 13.25
N ASP E 94 6.66 20.39 12.88
CA ASP E 94 5.33 20.41 13.45
C ASP E 94 4.62 19.08 13.21
N TRP E 95 4.62 18.64 11.96
CA TRP E 95 3.99 17.38 11.60
C TRP E 95 4.53 16.20 12.39
N ILE E 96 5.83 16.22 12.63
CA ILE E 96 6.46 15.16 13.42
C ILE E 96 5.83 15.08 14.81
N THR E 97 5.66 16.23 15.45
CA THR E 97 5.04 16.27 16.79
C THR E 97 3.67 15.59 16.80
N THR E 98 2.90 15.72 15.72
CA THR E 98 1.62 15.04 15.61
C THR E 98 1.74 13.54 15.34
N GLN E 99 2.94 13.06 15.00
CA GLN E 99 3.14 11.66 14.69
C GLN E 99 3.90 10.94 15.79
N ALA E 100 4.30 11.68 16.82
CA ALA E 100 5.16 11.16 17.89
C ALA E 100 4.60 9.94 18.61
N SER E 101 3.35 10.00 19.05
CA SER E 101 2.73 8.89 19.77
C SER E 101 2.69 7.65 18.91
N ALA E 102 2.21 7.80 17.69
CA ALA E 102 2.10 6.69 16.76
C ALA E 102 3.45 6.03 16.43
N HIS E 103 4.52 6.81 16.33
CA HIS E 103 5.80 6.22 15.88
C HIS E 103 6.88 6.15 16.95
N HIS E 104 6.53 6.55 18.17
CA HIS E 104 7.49 6.66 19.25
C HIS E 104 8.65 7.57 18.89
N VAL E 105 8.32 8.83 18.60
CA VAL E 105 9.34 9.82 18.33
C VAL E 105 9.64 10.62 19.60
N ASP E 106 10.92 10.77 19.90
CA ASP E 106 11.35 11.60 21.02
C ASP E 106 11.47 13.05 20.56
N CYS E 107 10.39 13.82 20.71
CA CYS E 107 10.40 15.19 20.21
C CYS E 107 11.44 16.11 20.84
N GLN E 108 12.10 15.66 21.90
CA GLN E 108 13.20 16.43 22.45
C GLN E 108 14.49 16.13 21.68
N ARG E 109 14.42 15.21 20.72
N ARG E 109 14.42 15.22 20.73
CA ARG E 109 15.60 14.80 19.95
CA ARG E 109 15.60 14.80 19.97
C ARG E 109 15.39 14.90 18.45
C ARG E 109 15.40 14.90 18.45
N ILE E 110 15.00 16.08 17.99
CA ILE E 110 14.80 16.32 16.57
C ILE E 110 16.05 16.98 16.01
N ILE E 111 16.66 16.36 15.01
CA ILE E 111 17.91 16.82 14.45
C ILE E 111 17.72 17.17 12.98
N LEU E 112 18.29 18.29 12.54
CA LEU E 112 18.23 18.66 11.12
C LEU E 112 19.57 18.39 10.47
N ALA E 113 19.58 17.77 9.31
CA ALA E 113 20.82 17.59 8.56
C ALA E 113 20.71 18.20 7.18
N GLY E 114 21.66 19.07 6.85
CA GLY E 114 21.71 19.68 5.53
C GLY E 114 23.02 19.40 4.83
N PHE E 115 22.94 19.29 3.52
CA PHE E 115 24.13 19.07 2.71
C PHE E 115 24.16 20.06 1.57
N SER E 116 25.32 20.67 1.33
CA SER E 116 25.50 21.65 0.26
C SER E 116 24.39 22.70 0.35
N ALA E 117 23.62 22.88 -0.74
CA ALA E 117 22.46 23.77 -0.71
C ALA E 117 21.48 23.49 0.43
N GLY E 118 21.24 22.21 0.71
CA GLY E 118 20.44 21.82 1.85
C GLY E 118 20.96 22.34 3.18
N GLY E 119 22.27 22.43 3.31
CA GLY E 119 22.88 23.05 4.48
C GLY E 119 22.44 24.49 4.67
N HIS E 120 22.25 25.23 3.58
CA HIS E 120 21.85 26.63 3.71
C HIS E 120 20.51 26.75 4.42
N VAL E 121 19.56 25.91 4.01
CA VAL E 121 18.23 25.92 4.62
C VAL E 121 18.32 25.58 6.09
N VAL E 122 19.08 24.55 6.39
CA VAL E 122 19.24 24.16 7.78
C VAL E 122 20.00 25.24 8.55
N ALA E 123 21.10 25.74 7.99
CA ALA E 123 21.88 26.75 8.70
C ALA E 123 21.04 28.00 9.00
N THR E 124 20.37 28.49 7.96
CA THR E 124 19.48 29.66 8.07
C THR E 124 18.35 29.37 9.05
N TYR E 125 17.77 28.18 8.95
CA TYR E 125 16.66 27.83 9.82
C TYR E 125 17.13 27.85 11.26
N ASN E 126 18.32 27.30 11.49
CA ASN E 126 18.97 27.33 12.79
C ASN E 126 19.05 28.76 13.33
N GLY E 127 19.48 29.68 12.48
CA GLY E 127 19.45 31.11 12.79
C GLY E 127 18.02 31.67 12.92
N VAL E 128 17.26 31.64 11.84
CA VAL E 128 15.89 32.21 11.81
C VAL E 128 14.95 31.67 12.88
N ALA E 129 14.94 30.36 13.10
CA ALA E 129 13.93 29.75 13.95
C ALA E 129 14.26 29.83 15.43
N THR E 130 15.44 30.39 15.75
CA THR E 130 15.82 30.59 17.14
C THR E 130 15.63 32.07 17.57
N GLN E 131 15.39 32.95 16.60
CA GLN E 131 15.10 34.36 16.91
C GLN E 131 13.68 34.76 16.48
N PRO E 132 12.75 34.93 17.44
CA PRO E 132 11.37 35.40 17.20
C PRO E 132 11.24 36.59 16.21
N GLU E 133 12.21 37.48 16.15
CA GLU E 133 12.18 38.58 15.19
C GLU E 133 12.16 38.03 13.76
N LEU E 134 13.15 37.19 13.44
CA LEU E 134 13.21 36.58 12.12
C LEU E 134 12.15 35.49 11.95
N ARG E 135 11.68 34.96 13.09
CA ARG E 135 10.63 33.96 13.08
C ARG E 135 9.38 34.55 12.47
N THR E 136 8.84 35.55 13.16
CA THR E 136 7.65 36.26 12.71
C THR E 136 7.80 36.76 11.28
N ARG E 137 8.87 37.50 11.00
CA ARG E 137 9.17 37.99 9.65
C ARG E 137 8.99 36.90 8.57
N TYR E 138 9.38 35.67 8.89
CA TYR E 138 9.37 34.62 7.89
C TYR E 138 8.22 33.61 8.06
N HIS E 139 7.32 33.90 9.01
CA HIS E 139 6.09 33.13 9.23
C HIS E 139 6.31 31.68 9.67
N LEU E 140 7.17 31.49 10.66
CA LEU E 140 7.39 30.19 11.30
C LEU E 140 6.62 30.18 12.62
N ASP E 141 5.83 31.23 12.82
CA ASP E 141 5.05 31.37 14.05
C ASP E 141 3.85 30.42 13.97
N HIS E 142 3.38 29.93 15.12
CA HIS E 142 2.24 29.00 15.22
C HIS E 142 2.54 27.50 14.95
N TYR E 143 3.74 27.19 14.45
CA TYR E 143 4.16 25.78 14.29
C TYR E 143 4.66 25.18 15.60
N GLN E 144 4.18 23.99 15.94
CA GLN E 144 4.60 23.28 17.15
C GLN E 144 5.95 22.57 17.01
N GLY E 145 6.59 22.31 18.16
CA GLY E 145 7.83 21.55 18.21
C GLY E 145 9.07 22.37 17.91
N GLN E 146 10.22 21.83 18.30
CA GLN E 146 11.49 22.51 18.03
C GLN E 146 12.62 21.49 17.88
N HIS E 147 13.66 21.89 17.14
CA HIS E 147 14.82 21.01 16.94
C HIS E 147 15.89 21.19 18.03
N ALA E 148 16.75 20.18 18.17
CA ALA E 148 17.76 20.17 19.23
C ALA E 148 19.19 20.45 18.75
N ALA E 149 19.45 20.15 17.49
CA ALA E 149 20.78 20.31 16.90
C ALA E 149 20.73 20.19 15.40
N ILE E 150 21.71 20.77 14.74
CA ILE E 150 21.88 20.59 13.32
C ILE E 150 23.18 19.83 13.00
N ILE E 151 23.22 19.22 11.80
CA ILE E 151 24.43 18.64 11.23
C ILE E 151 24.58 19.25 9.84
N LEU E 152 25.76 19.77 9.53
CA LEU E 152 25.99 20.39 8.22
C LEU E 152 27.14 19.71 7.50
N GLY E 153 26.91 19.28 6.28
CA GLY E 153 27.93 18.61 5.49
C GLY E 153 28.22 19.43 4.24
N TYR E 154 29.47 19.87 4.10
CA TYR E 154 29.88 20.80 3.04
C TYR E 154 28.83 21.84 2.67
N PRO E 155 28.32 22.57 3.66
CA PRO E 155 27.16 23.40 3.41
C PRO E 155 27.46 24.71 2.68
N VAL E 156 26.54 25.08 1.79
CA VAL E 156 26.48 26.45 1.32
C VAL E 156 26.03 27.28 2.52
N ILE E 157 26.84 28.27 2.92
CA ILE E 157 26.50 29.12 4.07
C ILE E 157 26.31 30.60 3.65
N ASP E 158 27.02 31.01 2.59
CA ASP E 158 26.97 32.38 2.01
C ASP E 158 26.98 32.30 0.47
N LEU E 159 26.02 32.99 -0.16
CA LEU E 159 25.77 32.87 -1.61
C LEU E 159 26.70 33.76 -2.45
N THR E 160 27.45 34.62 -1.76
CA THR E 160 28.51 35.40 -2.37
C THR E 160 29.88 34.72 -2.22
N ALA E 161 29.93 33.63 -1.46
CA ALA E 161 31.20 33.02 -1.06
C ALA E 161 31.70 32.00 -2.06
N GLY E 162 31.35 32.20 -3.33
CA GLY E 162 31.83 31.34 -4.39
C GLY E 162 30.65 30.78 -5.12
N PHE E 163 29.84 30.01 -4.41
CA PHE E 163 28.63 29.44 -4.98
C PHE E 163 27.43 30.31 -4.59
N PRO E 164 26.64 30.70 -5.60
CA PRO E 164 26.86 30.31 -7.01
C PRO E 164 27.79 31.27 -7.77
N THR E 165 28.36 30.78 -8.87
CA THR E 165 29.32 31.50 -9.70
C THR E 165 28.82 32.87 -10.19
N THR E 166 27.82 32.87 -11.05
CA THR E 166 27.32 34.13 -11.62
C THR E 166 26.32 34.81 -10.69
N SER E 167 26.16 36.13 -10.84
CA SER E 167 25.18 36.87 -10.05
C SER E 167 23.77 36.44 -10.44
N ALA E 168 23.62 36.01 -11.69
CA ALA E 168 22.33 35.56 -12.21
C ALA E 168 21.78 34.35 -11.46
N ALA E 169 22.67 33.46 -11.03
CA ALA E 169 22.25 32.25 -10.32
C ALA E 169 21.84 32.52 -8.87
N ARG E 170 22.49 33.49 -8.22
CA ARG E 170 22.23 33.76 -6.80
C ARG E 170 20.84 34.33 -6.69
N ASN E 171 20.58 35.29 -7.57
CA ASN E 171 19.34 36.01 -7.58
C ASN E 171 18.15 35.06 -7.74
N GLN E 172 18.27 34.11 -8.66
CA GLN E 172 17.27 33.04 -8.82
C GLN E 172 16.95 32.40 -7.46
N ILE E 173 18.00 31.98 -6.74
CA ILE E 173 17.87 31.43 -5.39
C ILE E 173 17.08 32.38 -4.48
N THR E 174 17.46 33.64 -4.50
CA THR E 174 16.71 34.67 -3.79
C THR E 174 17.19 36.11 -4.05
N THR E 175 16.21 37.03 -4.13
CA THR E 175 16.45 38.47 -4.21
C THR E 175 16.73 39.05 -2.83
N ASP E 176 16.17 38.41 -1.81
CA ASP E 176 16.38 38.81 -0.42
C ASP E 176 17.84 38.49 -0.02
N ALA E 177 18.66 39.53 0.12
CA ALA E 177 20.06 39.34 0.48
C ALA E 177 20.29 39.26 1.98
N ARG E 178 19.26 39.52 2.78
CA ARG E 178 19.33 39.41 4.25
C ARG E 178 19.48 37.97 4.75
N LEU E 179 19.64 37.03 3.83
CA LEU E 179 20.06 35.69 4.18
C LEU E 179 20.75 35.01 2.98
N TRP E 180 21.49 35.81 2.23
CA TRP E 180 22.50 35.27 1.32
C TRP E 180 23.57 34.53 2.12
N ALA E 181 23.68 34.86 3.41
CA ALA E 181 24.79 34.43 4.26
C ALA E 181 24.35 34.07 5.68
N ALA E 182 24.31 32.77 5.98
CA ALA E 182 23.81 32.27 7.26
C ALA E 182 24.76 32.53 8.42
N GLN E 183 26.01 32.88 8.11
CA GLN E 183 27.01 33.16 9.13
C GLN E 183 26.64 34.43 9.88
N ARG E 184 26.14 35.42 9.15
CA ARG E 184 25.71 36.69 9.74
C ARG E 184 24.41 36.53 10.55
N LEU E 185 23.70 35.41 10.35
CA LEU E 185 22.44 35.18 11.05
C LEU E 185 22.60 34.49 12.41
N VAL E 186 23.83 34.12 12.75
CA VAL E 186 24.10 33.35 13.96
C VAL E 186 24.03 34.17 15.26
N THR E 187 23.12 33.81 16.16
CA THR E 187 23.03 34.44 17.50
C THR E 187 23.02 33.33 18.54
N PRO E 188 23.31 33.64 19.82
CA PRO E 188 23.54 32.52 20.74
C PRO E 188 22.33 31.67 21.06
N ALA E 189 21.15 32.02 20.55
CA ALA E 189 19.95 31.20 20.75
C ALA E 189 20.02 29.86 20.00
N SER E 190 20.90 29.81 19.00
CA SER E 190 20.98 28.69 18.07
C SER E 190 21.34 27.34 18.69
N LYS E 191 20.72 26.29 18.17
CA LYS E 191 20.97 24.94 18.64
C LYS E 191 22.37 24.48 18.19
N PRO E 192 22.98 23.52 18.93
CA PRO E 192 24.33 23.04 18.62
C PRO E 192 24.52 22.45 17.20
N ALA E 193 25.67 22.72 16.60
CA ALA E 193 25.95 22.29 15.23
C ALA E 193 27.17 21.37 15.13
N PHE E 194 26.98 20.21 14.49
CA PHE E 194 28.10 19.40 14.00
C PHE E 194 28.35 19.78 12.53
N VAL E 195 29.56 20.19 12.21
CA VAL E 195 29.85 20.68 10.86
C VAL E 195 31.06 19.99 10.24
N TRP E 196 30.95 19.60 8.99
CA TRP E 196 32.09 19.04 8.28
C TRP E 196 32.15 19.47 6.81
N GLN E 197 33.37 19.54 6.30
CA GLN E 197 33.61 19.87 4.91
C GLN E 197 35.01 19.38 4.56
N THR E 198 35.36 19.44 3.28
CA THR E 198 36.72 19.18 2.85
C THR E 198 37.40 20.52 2.56
N ALA E 199 38.71 20.58 2.78
CA ALA E 199 39.45 21.82 2.56
C ALA E 199 39.57 22.14 1.07
N THR E 200 39.55 21.10 0.25
CA THR E 200 39.78 21.24 -1.18
C THR E 200 38.49 21.46 -1.98
N ASP E 201 37.44 21.92 -1.30
CA ASP E 201 36.12 22.08 -1.91
C ASP E 201 36.08 23.23 -2.93
N GLU E 202 36.17 22.88 -4.22
CA GLU E 202 36.13 23.86 -5.30
C GLU E 202 34.78 24.57 -5.44
N SER E 203 33.70 23.79 -5.55
CA SER E 203 32.38 24.36 -5.82
C SER E 203 31.82 25.22 -4.67
N VAL E 204 32.11 24.82 -3.43
CA VAL E 204 31.69 25.59 -2.27
C VAL E 204 32.87 25.75 -1.30
N PRO E 205 33.74 26.76 -1.55
CA PRO E 205 34.89 27.12 -0.70
C PRO E 205 34.63 27.02 0.82
N PRO E 206 35.57 26.39 1.55
CA PRO E 206 35.55 26.11 2.99
C PRO E 206 35.21 27.32 3.84
N ILE E 207 35.50 28.51 3.31
CA ILE E 207 35.09 29.80 3.88
C ILE E 207 33.74 29.69 4.57
N ASN E 208 32.75 29.18 3.83
CA ASN E 208 31.40 28.98 4.33
C ASN E 208 31.27 28.30 5.70
N SER E 209 31.74 27.05 5.80
CA SER E 209 31.68 26.34 7.08
C SER E 209 32.54 27.04 8.13
N LEU E 210 33.77 27.38 7.75
CA LEU E 210 34.65 28.16 8.60
C LEU E 210 33.93 29.42 9.08
N LYS E 211 33.29 30.16 8.17
CA LYS E 211 32.60 31.39 8.56
C LYS E 211 31.45 31.11 9.52
N TYR E 212 30.78 29.98 9.31
CA TYR E 212 29.68 29.60 10.18
C TYR E 212 30.18 29.13 11.54
N VAL E 213 31.17 28.23 11.52
CA VAL E 213 31.84 27.80 12.74
C VAL E 213 32.44 28.99 13.50
N GLN E 214 33.22 29.83 12.80
CA GLN E 214 33.77 31.03 13.46
C GLN E 214 32.68 31.78 14.19
N ALA E 215 31.62 32.08 13.45
CA ALA E 215 30.49 32.81 14.01
C ALA E 215 29.78 32.05 15.14
N MET E 216 29.87 30.71 15.15
CA MET E 216 29.14 29.90 16.14
C MET E 216 29.86 29.81 17.51
N LEU E 217 31.18 29.98 17.53
CA LEU E 217 31.89 29.97 18.80
C LEU E 217 31.72 31.33 19.48
N GLN E 218 31.71 32.37 18.66
CA GLN E 218 31.61 33.73 19.15
C GLN E 218 30.27 34.05 19.83
N HIS E 219 29.30 33.14 19.78
CA HIS E 219 28.09 33.32 20.59
C HIS E 219 27.95 32.15 21.52
N GLN E 220 29.10 31.54 21.81
CA GLN E 220 29.22 30.46 22.78
C GLN E 220 28.16 29.37 22.64
N VAL E 221 27.90 28.95 21.41
CA VAL E 221 26.99 27.82 21.18
C VAL E 221 27.80 26.56 20.92
N ALA E 222 27.52 25.49 21.67
CA ALA E 222 28.23 24.20 21.51
C ALA E 222 28.29 23.74 20.05
N THR E 223 29.51 23.52 19.57
CA THR E 223 29.74 23.21 18.16
C THR E 223 30.90 22.21 18.01
N ALA E 224 31.01 21.58 16.84
CA ALA E 224 32.16 20.73 16.51
C ALA E 224 32.37 20.81 14.99
N TYR E 225 33.62 20.76 14.57
CA TYR E 225 33.92 21.05 13.17
C TYR E 225 35.00 20.11 12.67
N HIS E 226 34.78 19.52 11.49
CA HIS E 226 35.79 18.70 10.85
C HIS E 226 36.02 19.09 9.38
N LEU E 227 37.22 19.60 9.13
CA LEU E 227 37.65 19.98 7.80
C LEU E 227 38.74 19.03 7.33
N PHE E 228 38.34 17.99 6.60
CA PHE E 228 39.28 17.02 6.06
C PHE E 228 40.16 17.64 4.96
N GLY E 229 41.39 17.16 4.85
CA GLY E 229 42.37 17.80 3.98
C GLY E 229 42.25 17.55 2.48
N SER E 230 41.43 16.57 2.11
CA SER E 230 41.28 16.25 0.69
C SER E 230 39.84 15.98 0.39
N GLY E 231 39.54 15.77 -0.88
CA GLY E 231 38.17 15.50 -1.29
C GLY E 231 37.42 16.65 -1.91
N ILE E 232 36.67 16.33 -2.96
CA ILE E 232 35.81 17.28 -3.68
C ILE E 232 34.52 17.57 -2.92
N HIS E 233 33.77 18.56 -3.43
CA HIS E 233 32.40 18.80 -2.98
C HIS E 233 31.50 17.58 -3.15
N GLY E 234 30.46 17.49 -2.32
CA GLY E 234 29.44 16.46 -2.46
C GLY E 234 29.88 15.02 -2.28
N LEU E 235 30.74 14.77 -1.29
CA LEU E 235 31.21 13.42 -1.00
C LEU E 235 30.08 12.50 -0.50
N ALA E 236 29.03 13.10 0.06
CA ALA E 236 27.99 12.37 0.79
C ALA E 236 28.60 11.45 1.85
N LEU E 237 28.50 10.14 1.63
CA LEU E 237 29.06 9.16 2.57
C LEU E 237 30.52 8.91 2.29
N ALA E 238 31.02 9.50 1.20
CA ALA E 238 32.42 9.40 0.78
C ALA E 238 32.89 7.95 0.63
N ASN E 239 31.96 7.05 0.33
CA ASN E 239 32.34 5.65 0.15
C ASN E 239 31.63 5.02 -1.03
N HIS E 240 31.74 3.71 -1.14
CA HIS E 240 31.19 3.03 -2.33
C HIS E 240 29.67 3.17 -2.47
N VAL E 241 28.96 3.32 -1.35
CA VAL E 241 27.51 3.46 -1.42
C VAL E 241 27.09 4.69 -2.24
N THR E 242 27.72 5.83 -1.95
CA THR E 242 27.34 7.05 -2.67
C THR E 242 28.27 7.40 -3.83
N GLN E 243 29.23 6.53 -4.12
CA GLN E 243 30.16 6.77 -5.22
C GLN E 243 29.47 6.68 -6.60
N LYS E 244 29.60 7.74 -7.41
CA LYS E 244 29.21 7.66 -8.82
C LYS E 244 30.05 6.59 -9.50
N PRO E 245 29.38 5.60 -10.11
CA PRO E 245 30.04 4.39 -10.65
C PRO E 245 31.27 4.68 -11.51
N GLY E 246 32.43 4.17 -11.08
CA GLY E 246 33.68 4.37 -11.79
C GLY E 246 34.37 5.70 -11.58
N LYS E 247 33.88 6.49 -10.62
CA LYS E 247 34.46 7.79 -10.35
C LYS E 247 35.11 7.87 -8.96
N ASP E 248 36.39 7.51 -8.91
CA ASP E 248 37.13 7.43 -7.67
C ASP E 248 37.04 8.70 -6.81
N LYS E 249 36.93 9.86 -7.47
CA LYS E 249 36.91 11.15 -6.74
C LYS E 249 35.80 11.24 -5.69
N TYR E 250 34.84 10.32 -5.76
CA TYR E 250 33.80 10.23 -4.74
C TYR E 250 34.18 9.35 -3.55
N LEU E 251 35.29 8.63 -3.68
CA LEU E 251 35.85 7.88 -2.55
C LEU E 251 36.89 8.73 -1.77
N ASN E 252 36.68 8.84 -0.45
CA ASN E 252 37.65 9.48 0.45
C ASN E 252 37.55 8.83 1.84
N ASP E 253 38.47 7.93 2.16
CA ASP E 253 38.32 7.14 3.38
C ASP E 253 38.40 7.98 4.66
N GLN E 254 39.14 9.08 4.61
CA GLN E 254 39.25 9.96 5.78
C GLN E 254 37.92 10.63 6.10
N ALA E 255 37.27 11.22 5.10
CA ALA E 255 35.98 11.86 5.31
C ALA E 255 34.89 10.82 5.64
N ALA E 256 35.09 9.58 5.23
CA ALA E 256 34.07 8.54 5.40
C ALA E 256 33.79 8.22 6.88
N ILE E 257 34.65 8.70 7.78
CA ILE E 257 34.38 8.56 9.21
C ILE E 257 33.34 9.56 9.75
N TRP E 258 32.94 10.54 8.94
CA TRP E 258 32.04 11.58 9.46
C TRP E 258 30.73 11.10 10.13
N PRO E 259 30.08 10.02 9.61
CA PRO E 259 28.85 9.56 10.26
C PRO E 259 29.13 9.10 11.68
N GLN E 260 30.17 8.30 11.86
CA GLN E 260 30.62 7.89 13.20
C GLN E 260 30.93 9.08 14.11
N LEU E 261 31.67 10.06 13.58
CA LEU E 261 31.96 11.26 14.35
C LEU E 261 30.66 11.97 14.74
N ALA E 262 29.75 12.10 13.78
CA ALA E 262 28.49 12.79 14.01
C ALA E 262 27.62 12.07 15.04
N LEU E 263 27.55 10.74 14.95
CA LEU E 263 26.76 9.97 15.89
C LEU E 263 27.30 10.05 17.30
N ARG E 264 28.62 9.92 17.43
CA ARG E 264 29.23 10.03 18.75
C ARG E 264 29.04 11.47 19.28
N TRP E 265 29.08 12.47 18.40
CA TRP E 265 28.80 13.85 18.81
C TRP E 265 27.36 14.02 19.31
N LEU E 266 26.39 13.39 18.63
CA LEU E 266 25.02 13.37 19.13
C LEU E 266 24.91 12.66 20.48
N GLN E 267 25.69 11.62 20.69
CA GLN E 267 25.65 10.91 21.96
C GLN E 267 26.08 11.76 23.15
N GLU E 268 27.14 12.55 22.98
CA GLU E 268 27.63 13.41 24.05
C GLU E 268 26.66 14.58 24.29
N GLN E 269 25.92 14.96 23.26
CA GLN E 269 24.92 16.02 23.41
C GLN E 269 23.67 15.46 24.08
N GLY E 270 23.67 14.16 24.38
CA GLY E 270 22.52 13.53 25.01
C GLY E 270 21.33 13.48 24.09
N LEU E 271 21.59 13.58 22.78
CA LEU E 271 20.53 13.51 21.77
C LEU E 271 20.42 12.14 21.11
N LEU E 272 21.12 11.14 21.64
CA LEU E 272 21.09 9.78 21.10
C LEU E 272 21.52 8.85 22.22
N ALA E 273 20.83 7.72 22.39
CA ALA E 273 21.24 6.74 23.39
C ALA E 273 22.72 6.39 23.27
N GLY E 274 23.38 6.24 24.41
CA GLY E 274 24.80 5.91 24.44
C GLY E 274 25.01 4.43 24.74
N ASN E 275 26.01 3.84 24.10
CA ASN E 275 26.28 2.42 24.24
C ASN E 275 27.44 2.08 25.18
N TYR E 276 27.66 2.75 26.21
N MET F 1 -7.40 1.59 -12.39
CA MET F 1 -6.84 0.24 -12.32
C MET F 1 -6.15 -0.04 -10.98
N GLN F 2 -6.37 -1.23 -10.42
CA GLN F 2 -5.69 -1.64 -9.20
C GLN F 2 -4.99 -2.99 -9.39
N VAL F 3 -3.88 -3.17 -8.69
CA VAL F 3 -3.12 -4.41 -8.74
C VAL F 3 -3.08 -5.04 -7.34
N GLU F 4 -3.49 -6.31 -7.25
CA GLU F 4 -3.53 -7.04 -5.98
C GLU F 4 -2.67 -8.29 -6.12
N GLN F 5 -1.71 -8.44 -5.21
CA GLN F 5 -0.88 -9.64 -5.17
C GLN F 5 -1.12 -10.33 -3.81
N ARG F 6 -1.28 -11.65 -3.83
CA ARG F 6 -1.93 -12.34 -2.72
C ARG F 6 -1.69 -13.82 -2.75
N THR F 7 -1.64 -14.41 -1.55
CA THR F 7 -1.67 -15.86 -1.42
C THR F 7 -3.11 -16.31 -1.23
N LEU F 8 -3.56 -17.30 -1.99
CA LEU F 8 -4.83 -17.96 -1.70
C LEU F 8 -4.50 -19.28 -1.00
N ASN F 9 -5.21 -19.58 0.08
CA ASN F 9 -4.85 -20.71 0.90
C ASN F 9 -5.86 -21.85 0.82
N THR F 10 -6.85 -21.70 -0.04
CA THR F 10 -7.98 -22.62 -0.08
C THR F 10 -7.76 -23.85 -0.96
N ALA F 11 -6.50 -24.27 -1.07
CA ALA F 11 -6.14 -25.52 -1.72
C ALA F 11 -5.08 -26.19 -0.84
N ALA F 12 -4.84 -27.48 -1.08
CA ALA F 12 -3.79 -28.23 -0.38
C ALA F 12 -2.44 -27.52 -0.45
N HIS F 13 -2.10 -27.03 -1.64
CA HIS F 13 -0.89 -26.24 -1.82
C HIS F 13 -1.29 -24.79 -2.06
N PRO F 14 -1.13 -23.93 -1.04
CA PRO F 14 -1.42 -22.50 -1.16
C PRO F 14 -0.60 -21.93 -2.29
N PHE F 15 -1.05 -20.83 -2.88
CA PHE F 15 -0.38 -20.32 -4.06
C PHE F 15 -0.59 -18.81 -4.20
N GLN F 16 0.30 -18.18 -4.95
CA GLN F 16 0.17 -16.75 -5.21
C GLN F 16 -0.66 -16.42 -6.47
N ILE F 17 -1.51 -15.40 -6.38
CA ILE F 17 -2.09 -14.80 -7.57
C ILE F 17 -1.70 -13.32 -7.67
N THR F 18 -1.78 -12.79 -8.89
CA THR F 18 -1.67 -11.36 -9.08
C THR F 18 -2.90 -10.92 -9.90
N ALA F 19 -3.83 -10.22 -9.25
CA ALA F 19 -5.01 -9.74 -9.96
C ALA F 19 -4.82 -8.31 -10.49
N TYR F 20 -5.28 -8.07 -11.70
CA TYR F 20 -5.34 -6.73 -12.23
C TYR F 20 -6.81 -6.35 -12.40
N TRP F 21 -7.32 -5.50 -11.50
CA TRP F 21 -8.73 -5.12 -11.50
C TRP F 21 -8.97 -3.85 -12.31
N LEU F 22 -9.94 -3.95 -13.21
CA LEU F 22 -10.49 -2.80 -13.88
C LEU F 22 -11.24 -1.93 -12.88
N ASP F 23 -11.13 -0.61 -13.01
CA ASP F 23 -11.92 0.28 -12.19
C ASP F 23 -13.13 0.77 -12.96
N GLN F 24 -14.22 1.07 -12.25
CA GLN F 24 -15.39 1.61 -12.92
C GLN F 24 -15.06 2.97 -13.54
N ILE F 25 -15.57 3.19 -14.75
CA ILE F 25 -15.39 4.46 -15.39
C ILE F 25 -16.33 5.42 -14.67
N SER F 26 -15.76 6.51 -14.15
CA SER F 26 -16.45 7.37 -13.19
C SER F 26 -17.59 8.18 -13.80
N ASP F 27 -17.47 8.55 -15.07
CA ASP F 27 -18.54 9.33 -15.73
C ASP F 27 -19.55 8.44 -16.48
N PHE F 28 -19.65 7.18 -16.07
CA PHE F 28 -20.77 6.32 -16.45
C PHE F 28 -21.86 6.54 -15.41
N GLU F 29 -23.11 6.63 -15.86
CA GLU F 29 -24.24 6.81 -14.94
C GLU F 29 -24.60 5.51 -14.23
N THR F 30 -24.27 4.38 -14.86
CA THR F 30 -24.54 3.07 -14.30
C THR F 30 -23.30 2.16 -14.27
N ALA F 31 -23.41 1.02 -13.61
CA ALA F 31 -22.24 0.16 -13.41
C ALA F 31 -22.20 -0.96 -14.44
N VAL F 32 -21.00 -1.48 -14.69
CA VAL F 32 -20.86 -2.59 -15.63
C VAL F 32 -20.00 -3.69 -15.03
N ASP F 33 -20.50 -4.92 -15.09
CA ASP F 33 -19.69 -6.06 -14.67
C ASP F 33 -18.83 -6.47 -15.87
N TYR F 34 -17.54 -6.71 -15.62
CA TYR F 34 -16.63 -7.03 -16.70
C TYR F 34 -16.28 -8.50 -16.65
N PRO F 35 -15.92 -9.09 -17.79
CA PRO F 35 -15.41 -10.46 -17.76
C PRO F 35 -14.07 -10.49 -17.05
N ILE F 36 -13.57 -11.69 -16.75
CA ILE F 36 -12.25 -11.84 -16.15
C ILE F 36 -11.52 -13.00 -16.82
N MET F 37 -10.25 -12.76 -17.15
CA MET F 37 -9.42 -13.84 -17.68
C MET F 37 -8.37 -14.28 -16.65
N ILE F 38 -8.30 -15.58 -16.40
CA ILE F 38 -7.23 -16.16 -15.60
C ILE F 38 -6.12 -16.68 -16.51
N ILE F 39 -4.91 -16.17 -16.32
CA ILE F 39 -3.78 -16.60 -17.14
C ILE F 39 -2.82 -17.52 -16.37
N CYS F 40 -2.59 -18.70 -16.95
CA CYS F 40 -1.51 -19.60 -16.51
C CYS F 40 -0.42 -19.55 -17.56
N PRO F 41 0.72 -18.90 -17.24
CA PRO F 41 1.83 -18.80 -18.21
C PRO F 41 2.57 -20.12 -18.39
N GLY F 42 3.57 -20.13 -19.25
CA GLY F 42 4.45 -21.28 -19.37
C GLY F 42 5.69 -21.12 -18.51
N GLY F 43 6.74 -21.82 -18.89
CA GLY F 43 7.98 -21.86 -18.12
C GLY F 43 8.38 -23.31 -17.89
N GLY F 44 7.83 -24.19 -18.71
CA GLY F 44 8.18 -25.60 -18.74
C GLY F 44 8.01 -26.33 -17.43
N PHE F 45 7.01 -25.91 -16.65
CA PHE F 45 6.71 -26.51 -15.35
C PHE F 45 7.76 -26.29 -14.25
N THR F 46 8.80 -25.50 -14.55
CA THR F 46 9.84 -25.25 -13.55
C THR F 46 9.94 -23.77 -13.19
N TYR F 47 9.24 -22.94 -13.94
CA TYR F 47 9.17 -21.51 -13.63
C TYR F 47 7.95 -20.92 -14.32
N HIS F 48 7.55 -19.73 -13.90
CA HIS F 48 6.47 -19.00 -14.53
C HIS F 48 7.06 -17.91 -15.42
N SER F 49 6.75 -17.98 -16.72
CA SER F 49 7.34 -17.07 -17.68
C SER F 49 6.72 -15.68 -17.60
N GLY F 50 7.55 -14.67 -17.31
CA GLY F 50 7.12 -13.28 -17.28
C GLY F 50 6.61 -12.80 -18.64
N ARG F 51 7.16 -13.37 -19.72
CA ARG F 51 6.71 -13.02 -21.07
C ARG F 51 5.25 -13.32 -21.27
N GLU F 52 4.70 -14.24 -20.49
CA GLU F 52 3.32 -14.66 -20.69
C GLU F 52 2.43 -14.24 -19.52
N GLU F 53 2.90 -13.26 -18.76
CA GLU F 53 2.10 -12.77 -17.65
C GLU F 53 1.57 -11.34 -17.92
N ALA F 54 2.19 -10.31 -17.34
CA ALA F 54 1.69 -8.94 -17.48
C ALA F 54 1.47 -8.51 -18.94
N PRO F 55 2.45 -8.76 -19.85
CA PRO F 55 2.19 -8.28 -21.21
C PRO F 55 0.93 -8.87 -21.82
N ILE F 56 0.60 -10.11 -21.47
CA ILE F 56 -0.62 -10.70 -22.03
C ILE F 56 -1.85 -10.16 -21.28
N ALA F 57 -1.73 -10.04 -19.97
CA ALA F 57 -2.81 -9.52 -19.15
C ALA F 57 -3.18 -8.10 -19.57
N THR F 58 -2.17 -7.27 -19.80
CA THR F 58 -2.39 -5.90 -20.18
C THR F 58 -3.11 -5.82 -21.52
N ARG F 59 -2.73 -6.66 -22.48
CA ARG F 59 -3.41 -6.63 -23.78
C ARG F 59 -4.89 -7.02 -23.66
N MET F 60 -5.21 -7.93 -22.74
CA MET F 60 -6.59 -8.34 -22.55
C MET F 60 -7.36 -7.33 -21.70
N MET F 61 -6.68 -6.71 -20.74
CA MET F 61 -7.28 -5.63 -19.97
C MET F 61 -7.65 -4.45 -20.85
N ALA F 62 -6.89 -4.25 -21.93
CA ALA F 62 -7.13 -3.15 -22.86
C ALA F 62 -8.46 -3.34 -23.54
N ALA F 63 -8.88 -4.59 -23.69
CA ALA F 63 -10.16 -4.89 -24.34
C ALA F 63 -11.30 -4.91 -23.33
N GLY F 64 -11.00 -4.63 -22.08
CA GLY F 64 -12.07 -4.44 -21.12
C GLY F 64 -12.40 -5.66 -20.29
N MET F 65 -11.39 -6.36 -19.79
CA MET F 65 -11.60 -7.40 -18.81
C MET F 65 -10.62 -7.33 -17.64
N HIS F 66 -11.08 -7.81 -16.47
CA HIS F 66 -10.17 -8.06 -15.36
C HIS F 66 -9.27 -9.21 -15.79
N THR F 67 -8.07 -9.28 -15.20
CA THR F 67 -7.21 -10.43 -15.39
C THR F 67 -6.56 -10.85 -14.08
N VAL F 68 -6.19 -12.12 -14.00
CA VAL F 68 -5.52 -12.65 -12.84
C VAL F 68 -4.45 -13.60 -13.34
N VAL F 69 -3.25 -13.50 -12.79
CA VAL F 69 -2.19 -14.43 -13.16
C VAL F 69 -2.04 -15.46 -12.04
N LEU F 70 -2.11 -16.74 -12.40
CA LEU F 70 -2.03 -17.82 -11.43
C LEU F 70 -0.65 -18.45 -11.41
N ASN F 71 0.07 -18.36 -10.28
CA ASN F 71 1.32 -19.09 -10.11
C ASN F 71 1.04 -20.55 -9.75
N TYR F 72 0.65 -21.36 -10.73
CA TYR F 72 0.28 -22.76 -10.48
C TYR F 72 1.49 -23.59 -10.05
N GLN F 73 1.20 -24.72 -9.42
CA GLN F 73 2.22 -25.63 -8.92
C GLN F 73 3.32 -25.94 -9.95
N LEU F 74 4.57 -25.75 -9.54
CA LEU F 74 5.70 -26.07 -10.39
C LEU F 74 6.41 -27.33 -9.88
N ILE F 75 7.51 -27.69 -10.54
CA ILE F 75 8.42 -28.69 -10.00
C ILE F 75 9.45 -27.95 -9.16
N VAL F 76 9.45 -28.23 -7.88
CA VAL F 76 10.36 -27.58 -6.96
C VAL F 76 10.24 -28.47 -5.78
N GLY F 77 11.31 -28.62 -5.01
CA GLY F 77 11.35 -29.70 -4.03
C GLY F 77 11.13 -30.95 -4.84
N ASP F 78 10.53 -31.98 -4.25
CA ASP F 78 10.24 -33.17 -5.03
C ASP F 78 8.79 -33.11 -5.49
N GLN F 79 8.28 -31.89 -5.64
CA GLN F 79 6.87 -31.70 -5.98
C GLN F 79 6.54 -31.99 -7.43
N SER F 80 5.34 -32.53 -7.65
N SER F 80 5.34 -32.51 -7.63
CA SER F 80 4.82 -32.66 -9.00
CA SER F 80 4.77 -32.67 -8.96
C SER F 80 3.72 -31.61 -9.21
C SER F 80 3.71 -31.58 -9.20
N VAL F 81 3.41 -31.32 -10.47
CA VAL F 81 2.41 -30.33 -10.84
C VAL F 81 1.01 -30.77 -10.42
N TYR F 82 0.71 -32.04 -10.67
CA TYR F 82 -0.65 -32.55 -10.48
C TYR F 82 -0.72 -33.43 -9.25
N PRO F 83 -1.92 -33.53 -8.63
CA PRO F 83 -3.18 -32.89 -9.02
C PRO F 83 -3.33 -31.44 -8.52
N TRP F 84 -2.32 -30.94 -7.81
CA TRP F 84 -2.41 -29.65 -7.11
C TRP F 84 -2.79 -28.45 -8.01
N ALA F 85 -2.14 -28.34 -9.16
CA ALA F 85 -2.35 -27.20 -10.05
C ALA F 85 -3.81 -27.10 -10.48
N LEU F 86 -4.46 -28.26 -10.63
CA LEU F 86 -5.87 -28.30 -11.00
C LEU F 86 -6.70 -27.69 -9.88
N GLN F 87 -6.32 -27.98 -8.64
CA GLN F 87 -7.04 -27.51 -7.47
C GLN F 87 -6.87 -25.99 -7.27
N GLN F 88 -5.69 -25.51 -7.62
CA GLN F 88 -5.41 -24.10 -7.48
C GLN F 88 -6.27 -23.29 -8.48
N LEU F 89 -6.49 -23.83 -9.67
CA LEU F 89 -7.42 -23.22 -10.64
C LEU F 89 -8.82 -23.11 -10.07
N GLY F 90 -9.32 -24.22 -9.49
CA GLY F 90 -10.64 -24.24 -8.90
C GLY F 90 -10.77 -23.23 -7.77
N ALA F 91 -9.74 -23.15 -6.93
CA ALA F 91 -9.75 -22.18 -5.84
C ALA F 91 -9.73 -20.75 -6.39
N THR F 92 -9.01 -20.52 -7.49
CA THR F 92 -8.89 -19.17 -8.04
C THR F 92 -10.25 -18.70 -8.59
N ILE F 93 -10.92 -19.56 -9.36
CA ILE F 93 -12.27 -19.28 -9.80
C ILE F 93 -13.21 -19.07 -8.61
N ASP F 94 -13.10 -19.93 -7.60
CA ASP F 94 -13.92 -19.77 -6.38
C ASP F 94 -13.69 -18.40 -5.77
N TRP F 95 -12.43 -18.05 -5.58
CA TRP F 95 -12.08 -16.77 -4.98
C TRP F 95 -12.64 -15.58 -5.78
N ILE F 96 -12.63 -15.71 -7.08
CA ILE F 96 -13.18 -14.67 -7.93
C ILE F 96 -14.64 -14.43 -7.62
N THR F 97 -15.42 -15.52 -7.49
CA THR F 97 -16.83 -15.42 -7.16
C THR F 97 -17.03 -14.58 -5.89
N THR F 98 -16.15 -14.76 -4.91
CA THR F 98 -16.23 -13.95 -3.69
C THR F 98 -15.85 -12.48 -3.88
N GLN F 99 -15.18 -12.15 -4.99
CA GLN F 99 -14.75 -10.78 -5.20
C GLN F 99 -15.65 -10.02 -6.17
N ALA F 100 -16.63 -10.73 -6.76
CA ALA F 100 -17.49 -10.19 -7.83
C ALA F 100 -18.09 -8.82 -7.58
N SER F 101 -18.78 -8.66 -6.46
CA SER F 101 -19.49 -7.43 -6.15
C SER F 101 -18.58 -6.25 -5.89
N ALA F 102 -17.47 -6.54 -5.21
CA ALA F 102 -16.47 -5.53 -4.94
C ALA F 102 -15.81 -5.04 -6.23
N HIS F 103 -15.70 -5.92 -7.23
CA HIS F 103 -14.93 -5.54 -8.42
C HIS F 103 -15.76 -5.50 -9.70
N HIS F 104 -17.05 -5.78 -9.58
CA HIS F 104 -17.92 -5.90 -10.72
C HIS F 104 -17.37 -6.90 -11.71
N VAL F 105 -17.33 -8.16 -11.28
CA VAL F 105 -16.95 -9.26 -12.15
C VAL F 105 -18.18 -9.98 -12.67
N ASP F 106 -18.23 -10.23 -13.98
CA ASP F 106 -19.29 -11.01 -14.57
C ASP F 106 -18.95 -12.49 -14.50
N CYS F 107 -19.42 -13.17 -13.46
CA CYS F 107 -19.06 -14.56 -13.22
C CYS F 107 -19.54 -15.55 -14.27
N GLN F 108 -20.37 -15.10 -15.21
CA GLN F 108 -20.77 -15.97 -16.30
C GLN F 108 -19.77 -15.81 -17.44
N ARG F 109 -18.78 -14.96 -17.24
N ARG F 109 -18.79 -14.94 -17.25
CA ARG F 109 -17.76 -14.69 -18.25
CA ARG F 109 -17.76 -14.71 -18.26
C ARG F 109 -16.35 -14.87 -17.67
C ARG F 109 -16.36 -14.87 -17.68
N ILE F 110 -16.07 -16.06 -17.15
CA ILE F 110 -14.75 -16.37 -16.63
C ILE F 110 -13.99 -17.19 -17.65
N ILE F 111 -12.90 -16.63 -18.14
CA ILE F 111 -12.08 -17.26 -19.17
C ILE F 111 -10.73 -17.71 -18.61
N LEU F 112 -10.27 -18.88 -19.02
CA LEU F 112 -8.94 -19.34 -18.64
C LEU F 112 -8.03 -19.29 -19.86
N ALA F 113 -6.80 -18.80 -19.68
CA ALA F 113 -5.82 -18.80 -20.77
C ALA F 113 -4.51 -19.48 -20.35
N GLY F 114 -4.05 -20.40 -21.19
CA GLY F 114 -2.83 -21.13 -20.93
C GLY F 114 -1.83 -21.01 -22.04
N PHE F 115 -0.55 -20.98 -21.69
CA PHE F 115 0.50 -20.93 -22.67
C PHE F 115 1.54 -22.01 -22.38
N SER F 116 1.96 -22.73 -23.41
CA SER F 116 2.93 -23.83 -23.25
C SER F 116 2.49 -24.75 -22.12
N ALA F 117 3.37 -24.95 -21.12
CA ALA F 117 3.00 -25.72 -19.93
C ALA F 117 1.70 -25.24 -19.31
N GLY F 118 1.53 -23.91 -19.23
CA GLY F 118 0.30 -23.31 -18.76
C GLY F 118 -0.94 -23.84 -19.47
N GLY F 119 -0.82 -24.07 -20.77
CA GLY F 119 -1.92 -24.64 -21.53
C GLY F 119 -2.34 -26.04 -21.08
N HIS F 120 -1.38 -26.83 -20.62
CA HIS F 120 -1.72 -28.17 -20.13
C HIS F 120 -2.68 -28.08 -18.95
N VAL F 121 -2.34 -27.21 -17.98
CA VAL F 121 -3.19 -27.06 -16.78
C VAL F 121 -4.59 -26.66 -17.18
N VAL F 122 -4.70 -25.70 -18.08
CA VAL F 122 -6.01 -25.24 -18.51
C VAL F 122 -6.71 -26.29 -19.36
N ALA F 123 -5.99 -26.87 -20.32
CA ALA F 123 -6.61 -27.92 -21.16
C ALA F 123 -7.11 -29.07 -20.29
N THR F 124 -6.27 -29.52 -19.34
CA THR F 124 -6.66 -30.58 -18.43
C THR F 124 -7.85 -30.15 -17.61
N TYR F 125 -7.79 -28.91 -17.13
CA TYR F 125 -8.83 -28.41 -16.25
C TYR F 125 -10.17 -28.38 -16.98
N ASN F 126 -10.14 -27.89 -18.22
CA ASN F 126 -11.33 -27.88 -19.06
C ASN F 126 -11.89 -29.28 -19.22
N GLY F 127 -10.99 -30.25 -19.32
CA GLY F 127 -11.35 -31.65 -19.26
C GLY F 127 -11.82 -32.09 -17.88
N VAL F 128 -10.92 -32.06 -16.89
CA VAL F 128 -11.23 -32.54 -15.53
C VAL F 128 -12.45 -31.88 -14.89
N ALA F 129 -12.50 -30.56 -14.87
CA ALA F 129 -13.55 -29.84 -14.14
C ALA F 129 -14.88 -29.84 -14.86
N THR F 130 -14.93 -30.47 -16.03
CA THR F 130 -16.19 -30.68 -16.74
C THR F 130 -16.73 -32.12 -16.64
N GLN F 131 -16.03 -32.99 -15.92
CA GLN F 131 -16.56 -34.34 -15.65
C GLN F 131 -16.45 -34.65 -14.14
N PRO F 132 -17.60 -34.65 -13.43
CA PRO F 132 -17.69 -35.01 -12.00
C PRO F 132 -16.90 -36.27 -11.58
N GLU F 133 -16.79 -37.27 -12.45
CA GLU F 133 -15.93 -38.42 -12.16
C GLU F 133 -14.51 -37.91 -11.87
N LEU F 134 -13.97 -37.13 -12.80
CA LEU F 134 -12.61 -36.63 -12.65
C LEU F 134 -12.52 -35.45 -11.66
N ARG F 135 -13.67 -34.82 -11.41
CA ARG F 135 -13.72 -33.72 -10.45
C ARG F 135 -13.39 -34.29 -9.08
N THR F 136 -14.22 -35.23 -8.66
CA THR F 136 -14.06 -35.89 -7.37
C THR F 136 -12.67 -36.50 -7.19
N ARG F 137 -12.24 -37.35 -8.13
CA ARG F 137 -10.87 -37.89 -8.11
C ARG F 137 -9.80 -36.84 -7.79
N TYR F 138 -10.02 -35.63 -8.28
CA TYR F 138 -8.97 -34.62 -8.18
C TYR F 138 -9.28 -33.48 -7.18
N HIS F 139 -10.40 -33.61 -6.46
CA HIS F 139 -10.72 -32.76 -5.33
C HIS F 139 -11.04 -31.32 -5.70
N LEU F 140 -11.62 -31.17 -6.90
CA LEU F 140 -12.13 -29.89 -7.37
C LEU F 140 -13.58 -29.74 -6.93
N ASP F 141 -14.03 -30.70 -6.13
CA ASP F 141 -15.38 -30.67 -5.63
C ASP F 141 -15.43 -29.61 -4.55
N HIS F 142 -16.62 -29.03 -4.37
CA HIS F 142 -16.86 -28.07 -3.29
C HIS F 142 -16.30 -26.67 -3.54
N TYR F 143 -15.89 -26.37 -4.78
CA TYR F 143 -15.49 -24.99 -5.17
C TYR F 143 -16.59 -24.28 -5.96
N GLN F 144 -16.89 -23.04 -5.61
CA GLN F 144 -17.88 -22.27 -6.36
C GLN F 144 -17.37 -21.77 -7.72
N GLY F 145 -18.33 -21.44 -8.59
CA GLY F 145 -18.04 -20.90 -9.91
C GLY F 145 -17.52 -21.87 -10.95
N GLN F 146 -17.57 -21.46 -12.21
CA GLN F 146 -16.96 -22.23 -13.30
C GLN F 146 -16.64 -21.36 -14.50
N HIS F 147 -15.70 -21.83 -15.32
CA HIS F 147 -15.22 -21.05 -16.45
C HIS F 147 -16.12 -21.21 -17.70
N ALA F 148 -16.22 -20.14 -18.50
CA ALA F 148 -17.07 -20.15 -19.71
C ALA F 148 -16.37 -20.65 -20.98
N ALA F 149 -15.05 -20.47 -21.04
CA ALA F 149 -14.26 -20.86 -22.20
C ALA F 149 -12.78 -20.89 -21.84
N ILE F 150 -11.99 -21.52 -22.69
CA ILE F 150 -10.54 -21.47 -22.58
C ILE F 150 -9.86 -20.84 -23.82
N ILE F 151 -8.65 -20.34 -23.63
CA ILE F 151 -7.76 -19.92 -24.71
C ILE F 151 -6.44 -20.64 -24.54
N LEU F 152 -5.94 -21.27 -25.60
CA LEU F 152 -4.67 -22.00 -25.51
C LEU F 152 -3.66 -21.48 -26.51
N GLY F 153 -2.49 -21.04 -26.04
CA GLY F 153 -1.43 -20.58 -26.92
C GLY F 153 -0.29 -21.58 -26.91
N TYR F 154 0.03 -22.15 -28.07
CA TYR F 154 1.04 -23.20 -28.21
C TYR F 154 1.08 -24.16 -27.02
N PRO F 155 -0.07 -24.75 -26.69
CA PRO F 155 -0.14 -25.48 -25.43
C PRO F 155 0.53 -26.84 -25.48
N VAL F 156 1.19 -27.19 -24.38
CA VAL F 156 1.52 -28.58 -24.12
C VAL F 156 0.18 -29.28 -23.90
N ILE F 157 -0.11 -30.31 -24.69
CA ILE F 157 -1.35 -31.07 -24.55
C ILE F 157 -1.08 -32.55 -24.18
N ASP F 158 0.07 -33.08 -24.62
CA ASP F 158 0.47 -34.50 -24.51
C ASP F 158 1.96 -34.54 -24.13
N LEU F 159 2.29 -35.18 -23.01
CA LEU F 159 3.67 -35.20 -22.47
C LEU F 159 4.59 -36.24 -23.14
N THR F 160 4.00 -37.05 -24.00
CA THR F 160 4.76 -38.03 -24.78
C THR F 160 4.96 -37.53 -26.21
N ALA F 161 4.43 -36.34 -26.49
CA ALA F 161 4.42 -35.78 -27.85
C ALA F 161 5.58 -34.84 -28.11
N GLY F 162 6.71 -35.12 -27.48
CA GLY F 162 7.93 -34.38 -27.78
C GLY F 162 8.40 -33.54 -26.61
N PHE F 163 7.46 -33.00 -25.83
CA PHE F 163 7.81 -32.29 -24.62
C PHE F 163 7.14 -32.95 -23.42
N PRO F 164 7.94 -33.24 -22.38
CA PRO F 164 9.38 -32.96 -22.37
C PRO F 164 10.22 -34.05 -23.06
N THR F 165 11.45 -33.70 -23.45
CA THR F 165 12.37 -34.60 -24.16
C THR F 165 12.57 -35.93 -23.44
N THR F 166 13.35 -35.91 -22.35
CA THR F 166 13.71 -37.13 -21.63
C THR F 166 12.52 -37.72 -20.85
N SER F 167 12.56 -39.03 -20.64
CA SER F 167 11.55 -39.68 -19.81
C SER F 167 11.57 -39.14 -18.37
N ALA F 168 12.77 -38.90 -17.85
CA ALA F 168 12.93 -38.40 -16.47
C ALA F 168 12.33 -37.01 -16.23
N ALA F 169 12.03 -36.29 -17.31
CA ALA F 169 11.36 -35.00 -17.17
C ALA F 169 9.82 -35.11 -17.24
N ARG F 170 9.31 -36.14 -17.91
CA ARG F 170 7.86 -36.45 -17.89
C ARG F 170 7.52 -36.61 -16.44
N ASN F 171 8.33 -37.45 -15.80
CA ASN F 171 8.02 -37.98 -14.50
C ASN F 171 8.00 -36.91 -13.42
N GLN F 172 9.00 -36.02 -13.42
CA GLN F 172 9.02 -34.86 -12.53
C GLN F 172 7.67 -34.14 -12.57
N ILE F 173 7.20 -33.85 -13.78
CA ILE F 173 5.89 -33.23 -14.02
C ILE F 173 4.75 -34.04 -13.39
N THR F 174 4.76 -35.35 -13.63
CA THR F 174 3.84 -36.26 -12.95
C THR F 174 4.07 -37.75 -13.23
N THR F 175 4.01 -38.52 -12.14
CA THR F 175 3.88 -39.97 -12.19
C THR F 175 2.41 -40.38 -12.06
N ASP F 176 1.56 -39.69 -12.82
CA ASP F 176 0.19 -40.10 -13.05
C ASP F 176 -0.04 -39.95 -14.56
N ALA F 177 0.11 -41.04 -15.31
CA ALA F 177 0.04 -40.99 -16.77
C ALA F 177 -1.38 -40.75 -17.31
N ARG F 178 -2.39 -40.84 -16.46
CA ARG F 178 -3.77 -40.54 -16.85
C ARG F 178 -4.03 -39.07 -17.27
N LEU F 179 -3.01 -38.23 -17.27
CA LEU F 179 -3.16 -36.91 -17.87
C LEU F 179 -1.83 -36.38 -18.42
N TRP F 180 -1.03 -37.29 -18.97
CA TRP F 180 0.14 -36.91 -19.75
C TRP F 180 -0.37 -36.20 -21.00
N ALA F 181 -1.61 -36.52 -21.37
CA ALA F 181 -2.19 -36.13 -22.66
C ALA F 181 -3.60 -35.57 -22.51
N ALA F 182 -3.74 -34.25 -22.62
CA ALA F 182 -5.03 -33.58 -22.44
C ALA F 182 -6.08 -33.88 -23.52
N GLN F 183 -5.64 -34.40 -24.67
CA GLN F 183 -6.56 -34.72 -25.77
C GLN F 183 -7.53 -35.84 -25.39
N ARG F 184 -7.01 -36.88 -24.73
CA ARG F 184 -7.82 -38.05 -24.29
C ARG F 184 -8.88 -37.71 -23.23
N LEU F 185 -8.82 -36.50 -22.66
CA LEU F 185 -9.77 -36.12 -21.61
C LEU F 185 -10.97 -35.31 -22.10
N VAL F 186 -10.94 -34.88 -23.35
CA VAL F 186 -12.06 -34.09 -23.88
C VAL F 186 -13.36 -34.89 -23.98
N THR F 187 -14.42 -34.32 -23.44
CA THR F 187 -15.76 -34.86 -23.67
C THR F 187 -16.62 -33.72 -24.19
N PRO F 188 -17.87 -34.01 -24.60
CA PRO F 188 -18.83 -32.97 -24.97
C PRO F 188 -19.13 -31.99 -23.84
N ALA F 189 -18.57 -32.24 -22.67
CA ALA F 189 -18.75 -31.36 -21.52
C ALA F 189 -17.76 -30.16 -21.55
N SER F 190 -16.59 -30.38 -22.16
CA SER F 190 -15.53 -29.38 -22.23
C SER F 190 -16.02 -28.05 -22.78
N LYS F 191 -15.58 -26.95 -22.16
CA LYS F 191 -16.02 -25.61 -22.55
C LYS F 191 -15.35 -25.17 -23.85
N PRO F 192 -15.98 -24.23 -24.59
CA PRO F 192 -15.43 -23.79 -25.89
C PRO F 192 -13.99 -23.30 -25.80
N ALA F 193 -13.18 -23.69 -26.79
CA ALA F 193 -11.76 -23.39 -26.79
C ALA F 193 -11.35 -22.56 -28.02
N PHE F 194 -10.55 -21.51 -27.78
CA PHE F 194 -9.81 -20.84 -28.85
C PHE F 194 -8.37 -21.33 -28.73
N VAL F 195 -7.84 -21.90 -29.81
CA VAL F 195 -6.51 -22.50 -29.80
C VAL F 195 -5.62 -21.93 -30.90
N TRP F 196 -4.35 -21.65 -30.58
CA TRP F 196 -3.40 -21.26 -31.62
C TRP F 196 -2.00 -21.77 -31.37
N GLN F 197 -1.25 -21.99 -32.44
CA GLN F 197 0.14 -22.41 -32.34
C GLN F 197 0.82 -22.11 -33.67
N THR F 198 2.14 -22.23 -33.71
CA THR F 198 2.86 -22.19 -34.97
C THR F 198 3.14 -23.62 -35.42
N ALA F 199 3.20 -23.82 -36.74
CA ALA F 199 3.42 -25.14 -37.30
C ALA F 199 4.88 -25.54 -37.14
N THR F 200 5.73 -24.55 -36.95
CA THR F 200 7.17 -24.76 -36.92
C THR F 200 7.70 -24.82 -35.49
N ASP F 201 6.81 -25.19 -34.56
CA ASP F 201 7.14 -25.25 -33.13
C ASP F 201 7.99 -26.49 -32.82
N GLU F 202 9.28 -26.27 -32.66
CA GLU F 202 10.25 -27.34 -32.39
C GLU F 202 10.08 -27.97 -31.02
N SER F 203 9.88 -27.15 -29.99
CA SER F 203 9.86 -27.65 -28.62
C SER F 203 8.53 -28.29 -28.18
N VAL F 204 7.42 -27.82 -28.75
CA VAL F 204 6.12 -28.47 -28.55
C VAL F 204 5.41 -28.68 -29.90
N PRO F 205 5.73 -29.80 -30.59
CA PRO F 205 5.07 -30.21 -31.85
C PRO F 205 3.55 -29.96 -31.92
N PRO F 206 3.07 -29.41 -33.06
CA PRO F 206 1.70 -28.93 -33.25
C PRO F 206 0.62 -30.00 -33.10
N ILE F 207 1.00 -31.28 -33.08
CA ILE F 207 0.02 -32.37 -32.90
C ILE F 207 -0.75 -32.19 -31.60
N ASN F 208 -0.08 -31.66 -30.57
CA ASN F 208 -0.72 -31.29 -29.33
C ASN F 208 -1.99 -30.48 -29.57
N SER F 209 -1.83 -29.31 -30.19
CA SER F 209 -2.99 -28.48 -30.45
C SER F 209 -3.94 -29.17 -31.45
N LEU F 210 -3.35 -29.80 -32.45
CA LEU F 210 -4.14 -30.56 -33.42
C LEU F 210 -4.99 -31.60 -32.69
N LYS F 211 -4.33 -32.45 -31.90
CA LYS F 211 -5.03 -33.51 -31.15
C LYS F 211 -6.15 -32.98 -30.26
N TYR F 212 -5.91 -31.86 -29.56
CA TYR F 212 -6.95 -31.30 -28.71
C TYR F 212 -8.11 -30.82 -29.55
N VAL F 213 -7.80 -29.98 -30.53
CA VAL F 213 -8.81 -29.51 -31.48
C VAL F 213 -9.48 -30.68 -32.21
N GLN F 214 -8.68 -31.60 -32.74
CA GLN F 214 -9.23 -32.80 -33.37
C GLN F 214 -10.23 -33.43 -32.42
N ALA F 215 -9.82 -33.64 -31.18
CA ALA F 215 -10.70 -34.23 -30.19
C ALA F 215 -11.83 -33.27 -29.79
N MET F 216 -11.61 -31.96 -29.97
CA MET F 216 -12.64 -30.96 -29.67
C MET F 216 -13.82 -31.05 -30.63
N LEU F 217 -13.53 -31.34 -31.89
CA LEU F 217 -14.59 -31.46 -32.88
C LEU F 217 -15.30 -32.80 -32.72
N GLN F 218 -14.52 -33.86 -32.54
CA GLN F 218 -15.07 -35.20 -32.46
C GLN F 218 -15.99 -35.42 -31.26
N HIS F 219 -16.09 -34.42 -30.36
CA HIS F 219 -17.13 -34.43 -29.32
C HIS F 219 -18.02 -33.20 -29.44
N GLN F 220 -18.09 -32.65 -30.65
CA GLN F 220 -18.93 -31.49 -30.96
C GLN F 220 -18.74 -30.27 -30.05
N VAL F 221 -17.49 -29.89 -29.78
CA VAL F 221 -17.27 -28.72 -28.95
C VAL F 221 -16.83 -27.50 -29.74
N ALA F 222 -17.59 -26.40 -29.60
CA ALA F 222 -17.27 -25.15 -30.29
C ALA F 222 -15.79 -24.82 -30.10
N THR F 223 -15.05 -24.82 -31.20
CA THR F 223 -13.61 -24.61 -31.17
C THR F 223 -13.11 -23.85 -32.40
N ALA F 224 -12.11 -23.00 -32.21
CA ALA F 224 -11.48 -22.30 -33.31
C ALA F 224 -9.98 -22.54 -33.20
N TYR F 225 -9.30 -22.64 -34.33
CA TYR F 225 -7.92 -23.09 -34.30
C TYR F 225 -7.08 -22.32 -35.31
N HIS F 226 -6.02 -21.70 -34.84
CA HIS F 226 -5.09 -21.04 -35.74
C HIS F 226 -3.67 -21.58 -35.62
N LEU F 227 -3.26 -22.29 -36.66
CA LEU F 227 -1.90 -22.78 -36.77
C LEU F 227 -1.20 -21.91 -37.80
N PHE F 228 -0.49 -20.89 -37.32
CA PHE F 228 0.28 -20.04 -38.23
C PHE F 228 1.45 -20.80 -38.83
N GLY F 229 1.79 -20.44 -40.07
CA GLY F 229 2.83 -21.14 -40.81
C GLY F 229 4.23 -21.11 -40.23
N SER F 230 4.67 -19.95 -39.75
CA SER F 230 6.04 -19.78 -39.27
C SER F 230 6.05 -19.45 -37.80
N GLY F 231 7.26 -19.31 -37.24
CA GLY F 231 7.40 -18.91 -35.85
C GLY F 231 7.86 -20.01 -34.90
N ILE F 232 8.80 -19.65 -34.01
CA ILE F 232 9.28 -20.53 -32.97
C ILE F 232 8.26 -20.63 -31.84
N HIS F 233 8.49 -21.58 -30.94
CA HIS F 233 7.75 -21.71 -29.69
C HIS F 233 7.81 -20.44 -28.83
N GLY F 234 6.73 -20.19 -28.08
CA GLY F 234 6.73 -19.12 -27.09
C GLY F 234 6.81 -17.71 -27.66
N LEU F 235 6.06 -17.46 -28.72
CA LEU F 235 5.99 -16.15 -29.33
C LEU F 235 5.35 -15.11 -28.38
N ALA F 236 4.58 -15.61 -27.41
CA ALA F 236 3.77 -14.77 -26.53
C ALA F 236 2.87 -13.87 -27.38
N LEU F 237 3.16 -12.56 -27.36
CA LEU F 237 2.42 -11.60 -28.17
C LEU F 237 2.98 -11.48 -29.56
N ALA F 238 4.13 -12.13 -29.79
CA ALA F 238 4.80 -12.18 -31.10
C ALA F 238 5.20 -10.82 -31.64
N ASN F 239 5.41 -9.86 -30.73
CA ASN F 239 5.77 -8.53 -31.17
C ASN F 239 6.83 -7.92 -30.25
N HIS F 240 7.12 -6.64 -30.46
CA HIS F 240 8.20 -6.00 -29.73
C HIS F 240 8.03 -6.01 -28.21
N VAL F 241 6.79 -6.06 -27.74
CA VAL F 241 6.56 -6.04 -26.30
C VAL F 241 7.16 -7.28 -25.62
N THR F 242 6.92 -8.44 -26.20
CA THR F 242 7.44 -9.68 -25.60
C THR F 242 8.72 -10.19 -26.24
N GLN F 243 9.26 -9.44 -27.20
CA GLN F 243 10.50 -9.80 -27.86
C GLN F 243 11.68 -9.77 -26.90
N LYS F 244 12.37 -10.91 -26.74
CA LYS F 244 13.66 -10.90 -26.05
C LYS F 244 14.62 -9.96 -26.80
N PRO F 245 15.22 -8.99 -26.07
CA PRO F 245 16.03 -7.92 -26.69
C PRO F 245 17.09 -8.43 -27.67
N GLY F 246 16.97 -8.01 -28.93
CA GLY F 246 17.92 -8.37 -29.97
C GLY F 246 17.63 -9.70 -30.66
N LYS F 247 16.59 -10.39 -30.21
CA LYS F 247 16.23 -11.70 -30.76
C LYS F 247 15.05 -11.61 -31.73
N ASP F 248 15.36 -11.40 -33.01
CA ASP F 248 14.32 -11.29 -34.04
C ASP F 248 13.37 -12.47 -34.11
N LYS F 249 13.84 -13.67 -33.77
CA LYS F 249 13.01 -14.88 -33.85
C LYS F 249 11.75 -14.81 -32.97
N TYR F 250 11.68 -13.83 -32.09
CA TYR F 250 10.49 -13.59 -31.28
C TYR F 250 9.46 -12.68 -31.96
N LEU F 251 9.86 -12.09 -33.10
CA LEU F 251 8.95 -11.29 -33.90
C LEU F 251 8.29 -12.14 -35.00
N ASN F 252 6.96 -12.13 -35.06
CA ASN F 252 6.20 -12.80 -36.12
C ASN F 252 4.89 -12.06 -36.34
N ASP F 253 4.86 -11.18 -37.35
CA ASP F 253 3.72 -10.31 -37.56
C ASP F 253 2.44 -11.10 -37.87
N GLN F 254 2.55 -12.25 -38.53
CA GLN F 254 1.38 -13.08 -38.80
C GLN F 254 0.76 -13.61 -37.50
N ALA F 255 1.58 -14.22 -36.64
CA ALA F 255 1.07 -14.67 -35.34
C ALA F 255 0.57 -13.51 -34.43
N ALA F 256 1.09 -12.30 -34.63
CA ALA F 256 0.76 -11.18 -33.76
C ALA F 256 -0.73 -10.77 -33.81
N ILE F 257 -1.47 -11.22 -34.81
CA ILE F 257 -2.90 -10.98 -34.81
C ILE F 257 -3.70 -11.83 -33.82
N TRP F 258 -3.08 -12.80 -33.16
CA TRP F 258 -3.90 -13.70 -32.35
C TRP F 258 -4.79 -13.04 -31.25
N PRO F 259 -4.28 -11.99 -30.54
CA PRO F 259 -5.16 -11.40 -29.52
C PRO F 259 -6.42 -10.81 -30.13
N GLN F 260 -6.31 -10.18 -31.30
CA GLN F 260 -7.49 -9.69 -32.01
C GLN F 260 -8.42 -10.84 -32.40
N LEU F 261 -7.86 -11.92 -32.93
CA LEU F 261 -8.65 -13.09 -33.29
C LEU F 261 -9.34 -13.66 -32.03
N ALA F 262 -8.58 -13.76 -30.96
CA ALA F 262 -9.08 -14.22 -29.67
C ALA F 262 -10.24 -13.38 -29.13
N LEU F 263 -10.06 -12.06 -29.14
CA LEU F 263 -11.07 -11.15 -28.61
C LEU F 263 -12.35 -11.18 -29.43
N ARG F 264 -12.20 -11.14 -30.74
CA ARG F 264 -13.34 -11.26 -31.64
C ARG F 264 -14.07 -12.60 -31.42
N TRP F 265 -13.31 -13.67 -31.23
CA TRP F 265 -13.91 -14.97 -30.95
C TRP F 265 -14.68 -14.96 -29.62
N LEU F 266 -14.10 -14.34 -28.59
CA LEU F 266 -14.84 -14.19 -27.34
C LEU F 266 -16.15 -13.39 -27.50
N GLN F 267 -16.15 -12.38 -28.37
CA GLN F 267 -17.37 -11.61 -28.61
C GLN F 267 -18.46 -12.47 -29.26
N GLU F 268 -18.06 -13.22 -30.28
CA GLU F 268 -18.92 -14.15 -30.99
C GLU F 268 -19.57 -15.12 -30.00
N GLN F 269 -18.79 -15.58 -29.03
CA GLN F 269 -19.28 -16.53 -28.04
C GLN F 269 -20.11 -15.85 -26.97
N GLY F 270 -20.41 -14.56 -27.15
CA GLY F 270 -21.19 -13.81 -26.17
C GLY F 270 -20.46 -13.60 -24.84
N LEU F 271 -19.15 -13.84 -24.83
CA LEU F 271 -18.38 -13.72 -23.61
C LEU F 271 -17.57 -12.43 -23.50
N LEU F 272 -17.95 -11.39 -24.24
CA LEU F 272 -17.25 -10.10 -24.21
C LEU F 272 -18.13 -9.13 -24.96
N ALA F 273 -18.33 -7.93 -24.42
CA ALA F 273 -19.23 -6.97 -25.07
C ALA F 273 -18.82 -6.72 -26.52
N GLY F 274 -19.80 -6.50 -27.39
CA GLY F 274 -19.53 -6.26 -28.80
C GLY F 274 -19.64 -4.79 -29.14
N ASN F 275 -18.84 -4.33 -30.09
CA ASN F 275 -18.84 -2.92 -30.47
C ASN F 275 -19.25 -2.65 -31.93
N TYR F 276 -20.31 -3.12 -32.38
C ACT G . -15.25 17.75 -23.44
O ACT G . -14.01 17.70 -23.31
OXT ACT G . -15.68 18.77 -24.01
CH3 ACT G . -16.14 16.65 -22.94
S SO4 H . -24.68 11.20 -23.08
O1 SO4 H . -24.58 11.47 -21.65
O2 SO4 H . -26.07 11.33 -23.52
O3 SO4 H . -24.25 9.84 -23.36
O4 SO4 H . -23.84 12.14 -23.81
CAA QY9 I . 10.88 13.37 -7.49
OAB QY9 I . 9.16 13.67 -5.90
CAC QY9 I . 10.85 8.32 -5.12
CAD QY9 I . 9.81 9.03 -5.68
CAE QY9 I . 11.93 8.99 -4.54
CAF QY9 I . 9.84 10.41 -5.67
CAG QY9 I . 11.94 10.38 -4.54
OAH QY9 I . 10.94 12.50 -5.09
CAI QY9 I . 10.23 13.14 -6.13
CAJ QY9 I . 10.90 11.10 -5.09
N CCN J . -20.70 15.99 -31.50
C1 CCN J . -21.70 15.63 -31.13
C2 CCN J . -23.05 15.14 -30.63
N CCN K . -9.07 8.54 -8.47
C1 CCN K . -9.13 9.65 -8.74
C2 CCN K . -9.22 11.11 -9.12
N CCN L . -10.73 15.03 -11.47
C1 CCN L . -11.81 15.14 -11.80
C2 CCN L . -13.25 15.30 -12.25
C ACT M . 18.15 -17.64 21.01
O ACT M . 18.46 -18.66 20.35
OXT ACT M . 18.82 -16.62 20.77
CH3 ACT M . 17.05 -17.63 22.03
S SO4 N . 16.80 -10.64 29.99
O1 SO4 N . 17.65 -10.55 31.18
O2 SO4 N . 15.41 -10.43 30.37
O3 SO4 N . 16.97 -11.93 29.32
O4 SO4 N . 17.18 -9.58 29.06
CAA QY9 O . 6.33 -11.32 13.98
OAB QY9 O . 8.17 -11.46 12.49
CAC QY9 O . 5.82 -6.89 10.92
CAD QY9 O . 7.03 -7.53 10.64
CAE QY9 O . 4.75 -7.61 11.39
CAF QY9 O . 7.14 -8.89 10.83
CAG QY9 O . 4.86 -8.98 11.58
OAH QY9 O . 6.17 -11.00 11.49
CAI QY9 O . 6.96 -11.35 12.61
CAJ QY9 O . 6.05 -9.62 11.30
N CCN P . 24.71 -16.52 27.73
C1 CCN P . 24.49 -15.96 28.69
C2 CCN P . 24.20 -15.21 29.97
N CCN Q . 7.77 -14.66 14.02
C1 CCN Q . 7.77 -14.86 15.14
C2 CCN Q . 7.76 -15.14 16.62
C ACT R . -24.35 -20.58 8.85
O ACT R . -24.95 -21.67 8.91
OXT ACT R . -23.27 -20.53 9.48
CH3 ACT R . -24.89 -19.42 8.07
S SO4 S . 0.32 -12.60 1.57
O1 SO4 S . 0.76 -12.76 2.95
O2 SO4 S . -1.06 -13.09 1.40
O3 SO4 S . 1.26 -13.27 0.67
O4 SO4 S . 0.32 -11.17 1.24
S SO4 T . -9.32 -0.40 33.05
O1 SO4 T . -10.22 0.57 33.67
O2 SO4 T . -10.11 -1.54 32.58
O3 SO4 T . -8.34 -0.84 34.04
O4 SO4 T . -8.61 0.20 31.92
CAA QY9 U . -13.76 -13.95 3.83
OAB QY9 U . -12.63 -11.86 3.82
CAC QY9 U . -10.73 -9.57 0.22
CAD QY9 U . -12.06 -9.49 0.60
CAE QY9 U . -10.04 -10.75 0.35
CAF QY9 U . -12.69 -10.60 1.13
CAG QY9 U . -10.65 -11.87 0.87
OAH QY9 U . -12.61 -12.92 1.80
CAI QY9 U . -12.96 -12.83 3.16
CAJ QY9 U . -11.98 -11.80 1.27
N CCN V . -34.00 -19.87 10.65
C1 CCN V . -34.66 -19.58 9.78
C2 CCN V . -35.54 -19.19 8.61
C ACT W . -11.59 23.47 20.36
O ACT W . -11.64 24.65 20.80
OXT ACT W . -12.09 23.28 19.24
CH3 ACT W . -10.96 22.37 21.16
S SO4 X . -7.25 18.58 29.77
O1 SO4 X . -6.83 19.18 31.02
O2 SO4 X . -7.81 17.27 30.05
O3 SO4 X . -6.10 18.44 28.87
O4 SO4 X . -8.27 19.42 29.14
S SO4 Y . -33.83 3.61 2.29
O1 SO4 Y . -33.21 4.75 2.98
O2 SO4 Y . -34.71 2.92 3.24
O3 SO4 Y . -32.78 2.70 1.84
O4 SO4 Y . -34.59 4.07 1.15
N CCN Z . -3.37 17.87 11.39
C1 CCN Z . -3.26 18.24 12.47
C2 CCN Z . -3.12 18.71 13.90
N CCN AA . -15.57 23.57 29.41
C1 CCN AA . -14.99 23.42 30.38
C2 CCN AA . -14.21 23.26 31.66
C ACT BA . 25.10 20.61 -4.89
O ACT BA . 25.94 19.83 -4.39
OXT ACT BA . 24.58 21.45 -4.09
CH3 ACT BA . 24.76 20.50 -6.34
S SO4 CA . -0.25 12.83 -1.62
O1 SO4 CA . -0.32 12.56 -0.18
O2 SO4 CA . -1.40 12.30 -2.33
O3 SO4 CA . 1.00 12.33 -2.18
O4 SO4 CA . -0.27 14.27 -1.78
S SO4 DA . 30.44 14.39 -11.92
O1 SO4 DA . 30.15 15.48 -10.99
O2 SO4 DA . 29.21 14.00 -12.58
O3 SO4 DA . 30.99 13.26 -11.20
O4 SO4 DA . 31.43 14.83 -12.90
CAA QY9 EA . -1.11 15.34 11.02
OAB QY9 EA . -1.65 15.20 8.71
CAC QY9 EA . -1.79 9.89 10.96
CAD QY9 EA . -1.62 10.37 9.69
CAE QY9 EA . -2.33 10.70 11.96
CAF QY9 EA . -1.98 11.68 9.39
CAG QY9 EA . -2.69 12.00 11.65
OAH QY9 EA . -2.88 13.81 10.05
CAI QY9 EA . -1.82 14.72 9.83
CAJ QY9 EA . -2.51 12.49 10.37
N CCN FA . 34.60 20.75 -5.26
C1 CCN FA . 34.94 20.27 -6.23
C2 CCN FA . 35.39 19.65 -7.52
C ACT GA . 7.61 -23.12 -21.86
O ACT GA . 6.86 -24.05 -21.48
OXT ACT GA . 7.04 -22.14 -22.37
CH3 ACT GA . 9.09 -23.14 -21.71
CAA QY9 HA . 6.46 -15.11 -6.71
OAB QY9 HA . 7.99 -14.64 -8.47
CAC QY9 HA . 6.69 -9.67 -9.01
CAD QY9 HA . 6.82 -10.46 -10.14
CAE QY9 HA . 6.30 -10.22 -7.80
CAF QY9 HA . 6.56 -11.82 -10.07
CAG QY9 HA . 6.04 -11.58 -7.73
OAH QY9 HA . 5.90 -13.76 -8.79
CAI QY9 HA . 6.85 -14.50 -8.05
CAJ QY9 HA . 6.16 -12.37 -8.86
N CCN IA . 10.35 -24.00 -31.44
C1 CCN IA . 11.41 -23.57 -31.38
C2 CCN IA . 12.81 -23.00 -31.30
N CCN JA . 7.17 -17.48 -10.26
C1 CCN JA . 8.06 -17.90 -10.86
C2 CCN JA . 9.24 -18.46 -11.63
N CCN KA . 3.05 -19.30 -5.69
C1 CCN KA . 3.78 -18.73 -5.01
C2 CCN KA . 4.75 -17.99 -4.10
#